data_1LVU
#
_entry.id   1LVU
#
_cell.length_a   79.014
_cell.length_b   132.625
_cell.length_c   177.528
_cell.angle_alpha   90.00
_cell.angle_beta   90.00
_cell.angle_gamma   90.00
#
_symmetry.space_group_name_H-M   'P 21 21 21'
#
loop_
_entity.id
_entity.type
_entity.pdbx_description
1 polymer 'Purine nucleoside phosphorylase'
2 non-polymer 'CALCIUM ION'
3 non-polymer 2,6-DIAMINO-(S)-9-[2-(PHOSPHONOMETHOXY)PROPYL]PURINE
4 water water
#
_entity_poly.entity_id   1
_entity_poly.type   'polypeptide(L)'
_entity_poly.pdbx_seq_one_letter_code
;MQNGYTYEDYQDTAKWLLSHTEQRPQVAVICGSGLGGLVNKLTQAQTFDYSEIPNFPESTVPGHAGRLVFGILNGRACVM
MQGRFHMYEGYPFWKVTFPVRVFRLLGVETLVVTNAAGGLNPNFEVGDIMLIRDHINLPGFSGQNPLRGPNEERFGVRFP
AMSDAYDRDMRQKAHSTWKQMGEQRELQEGTYVMLGGPNFETVAECRLLRNLGADAVGMSTVPEVIVARHCGLRVFGFSL
ITNKVIMDYESQGKANHEEVLEAGKQAAQKLEQFVSLLMASIPVSGHTG
;
_entity_poly.pdbx_strand_id   A,B,C,D,E,F
#
loop_
_chem_comp.id
_chem_comp.type
_chem_comp.name
_chem_comp.formula
9PP non-polymer 2,6-DIAMINO-(S)-9-[2-(PHOSPHONOMETHOXY)PROPYL]PURINE 'C9 H13 N6 O4 P -2'
CA non-polymer 'CALCIUM ION' 'Ca 2'
#
# COMPACT_ATOMS: atom_id res chain seq x y z
N GLN A 2 9.77 -2.50 8.31
CA GLN A 2 11.13 -2.00 8.67
C GLN A 2 11.08 -0.62 9.32
N ASN A 3 10.05 -0.41 10.13
CA ASN A 3 9.83 0.87 10.83
C ASN A 3 9.53 1.97 9.82
N GLY A 4 8.23 2.23 9.60
CA GLY A 4 8.02 3.72 9.11
C GLY A 4 8.55 5.10 9.43
N TYR A 5 9.16 5.26 10.61
CA TYR A 5 9.71 6.55 11.02
C TYR A 5 11.19 6.65 10.66
N THR A 6 11.65 7.85 10.36
CA THR A 6 13.07 8.05 10.06
C THR A 6 13.63 8.75 11.29
N TYR A 7 14.94 8.68 11.48
CA TYR A 7 15.57 9.30 12.64
C TYR A 7 15.10 10.73 12.89
N GLU A 8 15.06 11.53 11.84
CA GLU A 8 14.64 12.92 11.99
C GLU A 8 13.20 13.11 12.46
N ASP A 9 12.36 12.09 12.25
CA ASP A 9 10.97 12.18 12.72
C ASP A 9 10.99 12.24 14.24
N TYR A 10 11.81 11.37 14.84
CA TYR A 10 11.94 11.34 16.30
C TYR A 10 12.50 12.67 16.77
N GLN A 11 13.51 13.19 16.09
CA GLN A 11 14.11 14.46 16.47
C GLN A 11 13.09 15.59 16.44
N ASP A 12 12.29 15.65 15.38
CA ASP A 12 11.26 16.68 15.27
C ASP A 12 10.33 16.67 16.48
N THR A 13 9.81 15.50 16.80
CA THR A 13 8.90 15.36 17.93
C THR A 13 9.57 15.79 19.23
N ALA A 14 10.79 15.33 19.45
CA ALA A 14 11.53 15.69 20.65
C ALA A 14 11.72 17.21 20.74
N LYS A 15 12.07 17.83 19.62
CA LYS A 15 12.27 19.27 19.58
C LYS A 15 10.96 20.01 19.88
N TRP A 16 9.88 19.53 19.30
CA TRP A 16 8.58 20.14 19.53
C TRP A 16 8.30 20.16 21.02
N LEU A 17 8.45 19.01 21.66
CA LEU A 17 8.22 18.88 23.09
C LEU A 17 9.16 19.75 23.90
N LEU A 18 10.44 19.75 23.54
CA LEU A 18 11.43 20.53 24.26
C LEU A 18 11.19 22.04 24.16
N SER A 19 10.49 22.47 23.12
CA SER A 19 10.22 23.90 22.94
C SER A 19 8.83 24.30 23.44
N HIS A 20 8.02 23.32 23.80
CA HIS A 20 6.68 23.62 24.31
C HIS A 20 6.58 23.44 25.82
N THR A 21 7.67 22.97 26.43
CA THR A 21 7.72 22.80 27.88
C THR A 21 9.16 23.00 28.32
N GLU A 22 9.33 23.51 29.54
CA GLU A 22 10.65 23.75 30.08
C GLU A 22 11.11 22.57 30.92
N GLN A 23 10.19 21.71 31.30
CA GLN A 23 10.55 20.56 32.12
C GLN A 23 11.49 19.62 31.37
N ARG A 24 12.41 19.00 32.10
CA ARG A 24 13.39 18.10 31.51
C ARG A 24 13.43 16.79 32.30
N PRO A 25 12.46 15.89 32.06
CA PRO A 25 12.33 14.60 32.74
C PRO A 25 13.54 13.68 32.59
N GLN A 26 13.84 12.96 33.67
CA GLN A 26 14.96 12.03 33.71
C GLN A 26 14.39 10.61 33.68
N VAL A 27 13.09 10.51 33.94
CA VAL A 27 12.41 9.23 33.95
C VAL A 27 11.08 9.32 33.20
N ALA A 28 10.67 8.20 32.60
CA ALA A 28 9.43 8.14 31.86
C ALA A 28 8.63 6.96 32.39
N VAL A 29 7.33 7.13 32.50
CA VAL A 29 6.45 6.09 33.00
C VAL A 29 5.31 5.83 32.01
N ILE A 30 5.11 4.57 31.65
CA ILE A 30 4.02 4.21 30.76
C ILE A 30 2.96 3.57 31.64
N CYS A 31 1.83 4.24 31.80
CA CYS A 31 0.75 3.74 32.65
C CYS A 31 -0.13 2.70 31.98
N GLY A 32 -0.26 1.55 32.63
CA GLY A 32 -1.07 0.48 32.10
C GLY A 32 -2.56 0.73 32.24
N SER A 33 -3.34 -0.34 32.08
CA SER A 33 -4.79 -0.25 32.18
C SER A 33 -5.25 0.02 33.61
N GLY A 34 -6.02 1.09 33.78
CA GLY A 34 -6.51 1.44 35.10
C GLY A 34 -5.47 2.08 35.99
N LEU A 35 -4.32 2.43 35.43
CA LEU A 35 -3.26 3.06 36.21
C LEU A 35 -2.98 4.48 35.73
N GLY A 36 -3.89 5.02 34.93
CA GLY A 36 -3.72 6.37 34.44
C GLY A 36 -3.80 7.37 35.57
N GLY A 37 -4.44 6.97 36.66
CA GLY A 37 -4.59 7.86 37.81
C GLY A 37 -3.27 8.31 38.40
N LEU A 38 -2.18 7.73 37.93
CA LEU A 38 -0.85 8.08 38.41
C LEU A 38 -0.50 9.50 37.96
N VAL A 39 -1.05 9.92 36.83
CA VAL A 39 -0.79 11.25 36.30
C VAL A 39 -1.16 12.30 37.34
N ASN A 40 -2.15 12.00 38.16
CA ASN A 40 -2.55 12.92 39.21
C ASN A 40 -1.44 12.79 40.25
N LYS A 41 -1.65 13.30 41.46
CA LYS A 41 -0.62 13.23 42.49
C LYS A 41 0.73 13.62 41.90
N LEU A 42 0.68 14.35 40.80
CA LEU A 42 1.87 14.83 40.10
C LEU A 42 1.80 16.35 40.25
N THR A 43 2.91 16.98 40.60
CA THR A 43 2.90 18.43 40.78
C THR A 43 3.49 19.17 39.57
N GLN A 44 3.08 20.42 39.40
CA GLN A 44 3.55 21.25 38.30
C GLN A 44 3.44 20.52 36.96
N ALA A 45 2.29 19.90 36.76
CA ALA A 45 2.02 19.13 35.55
C ALA A 45 1.61 19.93 34.33
N GLN A 46 2.18 19.57 33.18
CA GLN A 46 1.88 20.20 31.90
C GLN A 46 1.50 19.04 31.01
N THR A 47 0.30 19.08 30.45
CA THR A 47 -0.15 17.97 29.61
C THR A 47 -0.32 18.33 28.14
N PHE A 48 -0.09 17.34 27.29
CA PHE A 48 -0.23 17.46 25.85
C PHE A 48 -1.03 16.27 25.37
N ASP A 49 -2.03 16.51 24.52
CA ASP A 49 -2.81 15.39 23.99
C ASP A 49 -1.93 14.74 22.93
N TYR A 50 -1.97 13.41 22.85
CA TYR A 50 -1.17 12.68 21.87
C TYR A 50 -1.45 13.23 20.48
N SER A 51 -2.73 13.48 20.21
CA SER A 51 -3.19 13.97 18.92
C SER A 51 -2.52 15.25 18.43
N GLU A 52 -2.11 16.13 19.34
CA GLU A 52 -1.46 17.39 18.93
C GLU A 52 0.05 17.28 18.78
N ILE A 53 0.64 16.24 19.37
CA ILE A 53 2.09 16.05 19.29
C ILE A 53 2.49 15.50 17.93
N PRO A 54 3.39 16.19 17.23
CA PRO A 54 3.83 15.75 15.90
C PRO A 54 4.34 14.31 15.89
N ASN A 55 3.89 13.55 14.88
CA ASN A 55 4.28 12.15 14.67
C ASN A 55 3.74 11.13 15.68
N PHE A 56 3.15 11.61 16.76
CA PHE A 56 2.62 10.72 17.79
C PHE A 56 1.44 9.88 17.32
N PRO A 57 1.42 8.59 17.69
CA PRO A 57 0.28 7.77 17.27
C PRO A 57 -0.93 8.30 18.04
N GLU A 58 -2.13 8.10 17.52
CA GLU A 58 -3.32 8.57 18.21
C GLU A 58 -4.16 7.43 18.76
N SER A 59 -4.69 7.62 19.96
CA SER A 59 -5.51 6.62 20.62
C SER A 59 -6.66 6.13 19.74
N THR A 60 -7.05 4.88 19.93
CA THR A 60 -8.15 4.29 19.16
C THR A 60 -9.42 4.21 19.98
N VAL A 61 -9.29 3.84 21.24
CA VAL A 61 -10.44 3.73 22.14
C VAL A 61 -11.24 5.03 22.15
N PRO A 62 -12.51 4.97 21.71
CA PRO A 62 -13.39 6.14 21.66
C PRO A 62 -13.61 6.79 23.03
N GLY A 63 -13.53 8.12 23.06
CA GLY A 63 -13.73 8.86 24.30
C GLY A 63 -12.61 8.72 25.30
N HIS A 64 -11.46 8.23 24.88
CA HIS A 64 -10.32 8.06 25.78
C HIS A 64 -9.01 8.52 25.13
N ALA A 65 -9.04 9.69 24.50
CA ALA A 65 -7.86 10.24 23.85
C ALA A 65 -6.72 10.36 24.85
N GLY A 66 -5.60 9.70 24.54
CA GLY A 66 -4.45 9.72 25.42
C GLY A 66 -3.71 11.04 25.50
N ARG A 67 -2.84 11.16 26.50
CA ARG A 67 -2.07 12.39 26.69
C ARG A 67 -0.73 12.13 27.38
N LEU A 68 0.21 13.03 27.10
CA LEU A 68 1.56 12.96 27.65
C LEU A 68 1.65 14.04 28.72
N VAL A 69 2.05 13.65 29.93
CA VAL A 69 2.13 14.61 31.03
C VAL A 69 3.50 14.74 31.68
N PHE A 70 4.01 15.97 31.73
CA PHE A 70 5.30 16.24 32.35
C PHE A 70 5.03 16.80 33.76
N GLY A 71 5.88 16.42 34.70
CA GLY A 71 5.71 16.90 36.06
C GLY A 71 6.61 16.20 37.05
N ILE A 72 6.52 16.61 38.31
CA ILE A 72 7.30 16.04 39.39
C ILE A 72 6.44 15.01 40.11
N LEU A 73 6.95 13.79 40.28
CA LEU A 73 6.17 12.77 40.95
C LEU A 73 6.52 12.78 42.44
N ASN A 74 7.64 12.16 42.78
CA ASN A 74 8.09 12.12 44.18
C ASN A 74 9.49 12.70 44.23
N GLY A 75 9.60 13.97 43.87
CA GLY A 75 10.89 14.64 43.88
C GLY A 75 11.69 14.40 42.62
N ARG A 76 11.09 13.73 41.64
CA ARG A 76 11.80 13.45 40.40
C ARG A 76 11.00 13.95 39.19
N ALA A 77 11.71 14.51 38.22
CA ALA A 77 11.09 15.03 37.01
C ALA A 77 10.86 13.92 35.99
N CYS A 78 9.60 13.73 35.62
CA CYS A 78 9.30 12.70 34.65
C CYS A 78 8.21 13.08 33.68
N VAL A 79 8.01 12.22 32.69
CA VAL A 79 7.01 12.39 31.66
C VAL A 79 6.23 11.08 31.73
N MET A 80 4.91 11.17 31.69
CA MET A 80 4.07 9.99 31.75
C MET A 80 3.10 9.86 30.61
N MET A 81 2.88 8.62 30.18
CA MET A 81 1.95 8.32 29.11
C MET A 81 0.66 7.86 29.79
N GLN A 82 -0.42 8.59 29.57
CA GLN A 82 -1.70 8.20 30.13
C GLN A 82 -2.48 7.65 28.95
N GLY A 83 -2.46 6.32 28.85
CA GLY A 83 -3.11 5.63 27.75
C GLY A 83 -1.97 5.14 26.88
N ARG A 84 -2.14 3.97 26.26
CA ARG A 84 -1.08 3.45 25.41
C ARG A 84 -1.59 2.89 24.10
N PHE A 85 -0.69 2.28 23.33
CA PHE A 85 -1.03 1.71 22.04
C PHE A 85 -0.74 0.21 22.04
N HIS A 86 -1.62 -0.55 21.39
CA HIS A 86 -1.47 -2.01 21.34
C HIS A 86 -1.56 -2.52 19.91
N MET A 87 -0.87 -3.63 19.65
CA MET A 87 -0.90 -4.27 18.36
C MET A 87 -2.33 -4.68 18.00
N TYR A 88 -3.11 -5.14 18.97
CA TYR A 88 -4.47 -5.58 18.68
C TYR A 88 -5.37 -4.46 18.15
N GLU A 89 -4.98 -3.22 18.41
CA GLU A 89 -5.75 -2.08 17.93
C GLU A 89 -5.45 -1.79 16.47
N GLY A 90 -4.38 -2.38 15.95
CA GLY A 90 -4.01 -2.18 14.56
C GLY A 90 -2.70 -1.46 14.33
N TYR A 91 -2.04 -1.05 15.40
CA TYR A 91 -0.77 -0.34 15.27
C TYR A 91 0.40 -1.30 15.09
N PRO A 92 1.30 -1.02 14.13
CA PRO A 92 2.43 -1.92 13.99
C PRO A 92 3.32 -1.52 15.19
N PHE A 93 4.25 -2.39 15.59
CA PHE A 93 5.10 -2.08 16.74
C PHE A 93 5.94 -0.82 16.59
N TRP A 94 6.38 -0.49 15.38
CA TRP A 94 7.18 0.71 15.23
C TRP A 94 6.39 1.98 15.60
N LYS A 95 5.06 1.87 15.60
CA LYS A 95 4.24 3.00 16.02
C LYS A 95 3.99 2.91 17.53
N VAL A 96 3.66 1.70 18.01
CA VAL A 96 3.43 1.49 19.44
C VAL A 96 4.59 2.02 20.29
N THR A 97 5.81 1.76 19.85
CA THR A 97 7.01 2.16 20.59
C THR A 97 7.63 3.51 20.25
N PHE A 98 7.02 4.26 19.34
CA PHE A 98 7.55 5.56 18.95
C PHE A 98 7.95 6.45 20.13
N PRO A 99 7.06 6.59 21.12
CA PRO A 99 7.33 7.42 22.31
C PRO A 99 8.61 7.08 23.06
N VAL A 100 8.95 5.80 23.15
CA VAL A 100 10.15 5.38 23.87
C VAL A 100 11.41 6.03 23.31
N ARG A 101 11.56 6.02 21.99
CA ARG A 101 12.73 6.64 21.39
C ARG A 101 12.68 8.15 21.55
N VAL A 102 11.48 8.73 21.55
CA VAL A 102 11.36 10.17 21.74
C VAL A 102 11.86 10.51 23.15
N PHE A 103 11.45 9.70 24.13
CA PHE A 103 11.87 9.93 25.51
C PHE A 103 13.39 9.96 25.64
N ARG A 104 14.05 9.00 24.99
CA ARG A 104 15.51 8.94 25.00
C ARG A 104 16.06 10.27 24.47
N LEU A 105 15.47 10.78 23.39
CA LEU A 105 15.91 12.04 22.80
C LEU A 105 15.58 13.24 23.70
N LEU A 106 14.70 13.06 24.67
CA LEU A 106 14.36 14.14 25.59
C LEU A 106 15.36 14.20 26.74
N GLY A 107 16.08 13.10 26.94
CA GLY A 107 17.05 13.04 28.02
C GLY A 107 16.66 12.05 29.10
N VAL A 108 15.58 11.32 28.86
CA VAL A 108 15.12 10.33 29.83
C VAL A 108 16.17 9.23 29.92
N GLU A 109 16.41 8.73 31.14
CA GLU A 109 17.41 7.68 31.34
C GLU A 109 16.81 6.39 31.86
N THR A 110 15.63 6.47 32.47
CA THR A 110 14.96 5.30 33.03
C THR A 110 13.52 5.23 32.57
N LEU A 111 13.09 4.03 32.16
CA LEU A 111 11.73 3.83 31.72
C LEU A 111 11.02 2.88 32.66
N VAL A 112 9.89 3.32 33.20
CA VAL A 112 9.09 2.49 34.09
C VAL A 112 7.87 2.08 33.28
N VAL A 113 7.73 0.78 33.08
CA VAL A 113 6.60 0.26 32.34
C VAL A 113 5.66 -0.42 33.30
N THR A 114 4.37 -0.22 33.10
CA THR A 114 3.38 -0.83 33.96
C THR A 114 2.21 -1.33 33.12
N ASN A 115 1.53 -2.37 33.59
CA ASN A 115 0.38 -2.93 32.87
C ASN A 115 -0.52 -3.77 33.77
N ALA A 116 -1.68 -4.11 33.23
CA ALA A 116 -2.63 -4.98 33.94
C ALA A 116 -2.42 -6.29 33.21
N ALA A 117 -2.36 -7.39 33.94
CA ALA A 117 -2.12 -8.68 33.31
C ALA A 117 -2.92 -9.80 33.94
N GLY A 118 -3.05 -10.90 33.20
CA GLY A 118 -3.76 -12.05 33.70
C GLY A 118 -2.75 -12.93 34.42
N GLY A 119 -3.14 -13.50 35.54
CA GLY A 119 -2.22 -14.35 36.28
C GLY A 119 -2.18 -15.79 35.81
N LEU A 120 -0.98 -16.26 35.50
CA LEU A 120 -0.75 -17.64 35.07
C LEU A 120 -0.21 -18.41 36.27
N ASN A 121 0.68 -17.76 37.03
CA ASN A 121 1.25 -18.38 38.22
C ASN A 121 0.11 -18.56 39.22
N PRO A 122 -0.20 -19.82 39.58
CA PRO A 122 -1.28 -20.07 40.52
C PRO A 122 -1.08 -19.44 41.90
N ASN A 123 0.15 -19.03 42.19
CA ASN A 123 0.44 -18.41 43.48
C ASN A 123 -0.02 -16.96 43.52
N PHE A 124 -0.37 -16.41 42.35
CA PHE A 124 -0.83 -15.03 42.26
C PHE A 124 -2.31 -14.92 42.59
N GLU A 125 -2.69 -13.77 43.13
CA GLU A 125 -4.08 -13.50 43.48
C GLU A 125 -4.45 -12.13 42.90
N VAL A 126 -5.74 -11.94 42.63
CA VAL A 126 -6.21 -10.68 42.08
C VAL A 126 -5.81 -9.52 42.98
N GLY A 127 -5.17 -8.51 42.40
CA GLY A 127 -4.74 -7.36 43.17
C GLY A 127 -3.25 -7.40 43.43
N ASP A 128 -2.63 -8.55 43.18
CA ASP A 128 -1.19 -8.68 43.38
C ASP A 128 -0.42 -7.79 42.42
N ILE A 129 0.77 -7.40 42.84
CA ILE A 129 1.63 -6.58 42.01
C ILE A 129 2.81 -7.48 41.69
N MET A 130 3.08 -7.67 40.40
CA MET A 130 4.19 -8.51 40.00
C MET A 130 5.33 -7.74 39.36
N LEU A 131 6.48 -7.78 40.02
CA LEU A 131 7.67 -7.13 39.49
C LEU A 131 8.05 -7.93 38.25
N ILE A 132 8.31 -7.26 37.13
CA ILE A 132 8.69 -7.98 35.93
C ILE A 132 10.17 -8.29 35.98
N ARG A 133 10.50 -9.58 35.98
CA ARG A 133 11.89 -10.03 36.04
C ARG A 133 12.42 -10.43 34.67
N ASP A 134 11.51 -10.80 33.78
CA ASP A 134 11.89 -11.22 32.45
C ASP A 134 10.63 -11.27 31.59
N HIS A 135 10.78 -11.58 30.31
CA HIS A 135 9.60 -11.67 29.46
C HIS A 135 9.79 -12.67 28.33
N ILE A 136 8.67 -13.05 27.71
CA ILE A 136 8.69 -13.95 26.57
C ILE A 136 7.96 -13.17 25.46
N ASN A 137 8.65 -12.94 24.35
CA ASN A 137 8.07 -12.19 23.24
C ASN A 137 7.57 -13.10 22.12
N LEU A 138 6.33 -13.55 22.23
CA LEU A 138 5.77 -14.44 21.22
C LEU A 138 5.67 -13.81 19.83
N PRO A 139 5.19 -12.57 19.73
CA PRO A 139 5.10 -11.96 18.40
C PRO A 139 6.51 -11.89 17.80
N GLY A 140 7.50 -11.73 18.67
CA GLY A 140 8.88 -11.65 18.23
C GLY A 140 9.37 -12.93 17.61
N PHE A 141 8.83 -14.07 18.03
CA PHE A 141 9.29 -15.33 17.45
C PHE A 141 8.99 -15.39 15.96
N SER A 142 7.97 -14.65 15.51
CA SER A 142 7.60 -14.66 14.09
C SER A 142 8.05 -13.42 13.31
N GLY A 143 8.93 -12.62 13.91
CA GLY A 143 9.41 -11.44 13.21
C GLY A 143 8.71 -10.11 13.47
N GLN A 144 7.58 -10.13 14.19
CA GLN A 144 6.85 -8.91 14.52
C GLN A 144 7.66 -8.24 15.63
N ASN A 145 8.54 -7.33 15.24
CA ASN A 145 9.43 -6.68 16.19
C ASN A 145 9.64 -5.20 15.86
N PRO A 146 9.58 -4.32 16.87
CA PRO A 146 9.77 -2.89 16.64
C PRO A 146 11.12 -2.56 15.99
N LEU A 147 12.09 -3.46 16.13
CA LEU A 147 13.42 -3.25 15.57
C LEU A 147 13.58 -3.77 14.14
N ARG A 148 12.53 -4.37 13.59
CA ARG A 148 12.61 -4.91 12.24
C ARG A 148 12.90 -3.81 11.23
N GLY A 149 13.85 -4.08 10.33
CA GLY A 149 14.23 -3.12 9.32
C GLY A 149 15.70 -2.77 9.46
N PRO A 150 16.24 -1.86 8.62
CA PRO A 150 17.66 -1.54 8.79
C PRO A 150 17.87 -0.92 10.16
N ASN A 151 19.00 -1.22 10.78
CA ASN A 151 19.29 -0.67 12.11
C ASN A 151 19.74 0.78 12.09
N GLU A 152 19.23 1.56 13.05
CA GLU A 152 19.62 2.96 13.16
C GLU A 152 20.64 3.02 14.30
N GLU A 153 21.91 3.09 13.94
CA GLU A 153 22.99 3.12 14.92
C GLU A 153 22.93 4.29 15.91
N ARG A 154 22.32 5.39 15.50
CA ARG A 154 22.23 6.54 16.40
C ARG A 154 21.40 6.20 17.63
N PHE A 155 20.67 5.08 17.56
CA PHE A 155 19.86 4.63 18.69
C PHE A 155 20.56 3.46 19.39
N GLY A 156 20.91 2.43 18.62
CA GLY A 156 21.54 1.27 19.21
C GLY A 156 22.18 0.33 18.20
N VAL A 157 22.63 -0.82 18.67
CA VAL A 157 23.29 -1.80 17.82
C VAL A 157 22.31 -2.72 17.08
N ARG A 158 22.83 -3.41 16.08
CA ARG A 158 22.02 -4.31 15.28
C ARG A 158 21.36 -5.44 16.08
N PHE A 159 22.15 -6.14 16.90
CA PHE A 159 21.65 -7.26 17.69
C PHE A 159 21.71 -6.99 19.19
N PRO A 160 20.77 -6.21 19.72
CA PRO A 160 20.77 -5.90 21.16
C PRO A 160 20.42 -7.09 22.04
N ALA A 161 21.15 -7.24 23.15
CA ALA A 161 20.90 -8.31 24.09
C ALA A 161 19.63 -7.94 24.86
N MET A 162 18.88 -8.95 25.30
CA MET A 162 17.66 -8.70 26.02
C MET A 162 17.62 -9.44 27.35
N SER A 163 18.61 -10.30 27.58
CA SER A 163 18.67 -11.09 28.82
C SER A 163 18.79 -10.24 30.10
N ASP A 164 19.29 -9.02 29.97
CA ASP A 164 19.43 -8.15 31.14
C ASP A 164 18.53 -6.93 31.03
N ALA A 165 17.36 -7.12 30.41
CA ALA A 165 16.40 -6.05 30.18
C ALA A 165 15.86 -5.37 31.43
N TYR A 166 15.44 -6.15 32.40
CA TYR A 166 14.88 -5.62 33.63
C TYR A 166 15.94 -5.45 34.72
N ASP A 167 16.42 -4.21 34.83
CA ASP A 167 17.46 -3.81 35.77
C ASP A 167 17.49 -4.54 37.12
N ARG A 168 18.58 -5.24 37.39
CA ARG A 168 18.75 -5.98 38.65
C ARG A 168 18.62 -5.07 39.87
N ASP A 169 19.38 -3.98 39.88
CA ASP A 169 19.35 -3.05 41.01
C ASP A 169 17.97 -2.52 41.35
N MET A 170 17.23 -2.05 40.36
CA MET A 170 15.89 -1.53 40.61
C MET A 170 14.99 -2.61 41.19
N ARG A 171 15.18 -3.83 40.73
CA ARG A 171 14.37 -4.96 41.22
C ARG A 171 14.70 -5.24 42.69
N GLN A 172 15.98 -5.10 43.05
CA GLN A 172 16.38 -5.32 44.43
C GLN A 172 15.84 -4.18 45.28
N LYS A 173 15.87 -2.97 44.72
CA LYS A 173 15.37 -1.79 45.41
C LYS A 173 13.85 -1.90 45.61
N ALA A 174 13.17 -2.49 44.63
CA ALA A 174 11.72 -2.66 44.70
C ALA A 174 11.33 -3.59 45.85
N HIS A 175 12.08 -4.68 46.02
CA HIS A 175 11.82 -5.63 47.08
C HIS A 175 12.10 -5.03 48.45
N SER A 176 13.14 -4.20 48.54
CA SER A 176 13.51 -3.57 49.80
C SER A 176 12.55 -2.44 50.18
N THR A 177 12.04 -1.73 49.19
CA THR A 177 11.12 -0.62 49.42
C THR A 177 9.71 -1.13 49.72
N TRP A 178 9.35 -2.27 49.16
CA TRP A 178 8.03 -2.84 49.37
C TRP A 178 7.69 -2.95 50.85
N LYS A 179 8.72 -3.06 51.68
CA LYS A 179 8.54 -3.16 53.13
C LYS A 179 7.69 -2.01 53.66
N GLN A 180 8.10 -0.78 53.37
CA GLN A 180 7.38 0.40 53.84
C GLN A 180 6.02 0.60 53.18
N MET A 181 5.58 -0.35 52.38
CA MET A 181 4.28 -0.26 51.73
C MET A 181 3.20 -0.69 52.72
N GLY A 182 3.64 -1.25 53.85
CA GLY A 182 2.69 -1.71 54.86
C GLY A 182 1.75 -2.76 54.34
N GLU A 183 2.17 -3.46 53.30
CA GLU A 183 1.34 -4.51 52.71
C GLU A 183 1.62 -5.84 53.36
N GLN A 184 0.57 -6.58 53.68
CA GLN A 184 0.73 -7.88 54.32
C GLN A 184 0.88 -8.91 53.19
N ARG A 185 0.66 -8.45 51.96
CA ARG A 185 0.78 -9.30 50.79
C ARG A 185 2.20 -9.17 50.25
N GLU A 186 2.80 -10.29 49.85
CA GLU A 186 4.15 -10.27 49.32
C GLU A 186 4.23 -9.63 47.94
N LEU A 187 5.37 -9.03 47.63
CA LEU A 187 5.57 -8.40 46.34
C LEU A 187 5.98 -9.48 45.36
N GLN A 188 5.04 -9.87 44.49
CA GLN A 188 5.29 -10.91 43.51
C GLN A 188 6.38 -10.54 42.53
N GLU A 189 6.86 -11.53 41.79
CA GLU A 189 7.92 -11.34 40.81
C GLU A 189 7.80 -12.44 39.75
N GLY A 190 8.03 -12.11 38.49
CA GLY A 190 7.90 -13.13 37.47
C GLY A 190 8.15 -12.75 36.02
N THR A 191 7.85 -13.70 35.14
CA THR A 191 8.03 -13.54 33.71
C THR A 191 6.72 -13.16 33.03
N TYR A 192 6.76 -12.07 32.27
CA TYR A 192 5.60 -11.59 31.56
C TYR A 192 5.65 -12.08 30.12
N VAL A 193 4.56 -12.71 29.66
CA VAL A 193 4.52 -13.18 28.29
C VAL A 193 3.52 -12.35 27.51
N MET A 194 3.94 -11.88 26.34
CA MET A 194 3.07 -11.06 25.53
C MET A 194 2.58 -11.79 24.28
N LEU A 195 1.28 -11.66 24.02
CA LEU A 195 0.68 -12.23 22.82
C LEU A 195 -0.20 -11.15 22.20
N GLY A 196 -0.62 -11.38 20.96
CA GLY A 196 -1.41 -10.40 20.23
C GLY A 196 -2.72 -9.87 20.76
N GLY A 197 -3.66 -10.75 21.11
CA GLY A 197 -4.95 -10.29 21.55
C GLY A 197 -5.74 -10.01 20.29
N PRO A 198 -6.93 -9.41 20.37
CA PRO A 198 -7.65 -8.94 21.56
C PRO A 198 -8.46 -9.96 22.38
N ASN A 199 -8.69 -11.15 21.85
CA ASN A 199 -9.45 -12.14 22.60
C ASN A 199 -8.61 -12.69 23.75
N PHE A 200 -9.28 -13.14 24.81
CA PHE A 200 -8.58 -13.74 25.95
C PHE A 200 -8.34 -15.21 25.65
N GLU A 201 -7.40 -15.80 26.38
CA GLU A 201 -6.98 -17.19 26.18
C GLU A 201 -7.98 -18.31 26.41
N THR A 202 -7.80 -19.40 25.66
CA THR A 202 -8.63 -20.59 25.84
C THR A 202 -7.92 -21.31 26.99
N VAL A 203 -8.56 -22.34 27.52
CA VAL A 203 -7.95 -23.11 28.61
C VAL A 203 -6.63 -23.72 28.16
N ALA A 204 -6.62 -24.29 26.95
CA ALA A 204 -5.43 -24.93 26.41
C ALA A 204 -4.27 -23.94 26.24
N GLU A 205 -4.58 -22.70 25.88
CA GLU A 205 -3.53 -21.72 25.69
C GLU A 205 -2.92 -21.31 27.02
N CYS A 206 -3.76 -21.16 28.05
CA CYS A 206 -3.29 -20.79 29.37
C CYS A 206 -2.34 -21.85 29.94
N ARG A 207 -2.71 -23.12 29.80
CA ARG A 207 -1.87 -24.21 30.30
C ARG A 207 -0.54 -24.22 29.57
N LEU A 208 -0.62 -23.94 28.27
CA LEU A 208 0.54 -23.90 27.39
C LEU A 208 1.48 -22.77 27.79
N LEU A 209 0.92 -21.58 28.00
CA LEU A 209 1.72 -20.43 28.37
C LEU A 209 2.41 -20.66 29.71
N ARG A 210 1.69 -21.26 30.65
CA ARG A 210 2.25 -21.54 31.96
C ARG A 210 3.44 -22.48 31.79
N ASN A 211 3.27 -23.52 30.98
CA ASN A 211 4.33 -24.49 30.75
C ASN A 211 5.51 -23.88 29.99
N LEU A 212 5.31 -22.68 29.46
CA LEU A 212 6.36 -21.98 28.74
C LEU A 212 7.23 -21.22 29.76
N GLY A 213 6.75 -21.20 31.00
CA GLY A 213 7.47 -20.51 32.06
C GLY A 213 6.92 -19.11 32.31
N ALA A 214 5.73 -18.84 31.79
CA ALA A 214 5.11 -17.53 31.96
C ALA A 214 4.34 -17.44 33.27
N ASP A 215 4.45 -16.29 33.93
CA ASP A 215 3.77 -16.05 35.20
C ASP A 215 2.57 -15.12 35.03
N ALA A 216 2.63 -14.27 34.02
CA ALA A 216 1.55 -13.33 33.74
C ALA A 216 1.46 -13.16 32.23
N VAL A 217 0.25 -12.87 31.74
CA VAL A 217 0.02 -12.71 30.30
C VAL A 217 -0.68 -11.39 29.97
N GLY A 218 -0.22 -10.72 28.92
CA GLY A 218 -0.81 -9.47 28.51
C GLY A 218 -0.64 -9.21 27.03
N MET A 219 -1.03 -8.03 26.56
CA MET A 219 -0.92 -7.71 25.14
C MET A 219 -0.08 -6.45 24.88
N SER A 220 0.88 -6.16 25.75
CA SER A 220 1.70 -4.96 25.58
C SER A 220 3.07 -5.07 26.25
N THR A 221 3.63 -3.91 26.56
CA THR A 221 4.90 -3.78 27.30
C THR A 221 6.20 -4.27 26.68
N VAL A 222 6.24 -5.53 26.23
CA VAL A 222 7.45 -6.09 25.64
C VAL A 222 8.03 -5.27 24.49
N PRO A 223 7.18 -4.78 23.56
CA PRO A 223 7.74 -3.99 22.47
C PRO A 223 8.46 -2.75 23.00
N GLU A 224 7.87 -2.10 23.99
CA GLU A 224 8.45 -0.90 24.58
C GLU A 224 9.79 -1.20 25.24
N VAL A 225 9.83 -2.29 26.01
CA VAL A 225 11.05 -2.69 26.70
C VAL A 225 12.17 -2.97 25.70
N ILE A 226 11.83 -3.65 24.62
CA ILE A 226 12.82 -3.98 23.59
C ILE A 226 13.42 -2.72 22.99
N VAL A 227 12.57 -1.75 22.65
CA VAL A 227 13.08 -0.50 22.10
C VAL A 227 13.85 0.30 23.15
N ALA A 228 13.35 0.27 24.39
CA ALA A 228 14.02 0.99 25.47
C ALA A 228 15.45 0.50 25.68
N ARG A 229 15.62 -0.82 25.73
CA ARG A 229 16.94 -1.40 25.91
C ARG A 229 17.85 -1.14 24.73
N HIS A 230 17.28 -1.18 23.52
CA HIS A 230 18.05 -0.94 22.31
C HIS A 230 18.65 0.47 22.30
N CYS A 231 17.92 1.47 22.80
CA CYS A 231 18.46 2.82 22.80
C CYS A 231 19.14 3.20 24.11
N GLY A 232 19.41 2.20 24.95
CA GLY A 232 20.12 2.42 26.19
C GLY A 232 19.40 2.84 27.46
N LEU A 233 18.09 2.67 27.53
CA LEU A 233 17.34 3.06 28.72
C LEU A 233 17.37 2.02 29.84
N ARG A 234 17.31 2.50 31.08
CA ARG A 234 17.28 1.63 32.24
C ARG A 234 15.80 1.23 32.31
N VAL A 235 15.51 -0.06 32.43
CA VAL A 235 14.10 -0.48 32.47
C VAL A 235 13.71 -1.15 33.76
N PHE A 236 12.50 -0.82 34.21
CA PHE A 236 11.92 -1.31 35.45
C PHE A 236 10.43 -1.46 35.19
N GLY A 237 9.79 -2.52 35.69
CA GLY A 237 8.37 -2.68 35.42
C GLY A 237 7.53 -3.55 36.35
N PHE A 238 6.21 -3.35 36.28
CA PHE A 238 5.26 -4.09 37.09
C PHE A 238 3.97 -4.44 36.37
N SER A 239 3.38 -5.57 36.75
CA SER A 239 2.11 -6.00 36.21
C SER A 239 1.14 -6.06 37.38
N LEU A 240 -0.05 -5.50 37.20
CA LEU A 240 -1.08 -5.53 38.23
C LEU A 240 -1.95 -6.71 37.83
N ILE A 241 -1.96 -7.74 38.66
CA ILE A 241 -2.76 -8.94 38.37
C ILE A 241 -4.23 -8.64 38.63
N THR A 242 -4.97 -8.33 37.57
CA THR A 242 -6.38 -8.01 37.68
C THR A 242 -7.29 -9.21 37.53
N ASN A 243 -6.73 -10.36 37.16
CA ASN A 243 -7.53 -11.56 36.99
C ASN A 243 -6.66 -12.80 36.91
N LYS A 244 -7.21 -13.93 37.33
CA LYS A 244 -6.50 -15.20 37.26
C LYS A 244 -7.12 -15.92 36.07
N VAL A 245 -6.32 -16.22 35.07
CA VAL A 245 -6.81 -16.89 33.88
C VAL A 245 -7.49 -18.22 34.22
N ILE A 246 -8.42 -18.65 33.38
CA ILE A 246 -9.11 -19.92 33.60
C ILE A 246 -8.16 -21.03 33.15
N MET A 247 -7.72 -21.86 34.09
CA MET A 247 -6.77 -22.94 33.81
C MET A 247 -7.37 -24.32 33.59
N ASP A 248 -8.69 -24.44 33.71
CA ASP A 248 -9.34 -25.73 33.51
C ASP A 248 -10.78 -25.55 33.08
N TYR A 249 -11.36 -26.59 32.50
CA TYR A 249 -12.75 -26.52 32.05
C TYR A 249 -13.65 -26.68 33.26
N GLU A 250 -13.07 -27.22 34.32
CA GLU A 250 -13.78 -27.45 35.57
C GLU A 250 -14.22 -26.13 36.22
N GLU A 262 -14.17 -2.38 43.13
CA GLU A 262 -13.86 -1.61 44.32
C GLU A 262 -12.51 -2.03 44.89
N ALA A 263 -12.27 -3.34 44.92
CA ALA A 263 -11.00 -3.86 45.42
C ALA A 263 -9.91 -3.52 44.41
N GLY A 264 -10.24 -3.65 43.13
CA GLY A 264 -9.28 -3.35 42.08
C GLY A 264 -8.86 -1.91 42.09
N LYS A 265 -9.78 -1.03 42.49
CA LYS A 265 -9.51 0.41 42.55
C LYS A 265 -8.47 0.68 43.64
N GLN A 266 -8.48 -0.17 44.66
CA GLN A 266 -7.55 -0.03 45.77
C GLN A 266 -6.20 -0.66 45.40
N ALA A 267 -6.25 -1.70 44.58
CA ALA A 267 -5.04 -2.38 44.13
C ALA A 267 -4.24 -1.45 43.23
N ALA A 268 -4.93 -0.75 42.34
CA ALA A 268 -4.28 0.18 41.43
C ALA A 268 -3.62 1.31 42.21
N GLN A 269 -4.36 1.87 43.18
CA GLN A 269 -3.83 2.96 44.00
C GLN A 269 -2.59 2.50 44.73
N LYS A 270 -2.55 1.22 45.09
CA LYS A 270 -1.40 0.65 45.77
C LYS A 270 -0.20 0.71 44.86
N LEU A 271 -0.36 0.23 43.62
CA LEU A 271 0.73 0.24 42.64
C LEU A 271 1.21 1.67 42.39
N GLU A 272 0.27 2.58 42.19
CA GLU A 272 0.61 3.98 41.94
C GLU A 272 1.49 4.54 43.05
N GLN A 273 1.11 4.28 44.30
CA GLN A 273 1.86 4.75 45.46
C GLN A 273 3.25 4.11 45.47
N PHE A 274 3.30 2.82 45.15
CA PHE A 274 4.55 2.08 45.11
C PHE A 274 5.48 2.70 44.07
N VAL A 275 4.97 2.92 42.85
CA VAL A 275 5.77 3.49 41.78
C VAL A 275 6.30 4.85 42.21
N SER A 276 5.45 5.63 42.87
CA SER A 276 5.84 6.96 43.33
C SER A 276 7.01 6.87 44.30
N LEU A 277 6.94 5.90 45.20
CA LEU A 277 7.99 5.71 46.19
C LEU A 277 9.31 5.35 45.52
N LEU A 278 9.25 4.43 44.56
CA LEU A 278 10.44 3.99 43.83
C LEU A 278 11.18 5.10 43.10
N MET A 279 10.54 6.25 42.90
CA MET A 279 11.20 7.37 42.22
C MET A 279 12.49 7.73 42.95
N ALA A 280 12.45 7.67 44.28
CA ALA A 280 13.60 8.01 45.10
C ALA A 280 14.71 6.97 45.01
N SER A 281 14.40 5.81 44.43
CA SER A 281 15.40 4.75 44.29
C SER A 281 16.12 4.76 42.94
N ILE A 282 15.58 5.50 41.98
CA ILE A 282 16.20 5.57 40.66
C ILE A 282 17.53 6.31 40.77
N PRO A 283 18.62 5.69 40.27
CA PRO A 283 19.96 6.27 40.32
C PRO A 283 20.15 7.61 39.61
N VAL A 284 21.25 8.27 39.94
CA VAL A 284 21.60 9.57 39.38
C VAL A 284 20.60 10.63 39.79
N GLN B 2 -5.44 -4.84 10.74
CA GLN B 2 -6.61 -3.92 10.62
C GLN B 2 -7.62 -4.43 9.60
N ASN B 3 -8.81 -4.80 10.07
CA ASN B 3 -9.87 -5.29 9.21
C ASN B 3 -10.08 -4.35 8.02
N GLY B 4 -10.29 -4.92 6.84
CA GLY B 4 -10.51 -4.11 5.65
C GLY B 4 -11.97 -3.85 5.33
N TYR B 5 -12.89 -4.53 6.02
CA TYR B 5 -14.32 -4.34 5.77
C TYR B 5 -14.92 -3.41 6.82
N THR B 6 -15.91 -2.63 6.42
CA THR B 6 -16.61 -1.74 7.34
C THR B 6 -17.93 -2.44 7.67
N TYR B 7 -18.57 -2.07 8.77
CA TYR B 7 -19.83 -2.70 9.16
C TYR B 7 -20.87 -2.78 8.05
N GLU B 8 -20.99 -1.72 7.27
CA GLU B 8 -21.97 -1.72 6.18
C GLU B 8 -21.68 -2.67 5.04
N ASP B 9 -20.42 -3.10 4.90
CA ASP B 9 -20.09 -4.06 3.83
C ASP B 9 -20.77 -5.38 4.16
N TYR B 10 -20.74 -5.77 5.42
CA TYR B 10 -21.37 -7.01 5.87
C TYR B 10 -22.89 -6.91 5.64
N GLN B 11 -23.47 -5.78 6.02
CA GLN B 11 -24.90 -5.57 5.85
C GLN B 11 -25.30 -5.67 4.38
N ASP B 12 -24.52 -5.05 3.51
CA ASP B 12 -24.79 -5.08 2.08
C ASP B 12 -24.85 -6.53 1.59
N THR B 13 -23.83 -7.31 1.93
CA THR B 13 -23.78 -8.71 1.50
C THR B 13 -24.97 -9.49 2.05
N ALA B 14 -25.30 -9.25 3.32
CA ALA B 14 -26.42 -9.92 3.95
C ALA B 14 -27.72 -9.55 3.25
N LYS B 15 -27.90 -8.26 2.99
CA LYS B 15 -29.10 -7.78 2.31
C LYS B 15 -29.21 -8.43 0.94
N TRP B 16 -28.10 -8.47 0.20
CA TRP B 16 -28.08 -9.08 -1.12
C TRP B 16 -28.56 -10.54 -1.07
N LEU B 17 -28.02 -11.30 -0.12
CA LEU B 17 -28.39 -12.71 0.01
C LEU B 17 -29.86 -12.89 0.36
N LEU B 18 -30.31 -12.11 1.34
CA LEU B 18 -31.69 -12.18 1.80
C LEU B 18 -32.69 -11.82 0.70
N SER B 19 -32.26 -11.04 -0.28
CA SER B 19 -33.16 -10.65 -1.37
C SER B 19 -33.01 -11.53 -2.60
N HIS B 20 -32.10 -12.50 -2.55
CA HIS B 20 -31.89 -13.40 -3.68
C HIS B 20 -32.29 -14.83 -3.38
N THR B 21 -32.72 -15.08 -2.15
CA THR B 21 -33.17 -16.39 -1.73
C THR B 21 -34.23 -16.19 -0.65
N GLU B 22 -35.20 -17.09 -0.59
CA GLU B 22 -36.26 -16.99 0.39
C GLU B 22 -35.86 -17.77 1.64
N GLN B 23 -34.79 -18.57 1.53
CA GLN B 23 -34.29 -19.37 2.64
C GLN B 23 -33.80 -18.47 3.78
N ARG B 24 -34.16 -18.84 5.01
CA ARG B 24 -33.76 -18.11 6.22
C ARG B 24 -33.04 -19.08 7.15
N PRO B 25 -31.74 -19.32 6.90
CA PRO B 25 -30.95 -20.26 7.70
C PRO B 25 -30.75 -19.90 9.17
N GLN B 26 -30.74 -20.93 10.01
CA GLN B 26 -30.53 -20.78 11.46
C GLN B 26 -29.17 -21.34 11.83
N VAL B 27 -28.63 -22.19 10.96
CA VAL B 27 -27.32 -22.77 11.22
C VAL B 27 -26.43 -22.69 9.99
N ALA B 28 -25.14 -22.45 10.23
CA ALA B 28 -24.18 -22.35 9.15
C ALA B 28 -23.18 -23.48 9.29
N VAL B 29 -22.79 -24.04 8.16
CA VAL B 29 -21.82 -25.12 8.17
C VAL B 29 -20.67 -24.81 7.24
N ILE B 30 -19.46 -24.87 7.78
CA ILE B 30 -18.26 -24.65 6.98
C ILE B 30 -17.72 -26.06 6.78
N CYS B 31 -17.80 -26.55 5.55
CA CYS B 31 -17.34 -27.89 5.21
C CYS B 31 -15.84 -27.95 5.02
N GLY B 32 -15.20 -28.89 5.70
CA GLY B 32 -13.76 -29.04 5.58
C GLY B 32 -13.39 -29.73 4.28
N SER B 33 -12.09 -29.92 4.08
CA SER B 33 -11.59 -30.59 2.88
C SER B 33 -12.18 -31.98 2.74
N GLY B 34 -12.69 -32.28 1.54
CA GLY B 34 -13.27 -33.59 1.30
C GLY B 34 -14.59 -33.85 2.00
N LEU B 35 -15.14 -32.82 2.64
CA LEU B 35 -16.43 -32.94 3.34
C LEU B 35 -17.51 -32.13 2.64
N GLY B 36 -17.23 -31.74 1.39
CA GLY B 36 -18.20 -30.96 0.64
C GLY B 36 -19.42 -31.74 0.21
N GLY B 37 -19.37 -33.06 0.38
CA GLY B 37 -20.50 -33.89 0.01
C GLY B 37 -21.72 -33.65 0.87
N LEU B 38 -21.53 -32.92 1.96
CA LEU B 38 -22.62 -32.61 2.87
C LEU B 38 -23.70 -31.83 2.10
N VAL B 39 -23.26 -30.99 1.18
CA VAL B 39 -24.17 -30.19 0.37
C VAL B 39 -25.23 -31.08 -0.29
N ASN B 40 -24.83 -32.28 -0.67
CA ASN B 40 -25.79 -33.23 -1.25
C ASN B 40 -26.61 -33.65 -0.03
N LYS B 41 -27.75 -34.28 -0.23
CA LYS B 41 -28.59 -34.69 0.91
C LYS B 41 -29.27 -33.49 1.57
N LEU B 42 -29.11 -32.33 0.94
CA LEU B 42 -29.73 -31.10 1.40
C LEU B 42 -30.92 -31.03 0.43
N THR B 43 -32.10 -30.62 0.88
CA THR B 43 -33.22 -30.49 -0.06
C THR B 43 -33.60 -29.01 -0.14
N GLN B 44 -34.34 -28.64 -1.18
CA GLN B 44 -34.75 -27.25 -1.40
C GLN B 44 -33.49 -26.39 -1.49
N ALA B 45 -32.47 -26.94 -2.12
CA ALA B 45 -31.21 -26.25 -2.24
C ALA B 45 -31.18 -25.12 -3.27
N GLN B 46 -30.39 -24.10 -2.96
CA GLN B 46 -30.18 -22.94 -3.82
C GLN B 46 -28.71 -22.57 -3.66
N THR B 47 -28.01 -22.45 -4.78
CA THR B 47 -26.57 -22.15 -4.74
C THR B 47 -26.15 -20.79 -5.29
N PHE B 48 -25.11 -20.24 -4.67
CA PHE B 48 -24.52 -18.96 -5.07
C PHE B 48 -23.01 -19.14 -5.17
N ASP B 49 -22.42 -18.78 -6.30
CA ASP B 49 -20.98 -18.88 -6.44
C ASP B 49 -20.40 -17.76 -5.60
N TYR B 50 -19.32 -18.04 -4.87
CA TYR B 50 -18.71 -17.02 -4.04
C TYR B 50 -18.39 -15.78 -4.89
N SER B 51 -17.98 -16.01 -6.14
CA SER B 51 -17.62 -14.91 -7.04
C SER B 51 -18.71 -13.86 -7.29
N GLU B 52 -19.97 -14.28 -7.34
CA GLU B 52 -21.06 -13.33 -7.60
C GLU B 52 -21.59 -12.60 -6.37
N ILE B 53 -21.27 -13.10 -5.18
CA ILE B 53 -21.74 -12.49 -3.95
C ILE B 53 -20.93 -11.23 -3.61
N PRO B 54 -21.59 -10.07 -3.51
CA PRO B 54 -20.86 -8.85 -3.19
C PRO B 54 -19.98 -9.00 -1.95
N ASN B 55 -18.76 -8.47 -2.04
CA ASN B 55 -17.76 -8.48 -0.96
C ASN B 55 -17.17 -9.84 -0.56
N PHE B 56 -17.56 -10.89 -1.25
CA PHE B 56 -17.22 -12.25 -0.74
C PHE B 56 -15.83 -12.52 -1.31
N PRO B 57 -14.95 -13.15 -0.51
CA PRO B 57 -13.62 -13.43 -1.06
C PRO B 57 -13.82 -14.47 -2.16
N GLU B 58 -12.89 -14.54 -3.11
CA GLU B 58 -13.00 -15.51 -4.19
C GLU B 58 -11.93 -16.59 -4.07
N SER B 59 -12.33 -17.83 -4.32
CA SER B 59 -11.43 -18.97 -4.24
C SER B 59 -10.15 -18.79 -5.04
N THR B 60 -9.06 -19.34 -4.52
CA THR B 60 -7.78 -19.24 -5.22
C THR B 60 -7.57 -20.46 -6.09
N VAL B 61 -7.71 -21.64 -5.49
CA VAL B 61 -7.54 -22.92 -6.18
C VAL B 61 -8.19 -22.93 -7.56
N PRO B 62 -7.37 -22.79 -8.62
CA PRO B 62 -7.90 -22.80 -9.98
C PRO B 62 -8.63 -24.10 -10.28
N GLY B 63 -9.95 -24.02 -10.50
CA GLY B 63 -10.70 -25.23 -10.78
C GLY B 63 -11.89 -25.50 -9.88
N HIS B 64 -11.84 -25.01 -8.64
CA HIS B 64 -12.95 -25.23 -7.71
C HIS B 64 -13.45 -23.93 -7.10
N ALA B 65 -14.11 -23.12 -7.90
CA ALA B 65 -14.66 -21.87 -7.40
C ALA B 65 -15.71 -22.27 -6.37
N GLY B 66 -15.53 -21.79 -5.14
CA GLY B 66 -16.46 -22.12 -4.08
C GLY B 66 -17.86 -21.58 -4.27
N ARG B 67 -18.78 -22.08 -3.45
CA ARG B 67 -20.15 -21.64 -3.52
C ARG B 67 -20.83 -21.74 -2.15
N LEU B 68 -21.84 -20.90 -1.97
CA LEU B 68 -22.62 -20.88 -0.74
C LEU B 68 -23.92 -21.61 -1.09
N VAL B 69 -24.31 -22.58 -0.28
CA VAL B 69 -25.53 -23.34 -0.56
C VAL B 69 -26.55 -23.31 0.58
N PHE B 70 -27.76 -22.84 0.27
CA PHE B 70 -28.83 -22.77 1.25
C PHE B 70 -29.77 -23.94 1.02
N GLY B 71 -30.36 -24.45 2.09
CA GLY B 71 -31.29 -25.56 1.97
C GLY B 71 -31.64 -26.13 3.33
N ILE B 72 -32.47 -27.17 3.35
CA ILE B 72 -32.87 -27.79 4.61
C ILE B 72 -32.07 -29.10 4.72
N LEU B 73 -31.41 -29.32 5.85
CA LEU B 73 -30.65 -30.55 5.98
C LEU B 73 -31.49 -31.69 6.54
N ASN B 74 -31.67 -31.70 7.86
CA ASN B 74 -32.47 -32.75 8.51
C ASN B 74 -33.39 -31.96 9.42
N GLY B 75 -34.33 -31.24 8.80
CA GLY B 75 -35.28 -30.44 9.55
C GLY B 75 -34.79 -29.04 9.92
N ARG B 76 -33.55 -28.71 9.56
CA ARG B 76 -33.02 -27.38 9.89
C ARG B 76 -32.55 -26.59 8.67
N ALA B 77 -32.91 -25.31 8.63
CA ALA B 77 -32.52 -24.43 7.53
C ALA B 77 -31.03 -24.10 7.68
N CYS B 78 -30.24 -24.47 6.69
CA CYS B 78 -28.80 -24.24 6.73
C CYS B 78 -28.24 -23.47 5.55
N VAL B 79 -27.07 -22.89 5.76
CA VAL B 79 -26.32 -22.21 4.71
C VAL B 79 -24.95 -22.88 4.83
N MET B 80 -24.43 -23.39 3.73
CA MET B 80 -23.16 -24.09 3.79
C MET B 80 -22.08 -23.56 2.86
N MET B 81 -20.85 -23.60 3.35
CA MET B 81 -19.70 -23.16 2.57
C MET B 81 -19.07 -24.41 1.98
N GLN B 82 -19.02 -24.46 0.65
CA GLN B 82 -18.39 -25.56 -0.05
C GLN B 82 -17.21 -24.90 -0.75
N GLY B 83 -16.05 -25.01 -0.12
CA GLY B 83 -14.85 -24.36 -0.61
C GLY B 83 -14.53 -23.42 0.53
N ARG B 84 -13.27 -23.31 0.92
CA ARG B 84 -12.93 -22.44 2.03
C ARG B 84 -11.76 -21.52 1.71
N PHE B 85 -11.45 -20.62 2.65
CA PHE B 85 -10.36 -19.67 2.48
C PHE B 85 -9.35 -19.94 3.59
N HIS B 86 -8.06 -19.92 3.25
CA HIS B 86 -7.01 -20.21 4.22
C HIS B 86 -5.96 -19.12 4.23
N MET B 87 -5.33 -18.93 5.40
CA MET B 87 -4.27 -17.94 5.53
C MET B 87 -3.12 -18.30 4.58
N TYR B 88 -2.85 -19.60 4.42
CA TYR B 88 -1.74 -20.01 3.56
C TYR B 88 -1.96 -19.66 2.09
N GLU B 89 -3.20 -19.35 1.72
CA GLU B 89 -3.53 -18.99 0.34
C GLU B 89 -3.30 -17.51 0.09
N GLY B 90 -3.05 -16.76 1.16
CA GLY B 90 -2.81 -15.34 1.02
C GLY B 90 -3.89 -14.43 1.59
N TYR B 91 -4.99 -15.02 2.03
CA TYR B 91 -6.08 -14.24 2.59
C TYR B 91 -5.78 -13.80 4.03
N PRO B 92 -6.00 -12.51 4.34
CA PRO B 92 -5.74 -12.13 5.72
C PRO B 92 -6.95 -12.67 6.48
N PHE B 93 -6.84 -12.86 7.80
CA PHE B 93 -7.97 -13.40 8.53
C PHE B 93 -9.28 -12.62 8.40
N TRP B 94 -9.23 -11.30 8.21
CA TRP B 94 -10.48 -10.56 8.07
C TRP B 94 -11.26 -10.91 6.80
N LYS B 95 -10.59 -11.57 5.86
CA LYS B 95 -11.25 -12.02 4.64
C LYS B 95 -11.73 -13.46 4.86
N VAL B 96 -10.86 -14.28 5.44
CA VAL B 96 -11.18 -15.68 5.72
C VAL B 96 -12.49 -15.78 6.51
N THR B 97 -12.65 -14.91 7.50
CA THR B 97 -13.81 -14.94 8.38
C THR B 97 -14.99 -14.05 7.98
N PHE B 98 -14.87 -13.36 6.85
CA PHE B 98 -15.95 -12.49 6.40
C PHE B 98 -17.32 -13.18 6.41
N PRO B 99 -17.39 -14.42 5.88
CA PRO B 99 -18.67 -15.15 5.83
C PRO B 99 -19.35 -15.35 7.19
N VAL B 100 -18.56 -15.51 8.24
CA VAL B 100 -19.10 -15.73 9.57
C VAL B 100 -19.96 -14.57 10.03
N ARG B 101 -19.46 -13.35 9.88
CA ARG B 101 -20.23 -12.19 10.30
C ARG B 101 -21.46 -12.00 9.43
N VAL B 102 -21.35 -12.37 8.15
CA VAL B 102 -22.50 -12.26 7.25
C VAL B 102 -23.58 -13.24 7.74
N PHE B 103 -23.18 -14.45 8.08
CA PHE B 103 -24.13 -15.45 8.56
C PHE B 103 -24.92 -14.93 9.75
N ARG B 104 -24.22 -14.31 10.69
CA ARG B 104 -24.88 -13.75 11.88
C ARG B 104 -25.94 -12.74 11.43
N LEU B 105 -25.61 -11.91 10.45
CA LEU B 105 -26.53 -10.90 9.96
C LEU B 105 -27.70 -11.51 9.17
N LEU B 106 -27.55 -12.76 8.77
CA LEU B 106 -28.61 -13.44 8.04
C LEU B 106 -29.63 -14.00 9.03
N GLY B 107 -29.21 -14.13 10.28
CA GLY B 107 -30.08 -14.68 11.31
C GLY B 107 -29.56 -16.00 11.83
N VAL B 108 -28.38 -16.42 11.35
CA VAL B 108 -27.78 -17.67 11.80
C VAL B 108 -27.45 -17.57 13.29
N GLU B 109 -27.72 -18.63 14.05
CA GLU B 109 -27.46 -18.63 15.48
C GLU B 109 -26.44 -19.67 15.91
N THR B 110 -26.15 -20.62 15.02
CA THR B 110 -25.18 -21.66 15.33
C THR B 110 -24.24 -21.92 14.16
N LEU B 111 -22.96 -22.08 14.48
CA LEU B 111 -21.96 -22.36 13.47
C LEU B 111 -21.35 -23.72 13.70
N VAL B 112 -21.34 -24.54 12.66
CA VAL B 112 -20.76 -25.88 12.70
C VAL B 112 -19.51 -25.81 11.83
N VAL B 113 -18.35 -26.12 12.42
CA VAL B 113 -17.12 -26.10 11.65
C VAL B 113 -16.54 -27.51 11.58
N THR B 114 -16.13 -27.91 10.38
CA THR B 114 -15.53 -29.23 10.20
C THR B 114 -14.24 -29.05 9.43
N ASN B 115 -13.32 -29.98 9.60
CA ASN B 115 -12.05 -29.93 8.88
C ASN B 115 -11.32 -31.26 8.89
N ALA B 116 -10.35 -31.39 8.01
CA ALA B 116 -9.52 -32.59 7.95
C ALA B 116 -8.31 -32.15 8.75
N ALA B 117 -7.76 -33.04 9.56
CA ALA B 117 -6.60 -32.67 10.38
C ALA B 117 -5.62 -33.80 10.57
N GLY B 118 -4.40 -33.45 10.96
CA GLY B 118 -3.37 -34.45 11.22
C GLY B 118 -3.49 -34.85 12.68
N GLY B 119 -3.31 -36.14 12.95
CA GLY B 119 -3.43 -36.61 14.32
C GLY B 119 -2.13 -36.53 15.10
N LEU B 120 -2.19 -35.87 16.26
CA LEU B 120 -1.05 -35.73 17.14
C LEU B 120 -1.19 -36.69 18.31
N ASN B 121 -2.44 -36.88 18.75
CA ASN B 121 -2.73 -37.78 19.85
C ASN B 121 -2.35 -39.18 19.36
N PRO B 122 -1.45 -39.86 20.09
CA PRO B 122 -1.00 -41.21 19.71
C PRO B 122 -2.13 -42.24 19.57
N ASN B 123 -3.19 -42.05 20.35
CA ASN B 123 -4.34 -42.95 20.33
C ASN B 123 -5.24 -42.81 19.10
N PHE B 124 -5.07 -41.72 18.33
CA PHE B 124 -5.89 -41.51 17.15
C PHE B 124 -5.51 -42.41 15.97
N GLU B 125 -6.51 -42.77 15.18
CA GLU B 125 -6.31 -43.61 14.00
C GLU B 125 -6.90 -42.86 12.81
N VAL B 126 -6.41 -43.16 11.60
CA VAL B 126 -6.93 -42.52 10.41
C VAL B 126 -8.41 -42.92 10.33
N GLY B 127 -9.28 -41.94 10.17
CA GLY B 127 -10.70 -42.22 10.10
C GLY B 127 -11.42 -41.78 11.36
N ASP B 128 -10.67 -41.50 12.42
CA ASP B 128 -11.28 -41.06 13.67
C ASP B 128 -11.92 -39.70 13.48
N ILE B 129 -12.97 -39.44 14.24
CA ILE B 129 -13.63 -38.15 14.19
C ILE B 129 -13.44 -37.53 15.56
N MET B 130 -12.86 -36.33 15.59
CA MET B 130 -12.62 -35.68 16.86
C MET B 130 -13.49 -34.46 17.12
N LEU B 131 -14.30 -34.53 18.17
CA LEU B 131 -15.14 -33.42 18.56
C LEU B 131 -14.11 -32.39 19.04
N ILE B 132 -14.25 -31.14 18.60
CA ILE B 132 -13.31 -30.12 19.03
C ILE B 132 -13.74 -29.59 20.38
N ARG B 133 -12.89 -29.79 21.39
CA ARG B 133 -13.21 -29.34 22.73
C ARG B 133 -12.53 -28.01 23.06
N ASP B 134 -11.48 -27.68 22.33
CA ASP B 134 -10.75 -26.45 22.60
C ASP B 134 -9.78 -26.25 21.45
N HIS B 135 -9.08 -25.12 21.44
CA HIS B 135 -8.10 -24.88 20.38
C HIS B 135 -6.93 -24.05 20.87
N ILE B 136 -5.87 -24.03 20.07
CA ILE B 136 -4.67 -23.26 20.33
C ILE B 136 -4.43 -22.45 19.07
N ASN B 137 -4.51 -21.12 19.20
CA ASN B 137 -4.32 -20.22 18.07
C ASN B 137 -2.87 -19.73 17.98
N LEU B 138 -2.02 -20.46 17.27
CA LEU B 138 -0.63 -20.04 17.15
C LEU B 138 -0.46 -18.69 16.43
N PRO B 139 -1.18 -18.46 15.31
CA PRO B 139 -1.02 -17.17 14.63
C PRO B 139 -1.45 -16.03 15.55
N GLY B 140 -2.43 -16.31 16.40
CA GLY B 140 -2.92 -15.31 17.35
C GLY B 140 -1.85 -14.89 18.35
N PHE B 141 -0.88 -15.75 18.61
CA PHE B 141 0.17 -15.41 19.55
C PHE B 141 1.01 -14.26 18.99
N SER B 142 1.04 -14.11 17.68
CA SER B 142 1.84 -13.05 17.07
C SER B 142 1.01 -11.86 16.60
N GLY B 143 -0.30 -11.90 16.84
CA GLY B 143 -1.12 -10.78 16.43
C GLY B 143 -1.94 -10.97 15.16
N GLN B 144 -1.72 -12.08 14.46
CA GLN B 144 -2.48 -12.36 13.25
C GLN B 144 -3.84 -12.82 13.79
N ASN B 145 -4.79 -11.89 13.79
CA ASN B 145 -6.10 -12.16 14.36
C ASN B 145 -7.20 -11.43 13.57
N PRO B 146 -8.29 -12.12 13.25
CA PRO B 146 -9.38 -11.50 12.49
C PRO B 146 -10.01 -10.31 13.23
N LEU B 147 -9.79 -10.21 14.54
CA LEU B 147 -10.34 -9.13 15.33
C LEU B 147 -9.39 -7.93 15.49
N ARG B 148 -8.20 -8.05 14.94
CA ARG B 148 -7.24 -6.96 15.06
C ARG B 148 -7.82 -5.69 14.44
N GLY B 149 -7.61 -4.57 15.12
CA GLY B 149 -8.13 -3.30 14.62
C GLY B 149 -9.17 -2.75 15.56
N PRO B 150 -9.75 -1.56 15.28
CA PRO B 150 -10.76 -1.04 16.19
C PRO B 150 -11.91 -2.04 16.28
N ASN B 151 -12.45 -2.20 17.49
CA ASN B 151 -13.56 -3.13 17.68
C ASN B 151 -14.90 -2.58 17.21
N GLU B 152 -15.69 -3.42 16.57
CA GLU B 152 -17.02 -3.03 16.11
C GLU B 152 -18.03 -3.54 17.13
N GLU B 153 -18.47 -2.66 18.02
CA GLU B 153 -19.43 -3.00 19.07
C GLU B 153 -20.73 -3.60 18.59
N ARG B 154 -21.11 -3.33 17.35
CA ARG B 154 -22.35 -3.89 16.83
C ARG B 154 -22.21 -5.40 16.61
N PHE B 155 -20.97 -5.88 16.61
CA PHE B 155 -20.74 -7.32 16.48
C PHE B 155 -20.48 -7.91 17.87
N GLY B 156 -19.49 -7.38 18.57
CA GLY B 156 -19.17 -7.90 19.89
C GLY B 156 -18.27 -7.00 20.72
N VAL B 157 -17.81 -7.51 21.85
CA VAL B 157 -16.95 -6.74 22.74
C VAL B 157 -15.50 -6.67 22.31
N ARG B 158 -14.76 -5.76 22.92
CA ARG B 158 -13.34 -5.57 22.61
C ARG B 158 -12.46 -6.77 22.96
N PHE B 159 -12.67 -7.34 24.15
CA PHE B 159 -11.87 -8.48 24.61
C PHE B 159 -12.72 -9.72 24.81
N PRO B 160 -13.19 -10.34 23.71
CA PRO B 160 -14.02 -11.55 23.83
C PRO B 160 -13.33 -12.75 24.49
N ALA B 161 -14.07 -13.42 25.36
CA ALA B 161 -13.56 -14.60 26.05
C ALA B 161 -13.59 -15.77 25.07
N MET B 162 -12.64 -16.69 25.21
CA MET B 162 -12.57 -17.87 24.34
C MET B 162 -12.53 -19.17 25.13
N SER B 163 -12.55 -19.08 26.45
CA SER B 163 -12.48 -20.27 27.28
C SER B 163 -13.65 -21.22 27.09
N ASP B 164 -14.80 -20.68 26.69
CA ASP B 164 -15.99 -21.50 26.48
C ASP B 164 -16.42 -21.47 25.01
N ALA B 165 -15.46 -21.42 24.10
CA ALA B 165 -15.75 -21.33 22.67
C ALA B 165 -16.60 -22.47 22.11
N TYR B 166 -16.25 -23.70 22.45
CA TYR B 166 -16.99 -24.85 21.94
C TYR B 166 -18.13 -25.24 22.89
N ASP B 167 -19.36 -24.97 22.45
CA ASP B 167 -20.57 -25.23 23.22
C ASP B 167 -20.60 -26.54 24.00
N ARG B 168 -20.75 -26.43 25.31
CA ARG B 168 -20.79 -27.60 26.18
C ARG B 168 -22.01 -28.49 25.95
N ASP B 169 -23.18 -27.89 25.75
CA ASP B 169 -24.39 -28.67 25.52
C ASP B 169 -24.29 -29.50 24.24
N MET B 170 -23.80 -28.92 23.15
CA MET B 170 -23.67 -29.66 21.90
C MET B 170 -22.66 -30.78 22.07
N ARG B 171 -21.69 -30.58 22.95
CA ARG B 171 -20.69 -31.60 23.19
C ARG B 171 -21.37 -32.84 23.76
N GLN B 172 -22.29 -32.63 24.70
CA GLN B 172 -23.02 -33.75 25.29
C GLN B 172 -23.94 -34.36 24.22
N LYS B 173 -24.54 -33.50 23.41
CA LYS B 173 -25.41 -33.96 22.32
C LYS B 173 -24.61 -34.81 21.33
N ALA B 174 -23.39 -34.41 21.03
CA ALA B 174 -22.55 -35.15 20.09
C ALA B 174 -22.28 -36.57 20.58
N HIS B 175 -21.91 -36.70 21.84
CA HIS B 175 -21.62 -38.02 22.40
C HIS B 175 -22.88 -38.90 22.46
N SER B 176 -24.03 -38.27 22.70
CA SER B 176 -25.29 -39.02 22.77
C SER B 176 -25.67 -39.51 21.38
N THR B 177 -25.66 -38.60 20.40
CA THR B 177 -26.01 -38.97 19.02
C THR B 177 -25.06 -40.02 18.46
N TRP B 178 -23.78 -39.92 18.81
CA TRP B 178 -22.78 -40.87 18.32
C TRP B 178 -23.10 -42.25 18.89
N LYS B 179 -23.41 -42.29 20.18
CA LYS B 179 -23.75 -43.52 20.86
C LYS B 179 -24.97 -44.17 20.21
N GLN B 180 -25.97 -43.36 19.87
CA GLN B 180 -27.17 -43.89 19.25
C GLN B 180 -26.93 -44.41 17.83
N MET B 181 -25.94 -43.87 17.15
CA MET B 181 -25.63 -44.33 15.80
C MET B 181 -25.09 -45.76 15.88
N GLY B 182 -24.68 -46.15 17.08
CA GLY B 182 -24.16 -47.49 17.29
C GLY B 182 -22.85 -47.73 16.56
N GLU B 183 -21.87 -46.89 16.82
CA GLU B 183 -20.56 -47.03 16.18
C GLU B 183 -19.62 -47.83 17.07
N GLN B 184 -18.72 -48.59 16.45
CA GLN B 184 -17.77 -49.40 17.19
C GLN B 184 -16.62 -48.54 17.68
N ARG B 185 -16.13 -47.65 16.82
CA ARG B 185 -15.03 -46.76 17.18
C ARG B 185 -15.62 -45.62 18.02
N GLU B 186 -14.94 -45.24 19.09
CA GLU B 186 -15.43 -44.17 19.93
C GLU B 186 -15.27 -42.80 19.28
N LEU B 187 -16.05 -41.84 19.74
CA LEU B 187 -15.98 -40.48 19.24
C LEU B 187 -14.81 -39.84 19.99
N GLN B 188 -13.75 -39.46 19.28
CA GLN B 188 -12.61 -38.85 19.94
C GLN B 188 -12.98 -37.43 20.33
N GLU B 189 -12.14 -36.81 21.14
CA GLU B 189 -12.39 -35.47 21.62
C GLU B 189 -11.03 -34.86 21.95
N GLY B 190 -10.83 -33.59 21.61
CA GLY B 190 -9.54 -32.98 21.92
C GLY B 190 -9.34 -31.55 21.48
N THR B 191 -8.09 -31.10 21.62
CA THR B 191 -7.69 -29.75 21.28
C THR B 191 -7.08 -29.67 19.88
N TYR B 192 -7.57 -28.72 19.10
CA TYR B 192 -7.12 -28.51 17.74
C TYR B 192 -6.15 -27.34 17.71
N VAL B 193 -4.98 -27.53 17.10
CA VAL B 193 -4.07 -26.41 17.04
C VAL B 193 -3.94 -25.95 15.60
N MET B 194 -4.03 -24.66 15.39
CA MET B 194 -3.92 -24.10 14.07
C MET B 194 -2.60 -23.41 13.83
N LEU B 195 -2.01 -23.66 12.67
CA LEU B 195 -0.78 -23.01 12.27
C LEU B 195 -0.95 -22.59 10.81
N GLY B 196 -0.14 -21.63 10.37
CA GLY B 196 -0.25 -21.11 9.02
C GLY B 196 -0.19 -22.03 7.81
N GLY B 197 0.81 -22.90 7.75
CA GLY B 197 0.94 -23.76 6.59
C GLY B 197 1.60 -22.95 5.47
N PRO B 198 1.59 -23.43 4.22
CA PRO B 198 0.99 -24.67 3.71
C PRO B 198 1.82 -25.96 3.83
N ASN B 199 3.10 -25.85 4.15
CA ASN B 199 3.93 -27.04 4.28
C ASN B 199 3.49 -27.86 5.49
N PHE B 200 3.73 -29.17 5.46
CA PHE B 200 3.39 -30.01 6.59
C PHE B 200 4.54 -29.99 7.61
N GLU B 201 4.25 -30.38 8.84
CA GLU B 201 5.22 -30.34 9.93
C GLU B 201 6.43 -31.25 9.86
N THR B 202 7.51 -30.79 10.52
CA THR B 202 8.73 -31.57 10.63
C THR B 202 8.49 -32.41 11.88
N VAL B 203 9.33 -33.43 12.09
CA VAL B 203 9.19 -34.28 13.25
C VAL B 203 9.28 -33.45 14.53
N ALA B 204 10.30 -32.60 14.59
CA ALA B 204 10.51 -31.75 15.76
C ALA B 204 9.29 -30.91 16.04
N GLU B 205 8.65 -30.41 14.99
CA GLU B 205 7.47 -29.58 15.15
C GLU B 205 6.28 -30.39 15.65
N CYS B 206 6.13 -31.62 15.14
CA CYS B 206 5.05 -32.47 15.59
C CYS B 206 5.15 -32.77 17.08
N ARG B 207 6.35 -33.11 17.55
CA ARG B 207 6.54 -33.40 18.98
C ARG B 207 6.21 -32.19 19.83
N LEU B 208 6.72 -31.04 19.40
CA LEU B 208 6.49 -29.79 20.07
C LEU B 208 4.99 -29.53 20.21
N LEU B 209 4.27 -29.67 19.10
CA LEU B 209 2.83 -29.45 19.09
C LEU B 209 2.10 -30.35 20.07
N ARG B 210 2.47 -31.63 20.11
CA ARG B 210 1.83 -32.55 21.03
C ARG B 210 2.13 -32.15 22.47
N ASN B 211 3.36 -31.72 22.73
CA ASN B 211 3.72 -31.31 24.08
C ASN B 211 3.03 -30.04 24.52
N LEU B 212 2.50 -29.29 23.55
CA LEU B 212 1.77 -28.06 23.83
C LEU B 212 0.37 -28.44 24.31
N GLY B 213 0.04 -29.73 24.16
CA GLY B 213 -1.27 -30.22 24.58
C GLY B 213 -2.23 -30.41 23.41
N ALA B 214 -1.72 -30.34 22.18
CA ALA B 214 -2.57 -30.48 21.01
C ALA B 214 -2.89 -31.94 20.64
N ASP B 215 -4.10 -32.15 20.14
CA ASP B 215 -4.54 -33.48 19.74
C ASP B 215 -4.60 -33.61 18.21
N ALA B 216 -4.88 -32.51 17.52
CA ALA B 216 -4.95 -32.49 16.07
C ALA B 216 -4.40 -31.17 15.53
N VAL B 217 -3.85 -31.18 14.31
CA VAL B 217 -3.27 -29.98 13.72
C VAL B 217 -3.88 -29.69 12.36
N GLY B 218 -4.12 -28.40 12.11
CA GLY B 218 -4.68 -27.98 10.84
C GLY B 218 -4.29 -26.55 10.52
N MET B 219 -4.78 -26.03 9.41
CA MET B 219 -4.44 -24.67 8.98
C MET B 219 -5.69 -23.80 8.78
N SER B 220 -6.75 -24.08 9.53
CA SER B 220 -7.99 -23.32 9.39
C SER B 220 -8.83 -23.33 10.67
N THR B 221 -10.12 -23.09 10.50
CA THR B 221 -11.10 -23.15 11.57
C THR B 221 -11.04 -22.18 12.75
N VAL B 222 -9.88 -22.09 13.40
CA VAL B 222 -9.73 -21.20 14.55
C VAL B 222 -10.13 -19.76 14.28
N PRO B 223 -9.69 -19.18 13.16
CA PRO B 223 -10.06 -17.79 12.89
C PRO B 223 -11.59 -17.65 12.87
N GLU B 224 -12.26 -18.60 12.22
CA GLU B 224 -13.73 -18.57 12.14
C GLU B 224 -14.38 -18.67 13.51
N VAL B 225 -13.91 -19.61 14.33
CA VAL B 225 -14.46 -19.80 15.66
C VAL B 225 -14.37 -18.52 16.51
N ILE B 226 -13.24 -17.82 16.40
CA ILE B 226 -13.03 -16.59 17.14
C ILE B 226 -14.03 -15.50 16.73
N VAL B 227 -14.24 -15.34 15.43
CA VAL B 227 -15.19 -14.34 14.95
C VAL B 227 -16.61 -14.74 15.33
N ALA B 228 -16.90 -16.03 15.24
CA ALA B 228 -18.22 -16.53 15.59
C ALA B 228 -18.57 -16.22 17.05
N ARG B 229 -17.65 -16.54 17.95
CA ARG B 229 -17.89 -16.26 19.37
C ARG B 229 -17.96 -14.76 19.63
N HIS B 230 -17.15 -13.98 18.91
CA HIS B 230 -17.18 -12.54 19.10
C HIS B 230 -18.55 -11.96 18.78
N CYS B 231 -19.23 -12.50 17.76
CA CYS B 231 -20.55 -11.98 17.43
C CYS B 231 -21.71 -12.77 18.02
N GLY B 232 -21.40 -13.65 18.97
CA GLY B 232 -22.43 -14.41 19.67
C GLY B 232 -22.99 -15.70 19.11
N LEU B 233 -22.30 -16.30 18.15
CA LEU B 233 -22.78 -17.56 17.60
C LEU B 233 -22.41 -18.73 18.49
N ARG B 234 -23.30 -19.72 18.55
CA ARG B 234 -23.05 -20.92 19.32
C ARG B 234 -22.14 -21.71 18.37
N VAL B 235 -21.10 -22.33 18.91
CA VAL B 235 -20.15 -23.06 18.07
C VAL B 235 -19.81 -24.48 18.48
N PHE B 236 -19.72 -25.38 17.50
CA PHE B 236 -19.30 -26.75 17.75
C PHE B 236 -18.73 -27.30 16.45
N GLY B 237 -17.82 -28.26 16.55
CA GLY B 237 -17.23 -28.77 15.33
C GLY B 237 -16.44 -30.04 15.47
N PHE B 238 -15.96 -30.55 14.34
CA PHE B 238 -15.21 -31.79 14.33
C PHE B 238 -14.04 -31.76 13.36
N SER B 239 -13.03 -32.57 13.69
CA SER B 239 -11.86 -32.75 12.87
C SER B 239 -11.89 -34.19 12.38
N LEU B 240 -11.70 -34.40 11.09
CA LEU B 240 -11.66 -35.74 10.52
C LEU B 240 -10.17 -36.04 10.46
N ILE B 241 -9.71 -37.05 11.20
CA ILE B 241 -8.28 -37.40 11.20
C ILE B 241 -7.96 -38.18 9.93
N THR B 242 -7.38 -37.50 8.95
CA THR B 242 -7.04 -38.12 7.67
C THR B 242 -5.63 -38.71 7.62
N ASN B 243 -4.83 -38.43 8.63
CA ASN B 243 -3.46 -38.92 8.67
C ASN B 243 -2.87 -38.74 10.05
N LYS B 244 -1.89 -39.58 10.38
CA LYS B 244 -1.22 -39.51 11.66
C LYS B 244 0.11 -38.83 11.35
N VAL B 245 0.39 -37.72 12.02
CA VAL B 245 1.63 -37.00 11.75
C VAL B 245 2.84 -37.84 12.12
N ILE B 246 3.95 -37.62 11.43
CA ILE B 246 5.18 -38.35 11.70
C ILE B 246 5.84 -37.82 12.97
N MET B 247 6.07 -38.72 13.93
CA MET B 247 6.68 -38.37 15.21
C MET B 247 8.09 -38.95 15.40
N ASP B 248 8.58 -39.71 14.42
CA ASP B 248 9.91 -40.31 14.51
C ASP B 248 10.70 -40.01 13.24
N TYR B 249 12.02 -40.07 13.35
CA TYR B 249 12.88 -39.80 12.21
C TYR B 249 13.07 -41.00 11.29
N GLU B 250 12.56 -42.16 11.71
CA GLU B 250 12.68 -43.38 10.92
C GLU B 250 11.48 -43.56 10.01
N HIS B 257 -1.39 -47.51 2.40
CA HIS B 257 -1.88 -46.24 1.88
C HIS B 257 -3.33 -46.36 1.40
N GLU B 258 -3.60 -47.35 0.55
CA GLU B 258 -4.94 -47.57 0.03
C GLU B 258 -5.94 -47.69 1.18
N GLU B 259 -5.49 -48.28 2.27
CA GLU B 259 -6.33 -48.46 3.45
C GLU B 259 -6.53 -47.14 4.17
N VAL B 260 -5.52 -46.27 4.10
CA VAL B 260 -5.61 -44.95 4.73
C VAL B 260 -6.62 -44.13 3.95
N LEU B 261 -6.52 -44.18 2.62
CA LEU B 261 -7.43 -43.45 1.75
C LEU B 261 -8.85 -43.95 1.99
N GLU B 262 -9.00 -45.27 2.07
CA GLU B 262 -10.31 -45.87 2.30
C GLU B 262 -10.90 -45.42 3.62
N ALA B 263 -10.14 -45.61 4.70
CA ALA B 263 -10.60 -45.20 6.03
C ALA B 263 -11.02 -43.74 6.00
N GLY B 264 -10.30 -42.94 5.22
CA GLY B 264 -10.62 -41.53 5.11
C GLY B 264 -11.94 -41.32 4.40
N LYS B 265 -12.11 -41.97 3.25
CA LYS B 265 -13.34 -41.85 2.47
C LYS B 265 -14.56 -42.27 3.26
N GLN B 266 -14.46 -43.40 3.97
CA GLN B 266 -15.58 -43.89 4.76
C GLN B 266 -15.85 -43.00 5.96
N ALA B 267 -14.80 -42.47 6.57
CA ALA B 267 -14.95 -41.60 7.73
C ALA B 267 -15.65 -40.32 7.31
N ALA B 268 -15.37 -39.86 6.09
CA ALA B 268 -15.98 -38.64 5.58
C ALA B 268 -17.49 -38.81 5.49
N GLN B 269 -17.92 -39.90 4.86
CA GLN B 269 -19.34 -40.20 4.72
C GLN B 269 -19.95 -40.28 6.12
N LYS B 270 -19.21 -40.90 7.02
CA LYS B 270 -19.65 -41.05 8.40
C LYS B 270 -19.86 -39.68 9.07
N LEU B 271 -18.89 -38.78 8.92
CA LEU B 271 -18.99 -37.46 9.52
C LEU B 271 -20.17 -36.69 8.93
N GLU B 272 -20.38 -36.85 7.63
CA GLU B 272 -21.48 -36.19 6.94
C GLU B 272 -22.80 -36.65 7.54
N GLN B 273 -22.95 -37.95 7.73
CA GLN B 273 -24.18 -38.48 8.32
C GLN B 273 -24.32 -37.98 9.76
N PHE B 274 -23.21 -37.99 10.48
CA PHE B 274 -23.17 -37.55 11.88
C PHE B 274 -23.63 -36.09 12.03
N VAL B 275 -23.14 -35.21 11.16
CA VAL B 275 -23.53 -33.81 11.25
C VAL B 275 -25.01 -33.64 10.93
N SER B 276 -25.51 -34.38 9.95
CA SER B 276 -26.92 -34.29 9.58
C SER B 276 -27.81 -34.63 10.77
N LEU B 277 -27.49 -35.75 11.41
CA LEU B 277 -28.25 -36.19 12.58
C LEU B 277 -28.20 -35.14 13.68
N LEU B 278 -27.02 -34.56 13.89
CA LEU B 278 -26.83 -33.55 14.91
C LEU B 278 -27.69 -32.30 14.72
N MET B 279 -28.21 -32.11 13.51
CA MET B 279 -29.05 -30.94 13.24
C MET B 279 -30.27 -30.93 14.16
N ALA B 280 -30.81 -32.12 14.44
CA ALA B 280 -31.99 -32.22 15.30
C ALA B 280 -31.70 -31.97 16.78
N SER B 281 -30.43 -31.86 17.15
CA SER B 281 -30.07 -31.61 18.54
C SER B 281 -29.71 -30.15 18.81
N ILE B 282 -29.70 -29.33 17.76
CA ILE B 282 -29.38 -27.91 17.91
C ILE B 282 -30.60 -27.20 18.48
N PRO B 283 -30.43 -26.44 19.57
CA PRO B 283 -31.53 -25.72 20.21
C PRO B 283 -32.32 -24.73 19.35
N VAL B 284 -33.45 -24.28 19.90
CA VAL B 284 -34.36 -23.34 19.23
C VAL B 284 -34.92 -23.96 17.96
N MET C 1 2.18 -12.08 3.54
CA MET C 1 2.36 -11.63 2.14
C MET C 1 2.34 -12.84 1.21
N GLN C 2 1.61 -12.72 0.11
CA GLN C 2 1.45 -13.80 -0.86
C GLN C 2 2.54 -13.89 -1.95
N ASN C 3 3.71 -13.33 -1.68
CA ASN C 3 4.80 -13.34 -2.65
C ASN C 3 4.48 -12.42 -3.82
N GLY C 4 4.97 -11.19 -3.73
CA GLY C 4 5.15 -10.50 -5.13
C GLY C 4 5.87 -10.82 -6.43
N TYR C 5 6.54 -11.96 -6.49
CA TYR C 5 7.24 -12.35 -7.72
C TYR C 5 6.35 -13.24 -8.55
N THR C 6 6.43 -13.09 -9.87
CA THR C 6 5.66 -13.93 -10.77
C THR C 6 6.62 -14.97 -11.34
N TYR C 7 6.09 -16.09 -11.80
CA TYR C 7 6.93 -17.15 -12.37
C TYR C 7 7.90 -16.61 -13.41
N GLU C 8 7.42 -15.77 -14.31
CA GLU C 8 8.28 -15.21 -15.34
C GLU C 8 9.43 -14.39 -14.78
N ASP C 9 9.29 -13.85 -13.58
CA ASP C 9 10.38 -13.08 -12.96
C ASP C 9 11.55 -14.02 -12.66
N TYR C 10 11.25 -15.19 -12.11
CA TYR C 10 12.27 -16.19 -11.80
C TYR C 10 12.93 -16.62 -13.12
N GLN C 11 12.12 -16.86 -14.13
CA GLN C 11 12.62 -17.26 -15.45
C GLN C 11 13.54 -16.18 -16.03
N ASP C 12 13.09 -14.93 -15.98
CA ASP C 12 13.88 -13.83 -16.50
C ASP C 12 15.25 -13.77 -15.83
N THR C 13 15.27 -13.86 -14.51
CA THR C 13 16.53 -13.82 -13.78
C THR C 13 17.44 -15.00 -14.12
N ALA C 14 16.85 -16.17 -14.30
CA ALA C 14 17.64 -17.36 -14.63
C ALA C 14 18.22 -17.21 -16.04
N LYS C 15 17.39 -16.76 -16.96
CA LYS C 15 17.82 -16.58 -18.35
C LYS C 15 18.97 -15.59 -18.42
N TRP C 16 18.88 -14.53 -17.62
CA TRP C 16 19.92 -13.50 -17.59
C TRP C 16 21.24 -14.10 -17.14
N LEU C 17 21.20 -14.84 -16.03
CA LEU C 17 22.39 -15.47 -15.49
C LEU C 17 22.98 -16.49 -16.47
N LEU C 18 22.12 -17.30 -17.08
CA LEU C 18 22.56 -18.30 -18.03
C LEU C 18 23.21 -17.72 -19.28
N SER C 19 22.83 -16.49 -19.63
CA SER C 19 23.40 -15.84 -20.81
C SER C 19 24.65 -15.04 -20.47
N HIS C 20 24.87 -14.77 -19.18
CA HIS C 20 26.05 -14.01 -18.77
C HIS C 20 27.21 -14.88 -18.28
N THR C 21 26.99 -16.19 -18.22
CA THR C 21 28.02 -17.12 -17.80
C THR C 21 27.77 -18.44 -18.50
N GLU C 22 28.85 -19.16 -18.81
CA GLU C 22 28.74 -20.44 -19.48
C GLU C 22 28.72 -21.59 -18.46
N GLN C 23 28.99 -21.26 -17.20
CA GLN C 23 29.01 -22.27 -16.15
C GLN C 23 27.61 -22.80 -15.83
N ARG C 24 27.50 -24.10 -15.63
CA ARG C 24 26.23 -24.74 -15.30
C ARG C 24 26.37 -25.42 -13.94
N PRO C 25 26.14 -24.67 -12.86
CA PRO C 25 26.26 -25.23 -11.50
C PRO C 25 25.22 -26.28 -11.17
N GLN C 26 25.64 -27.28 -10.40
CA GLN C 26 24.76 -28.36 -9.98
C GLN C 26 24.51 -28.21 -8.49
N VAL C 27 25.37 -27.40 -7.85
CA VAL C 27 25.28 -27.16 -6.42
C VAL C 27 25.19 -25.67 -6.09
N ALA C 28 24.37 -25.34 -5.10
CA ALA C 28 24.21 -23.97 -4.66
C ALA C 28 24.58 -23.94 -3.20
N VAL C 29 25.33 -22.91 -2.81
CA VAL C 29 25.75 -22.77 -1.43
C VAL C 29 25.43 -21.37 -0.93
N ILE C 30 24.72 -21.30 0.20
CA ILE C 30 24.41 -20.02 0.81
C ILE C 30 25.33 -19.92 2.02
N CYS C 31 26.28 -18.98 1.96
CA CYS C 31 27.24 -18.80 3.03
C CYS C 31 26.67 -18.01 4.19
N GLY C 32 26.81 -18.55 5.40
CA GLY C 32 26.31 -17.86 6.57
C GLY C 32 27.25 -16.74 6.98
N SER C 33 26.94 -16.07 8.09
CA SER C 33 27.77 -14.97 8.58
C SER C 33 29.13 -15.52 8.99
N GLY C 34 30.19 -14.89 8.48
CA GLY C 34 31.54 -15.32 8.83
C GLY C 34 32.05 -16.47 7.98
N LEU C 35 31.17 -17.01 7.13
CA LEU C 35 31.54 -18.13 6.26
C LEU C 35 31.80 -17.66 4.83
N GLY C 36 31.72 -16.35 4.63
CA GLY C 36 31.94 -15.78 3.31
C GLY C 36 33.23 -16.17 2.64
N GLY C 37 34.26 -16.47 3.43
CA GLY C 37 35.54 -16.86 2.87
C GLY C 37 35.48 -18.06 1.96
N LEU C 38 34.32 -18.71 1.91
CA LEU C 38 34.15 -19.89 1.07
C LEU C 38 34.27 -19.51 -0.41
N VAL C 39 33.86 -18.29 -0.75
CA VAL C 39 33.94 -17.80 -2.12
C VAL C 39 35.37 -17.92 -2.62
N ASN C 40 36.33 -17.70 -1.73
CA ASN C 40 37.73 -17.85 -2.09
C ASN C 40 37.85 -19.37 -2.23
N LYS C 41 38.97 -19.88 -2.71
CA LYS C 41 39.11 -21.32 -2.84
C LYS C 41 38.21 -21.85 -3.96
N LEU C 42 37.59 -20.92 -4.67
CA LEU C 42 36.71 -21.26 -5.79
C LEU C 42 37.52 -20.88 -7.04
N THR C 43 37.69 -21.82 -7.97
CA THR C 43 38.46 -21.54 -9.18
C THR C 43 37.56 -21.17 -10.36
N GLN C 44 38.14 -20.49 -11.35
CA GLN C 44 37.39 -20.05 -12.53
C GLN C 44 36.11 -19.35 -12.09
N ALA C 45 36.24 -18.50 -11.07
CA ALA C 45 35.11 -17.79 -10.53
C ALA C 45 34.68 -16.58 -11.34
N GLN C 46 33.36 -16.40 -11.45
CA GLN C 46 32.77 -15.28 -12.15
C GLN C 46 31.80 -14.69 -11.14
N THR C 47 31.88 -13.39 -10.91
CA THR C 47 31.02 -12.75 -9.92
C THR C 47 30.00 -11.74 -10.45
N PHE C 48 28.86 -11.70 -9.79
CA PHE C 48 27.77 -10.79 -10.14
C PHE C 48 27.26 -10.13 -8.87
N ASP C 49 27.17 -8.81 -8.87
CA ASP C 49 26.65 -8.10 -7.71
C ASP C 49 25.15 -8.32 -7.67
N TYR C 50 24.60 -8.53 -6.48
CA TYR C 50 23.16 -8.72 -6.34
C TYR C 50 22.41 -7.56 -6.99
N SER C 51 22.95 -6.35 -6.84
CA SER C 51 22.34 -5.14 -7.38
C SER C 51 22.17 -5.08 -8.89
N GLU C 52 23.04 -5.75 -9.64
CA GLU C 52 22.94 -5.73 -11.09
C GLU C 52 22.08 -6.87 -11.66
N ILE C 53 21.85 -7.89 -10.85
CA ILE C 53 21.04 -9.03 -11.28
C ILE C 53 19.57 -8.65 -11.24
N PRO C 54 18.86 -8.79 -12.37
CA PRO C 54 17.44 -8.46 -12.45
C PRO C 54 16.60 -9.20 -11.41
N ASN C 55 15.70 -8.46 -10.75
CA ASN C 55 14.79 -8.99 -9.75
C ASN C 55 15.43 -9.40 -8.42
N PHE C 56 16.72 -9.16 -8.29
CA PHE C 56 17.45 -9.80 -7.16
C PHE C 56 17.30 -8.80 -6.01
N PRO C 57 17.04 -9.30 -4.80
CA PRO C 57 16.92 -8.39 -3.66
C PRO C 57 18.30 -7.77 -3.47
N GLU C 58 18.38 -6.59 -2.88
CA GLU C 58 19.68 -5.96 -2.67
C GLU C 58 20.02 -5.92 -1.18
N SER C 59 21.31 -6.01 -0.87
CA SER C 59 21.77 -6.02 0.52
C SER C 59 21.37 -4.73 1.23
N THR C 60 21.20 -4.81 2.55
CA THR C 60 20.81 -3.65 3.33
C THR C 60 21.99 -2.97 4.02
N VAL C 61 22.92 -3.76 4.54
CA VAL C 61 24.08 -3.20 5.23
C VAL C 61 24.95 -2.39 4.27
N PRO C 62 25.14 -1.09 4.56
CA PRO C 62 25.95 -0.20 3.73
C PRO C 62 27.41 -0.64 3.67
N GLY C 63 28.00 -0.56 2.47
CA GLY C 63 29.39 -0.93 2.31
C GLY C 63 29.67 -2.40 2.09
N HIS C 64 28.65 -3.25 2.24
CA HIS C 64 28.84 -4.67 2.04
C HIS C 64 27.77 -5.30 1.15
N ALA C 65 27.66 -4.79 -0.08
CA ALA C 65 26.69 -5.29 -1.03
C ALA C 65 27.03 -6.73 -1.37
N GLY C 66 26.02 -7.58 -1.45
CA GLY C 66 26.23 -8.99 -1.73
C GLY C 66 26.63 -9.31 -3.16
N ARG C 67 27.11 -10.54 -3.37
CA ARG C 67 27.55 -10.99 -4.68
C ARG C 67 27.18 -12.44 -4.89
N LEU C 68 26.90 -12.79 -6.14
CA LEU C 68 26.58 -14.16 -6.48
C LEU C 68 27.84 -14.63 -7.22
N VAL C 69 28.47 -15.70 -6.75
CA VAL C 69 29.69 -16.17 -7.40
C VAL C 69 29.58 -17.57 -7.96
N PHE C 70 29.97 -17.72 -9.23
CA PHE C 70 29.95 -19.00 -9.92
C PHE C 70 31.38 -19.50 -10.03
N GLY C 71 31.59 -20.78 -9.76
CA GLY C 71 32.92 -21.33 -9.84
C GLY C 71 33.02 -22.81 -9.49
N ILE C 72 34.25 -23.31 -9.43
CA ILE C 72 34.52 -24.71 -9.12
C ILE C 72 35.07 -24.77 -7.69
N LEU C 73 34.48 -25.61 -6.86
CA LEU C 73 34.94 -25.71 -5.48
C LEU C 73 35.96 -26.85 -5.36
N ASN C 74 35.46 -28.07 -5.28
CA ASN C 74 36.35 -29.23 -5.18
C ASN C 74 35.97 -30.19 -6.29
N GLY C 75 36.16 -29.73 -7.52
CA GLY C 75 35.85 -30.52 -8.69
C GLY C 75 34.37 -30.43 -9.03
N ARG C 76 33.65 -29.57 -8.33
CA ARG C 76 32.23 -29.43 -8.59
C ARG C 76 31.83 -27.98 -8.88
N ALA C 77 31.12 -27.79 -9.99
CA ALA C 77 30.66 -26.47 -10.38
C ALA C 77 29.51 -26.04 -9.49
N CYS C 78 29.57 -24.82 -8.98
CA CYS C 78 28.50 -24.33 -8.13
C CYS C 78 28.36 -22.82 -8.16
N VAL C 79 27.34 -22.34 -7.47
CA VAL C 79 27.08 -20.92 -7.37
C VAL C 79 26.87 -20.63 -5.89
N MET C 80 27.53 -19.59 -5.40
CA MET C 80 27.44 -19.24 -3.99
C MET C 80 26.92 -17.84 -3.73
N MET C 81 26.19 -17.70 -2.63
CA MET C 81 25.68 -16.41 -2.23
C MET C 81 26.62 -15.90 -1.15
N GLN C 82 27.22 -14.73 -1.39
CA GLN C 82 28.09 -14.11 -0.41
C GLN C 82 27.32 -12.90 0.07
N GLY C 83 26.68 -13.06 1.22
CA GLY C 83 25.85 -12.00 1.77
C GLY C 83 24.45 -12.58 1.69
N ARG C 84 23.62 -12.33 2.69
CA ARG C 84 22.28 -12.88 2.66
C ARG C 84 21.21 -11.87 3.05
N PHE C 85 19.97 -12.35 3.03
CA PHE C 85 18.83 -11.51 3.37
C PHE C 85 18.13 -12.12 4.57
N HIS C 86 17.79 -11.30 5.55
CA HIS C 86 17.13 -11.78 6.76
C HIS C 86 15.80 -11.07 6.95
N MET C 87 14.86 -11.78 7.56
CA MET C 87 13.55 -11.21 7.85
C MET C 87 13.71 -9.98 8.75
N TYR C 88 14.62 -10.05 9.72
CA TYR C 88 14.80 -8.91 10.64
C TYR C 88 15.26 -7.63 9.95
N GLU C 89 15.80 -7.75 8.75
CA GLU C 89 16.25 -6.57 7.99
C GLU C 89 15.10 -5.91 7.24
N GLY C 90 13.94 -6.58 7.22
CA GLY C 90 12.78 -6.00 6.54
C GLY C 90 12.30 -6.74 5.31
N TYR C 91 13.03 -7.78 4.91
CA TYR C 91 12.65 -8.56 3.74
C TYR C 91 11.56 -9.57 4.04
N PRO C 92 10.53 -9.65 3.18
CA PRO C 92 9.50 -10.66 3.47
C PRO C 92 10.19 -11.95 3.00
N PHE C 93 9.70 -13.11 3.40
CA PHE C 93 10.35 -14.33 2.99
C PHE C 93 10.33 -14.58 1.48
N TRP C 94 9.34 -14.05 0.76
CA TRP C 94 9.33 -14.29 -0.67
C TRP C 94 10.52 -13.61 -1.36
N LYS C 95 11.11 -12.62 -0.69
CA LYS C 95 12.30 -11.96 -1.24
C LYS C 95 13.55 -12.71 -0.75
N VAL C 96 13.55 -13.06 0.53
CA VAL C 96 14.67 -13.77 1.12
C VAL C 96 15.01 -15.02 0.31
N THR C 97 13.97 -15.77 -0.06
CA THR C 97 14.14 -17.02 -0.79
C THR C 97 14.18 -16.95 -2.31
N PHE C 98 13.98 -15.77 -2.89
CA PHE C 98 13.98 -15.63 -4.35
C PHE C 98 15.14 -16.39 -5.03
N PRO C 99 16.37 -16.28 -4.50
CA PRO C 99 17.52 -16.97 -5.10
C PRO C 99 17.39 -18.49 -5.23
N VAL C 100 16.73 -19.13 -4.26
CA VAL C 100 16.56 -20.58 -4.28
C VAL C 100 15.80 -21.06 -5.51
N ARG C 101 14.74 -20.36 -5.87
CA ARG C 101 13.97 -20.75 -7.04
C ARG C 101 14.75 -20.49 -8.31
N VAL C 102 15.53 -19.41 -8.32
CA VAL C 102 16.36 -19.11 -9.48
C VAL C 102 17.36 -20.26 -9.66
N PHE C 103 17.97 -20.70 -8.56
CA PHE C 103 18.95 -21.79 -8.65
C PHE C 103 18.34 -23.03 -9.27
N ARG C 104 17.10 -23.34 -8.86
CA ARG C 104 16.36 -24.48 -9.38
C ARG C 104 16.24 -24.37 -10.92
N LEU C 105 15.88 -23.18 -11.39
CA LEU C 105 15.75 -22.95 -12.83
C LEU C 105 17.10 -22.97 -13.54
N LEU C 106 18.17 -22.71 -12.81
CA LEU C 106 19.51 -22.74 -13.39
C LEU C 106 19.97 -24.17 -13.59
N GLY C 107 19.26 -25.11 -12.97
CA GLY C 107 19.63 -26.51 -13.10
C GLY C 107 20.32 -27.05 -11.85
N VAL C 108 20.25 -26.30 -10.76
CA VAL C 108 20.85 -26.74 -9.50
C VAL C 108 19.98 -27.85 -8.91
N GLU C 109 20.61 -28.88 -8.35
CA GLU C 109 19.87 -29.99 -7.76
C GLU C 109 20.09 -30.11 -6.25
N THR C 110 21.12 -29.45 -5.75
CA THR C 110 21.41 -29.52 -4.32
C THR C 110 21.75 -28.16 -3.71
N LEU C 111 21.12 -27.86 -2.58
CA LEU C 111 21.36 -26.62 -1.87
C LEU C 111 22.07 -26.89 -0.55
N VAL C 112 23.18 -26.19 -0.33
CA VAL C 112 23.94 -26.33 0.91
C VAL C 112 23.73 -25.03 1.65
N VAL C 113 23.18 -25.11 2.85
CA VAL C 113 22.92 -23.92 3.67
C VAL C 113 23.75 -23.94 4.94
N THR C 114 24.38 -22.81 5.25
CA THR C 114 25.18 -22.71 6.46
C THR C 114 24.80 -21.43 7.19
N ASN C 115 25.06 -21.41 8.49
CA ASN C 115 24.77 -20.25 9.29
C ASN C 115 25.49 -20.31 10.63
N ALA C 116 25.45 -19.20 11.36
CA ALA C 116 26.05 -19.12 12.68
C ALA C 116 24.84 -19.21 13.59
N ALA C 117 24.97 -19.88 14.72
CA ALA C 117 23.83 -20.00 15.62
C ALA C 117 24.24 -20.08 17.07
N GLY C 118 23.26 -19.86 17.94
CA GLY C 118 23.50 -19.93 19.37
C GLY C 118 23.23 -21.35 19.82
N GLY C 119 24.10 -21.87 20.68
CA GLY C 119 23.90 -23.22 21.17
C GLY C 119 22.94 -23.30 22.33
N LEU C 120 21.98 -24.21 22.25
CA LEU C 120 20.99 -24.42 23.29
C LEU C 120 21.30 -25.74 23.99
N ASN C 121 21.83 -26.69 23.23
CA ASN C 121 22.20 -28.01 23.74
C ASN C 121 23.40 -27.79 24.68
N PRO C 122 23.31 -28.29 25.92
CA PRO C 122 24.39 -28.14 26.88
C PRO C 122 25.70 -28.80 26.46
N ASN C 123 25.62 -29.77 25.56
CA ASN C 123 26.82 -30.45 25.09
C ASN C 123 27.60 -29.68 24.02
N PHE C 124 27.01 -28.64 23.46
CA PHE C 124 27.71 -27.86 22.43
C PHE C 124 28.68 -26.85 23.04
N GLU C 125 29.76 -26.59 22.31
CA GLU C 125 30.77 -25.63 22.75
C GLU C 125 31.00 -24.68 21.59
N VAL C 126 31.50 -23.48 21.90
CA VAL C 126 31.77 -22.50 20.87
C VAL C 126 32.77 -23.10 19.87
N GLY C 127 32.46 -22.99 18.59
CA GLY C 127 33.35 -23.55 17.58
C GLY C 127 32.87 -24.90 17.07
N ASP C 128 31.85 -25.47 17.72
CA ASP C 128 31.31 -26.74 17.28
C ASP C 128 30.55 -26.56 15.95
N ILE C 129 30.55 -27.59 15.13
CA ILE C 129 29.82 -27.57 13.87
C ILE C 129 28.65 -28.52 14.04
N MET C 130 27.43 -28.00 13.86
CA MET C 130 26.24 -28.82 14.02
C MET C 130 25.50 -29.07 12.71
N LEU C 131 25.46 -30.34 12.32
CA LEU C 131 24.76 -30.75 11.10
C LEU C 131 23.28 -30.58 11.41
N ILE C 132 22.56 -29.88 10.55
CA ILE C 132 21.14 -29.68 10.80
C ILE C 132 20.40 -30.96 10.41
N ARG C 133 19.77 -31.58 11.41
CA ARG C 133 19.03 -32.81 11.18
C ARG C 133 17.56 -32.50 11.01
N ASP C 134 17.13 -31.35 11.50
CA ASP C 134 15.72 -30.99 11.44
C ASP C 134 15.58 -29.54 11.89
N HIS C 135 14.37 -28.97 11.81
CA HIS C 135 14.18 -27.60 12.26
C HIS C 135 12.80 -27.34 12.81
N ILE C 136 12.69 -26.18 13.47
CA ILE C 136 11.43 -25.73 14.04
C ILE C 136 11.23 -24.34 13.44
N ASN C 137 10.15 -24.17 12.69
CA ASN C 137 9.89 -22.89 12.04
C ASN C 137 8.88 -22.06 12.83
N LEU C 138 9.36 -21.28 13.80
CA LEU C 138 8.45 -20.47 14.61
C LEU C 138 7.64 -19.46 13.79
N PRO C 139 8.30 -18.71 12.88
CA PRO C 139 7.52 -17.75 12.09
C PRO C 139 6.44 -18.47 11.29
N GLY C 140 6.78 -19.66 10.80
CA GLY C 140 5.84 -20.45 10.02
C GLY C 140 4.58 -20.80 10.78
N PHE C 141 4.68 -20.91 12.10
CA PHE C 141 3.51 -21.22 12.90
C PHE C 141 2.44 -20.13 12.79
N SER C 142 2.85 -18.87 12.67
CA SER C 142 1.88 -17.78 12.56
C SER C 142 1.54 -17.39 11.11
N GLY C 143 2.08 -18.13 10.15
CA GLY C 143 1.77 -17.84 8.76
C GLY C 143 2.85 -17.15 7.93
N GLN C 144 3.91 -16.69 8.56
CA GLN C 144 5.02 -16.04 7.84
C GLN C 144 5.74 -17.17 7.13
N ASN C 145 5.44 -17.34 5.86
CA ASN C 145 5.99 -18.45 5.09
C ASN C 145 6.25 -18.02 3.65
N PRO C 146 7.41 -18.41 3.08
CA PRO C 146 7.70 -18.03 1.70
C PRO C 146 6.74 -18.64 0.68
N LEU C 147 5.99 -19.65 1.11
CA LEU C 147 5.04 -20.31 0.21
C LEU C 147 3.63 -19.75 0.32
N ARG C 148 3.45 -18.74 1.17
CA ARG C 148 2.13 -18.15 1.35
C ARG C 148 1.66 -17.52 0.05
N GLY C 149 0.39 -17.76 -0.28
CA GLY C 149 -0.19 -17.25 -1.50
C GLY C 149 -0.57 -18.41 -2.42
N PRO C 150 -1.17 -18.13 -3.58
CA PRO C 150 -1.54 -19.23 -4.47
C PRO C 150 -0.30 -20.06 -4.80
N ASN C 151 -0.45 -21.37 -4.88
CA ASN C 151 0.70 -22.21 -5.17
C ASN C 151 1.08 -22.22 -6.65
N GLU C 152 2.38 -22.13 -6.92
CA GLU C 152 2.85 -22.15 -8.29
C GLU C 152 3.25 -23.60 -8.59
N GLU C 153 2.35 -24.34 -9.23
CA GLU C 153 2.55 -25.75 -9.57
C GLU C 153 3.80 -26.01 -10.42
N ARG C 154 4.29 -25.00 -11.12
CA ARG C 154 5.47 -25.21 -11.94
C ARG C 154 6.71 -25.41 -11.07
N PHE C 155 6.61 -25.04 -9.80
CA PHE C 155 7.73 -25.22 -8.86
C PHE C 155 7.52 -26.45 -7.97
N GLY C 156 6.34 -26.55 -7.37
CA GLY C 156 6.05 -27.67 -6.48
C GLY C 156 4.59 -27.82 -6.11
N VAL C 157 4.31 -28.66 -5.11
CA VAL C 157 2.94 -28.92 -4.68
C VAL C 157 2.41 -27.93 -3.68
N ARG C 158 1.11 -27.98 -3.44
CA ARG C 158 0.48 -27.08 -2.49
C ARG C 158 0.91 -27.32 -1.04
N PHE C 159 0.98 -28.59 -0.64
CA PHE C 159 1.34 -28.95 0.73
C PHE C 159 2.61 -29.80 0.82
N PRO C 160 3.79 -29.20 0.55
CA PRO C 160 5.03 -29.99 0.62
C PRO C 160 5.35 -30.50 2.01
N ALA C 161 5.85 -31.73 2.09
CA ALA C 161 6.22 -32.32 3.37
C ALA C 161 7.59 -31.76 3.78
N MET C 162 7.80 -31.61 5.08
CA MET C 162 9.07 -31.12 5.60
C MET C 162 9.70 -32.12 6.57
N SER C 163 9.07 -33.27 6.75
CA SER C 163 9.59 -34.28 7.66
C SER C 163 10.92 -34.87 7.22
N ASP C 164 11.23 -34.76 5.93
CA ASP C 164 12.49 -35.30 5.41
C ASP C 164 13.30 -34.25 4.64
N ALA C 165 13.22 -33.00 5.08
CA ALA C 165 13.91 -31.89 4.42
C ALA C 165 15.43 -32.00 4.37
N TYR C 166 16.04 -32.50 5.43
CA TYR C 166 17.50 -32.63 5.45
C TYR C 166 17.94 -34.02 5.01
N ASP C 167 18.41 -34.09 3.77
CA ASP C 167 18.85 -35.32 3.14
C ASP C 167 19.59 -36.30 4.05
N ARG C 168 18.99 -37.47 4.26
CA ARG C 168 19.59 -38.50 5.10
C ARG C 168 20.94 -38.97 4.59
N ASP C 169 21.01 -39.24 3.29
CA ASP C 169 22.26 -39.71 2.70
C ASP C 169 23.41 -38.74 2.93
N MET C 170 23.17 -37.45 2.69
CA MET C 170 24.23 -36.46 2.90
C MET C 170 24.63 -36.42 4.37
N ARG C 171 23.66 -36.65 5.25
CA ARG C 171 23.95 -36.64 6.67
C ARG C 171 24.89 -37.81 7.01
N GLN C 172 24.67 -38.96 6.38
CA GLN C 172 25.53 -40.11 6.62
C GLN C 172 26.93 -39.84 6.06
N LYS C 173 26.99 -39.19 4.90
CA LYS C 173 28.27 -38.87 4.28
C LYS C 173 29.02 -37.78 5.04
N ALA C 174 28.28 -36.86 5.66
CA ALA C 174 28.90 -35.78 6.42
C ALA C 174 29.68 -36.37 7.60
N HIS C 175 29.03 -37.28 8.33
CA HIS C 175 29.66 -37.92 9.47
C HIS C 175 30.87 -38.75 9.08
N SER C 176 30.77 -39.44 7.94
CA SER C 176 31.88 -40.27 7.46
C SER C 176 33.04 -39.39 7.02
N THR C 177 32.74 -38.32 6.31
CA THR C 177 33.78 -37.40 5.84
C THR C 177 34.48 -36.71 6.99
N TRP C 178 33.72 -36.33 8.01
CA TRP C 178 34.27 -35.66 9.17
C TRP C 178 35.31 -36.55 9.83
N LYS C 179 35.04 -37.85 9.86
CA LYS C 179 35.95 -38.82 10.44
C LYS C 179 37.31 -38.70 9.77
N GLN C 180 37.31 -38.83 8.44
CA GLN C 180 38.54 -38.74 7.66
C GLN C 180 39.35 -37.51 8.05
N MET C 181 38.67 -36.39 8.28
CA MET C 181 39.35 -35.16 8.66
C MET C 181 40.13 -35.32 9.97
N GLY C 182 39.77 -36.33 10.75
CA GLY C 182 40.45 -36.59 12.01
C GLY C 182 40.50 -35.38 12.95
N GLU C 183 39.36 -34.74 13.16
CA GLU C 183 39.28 -33.58 14.04
C GLU C 183 39.27 -34.06 15.49
N GLN C 184 39.55 -33.15 16.42
CA GLN C 184 39.57 -33.50 17.83
C GLN C 184 38.13 -33.52 18.35
N ARG C 185 37.37 -32.48 18.01
CA ARG C 185 35.98 -32.36 18.43
C ARG C 185 35.10 -33.17 17.47
N GLU C 186 33.97 -33.66 17.98
CA GLU C 186 33.05 -34.44 17.16
C GLU C 186 32.07 -33.56 16.41
N LEU C 187 31.57 -34.08 15.29
CA LEU C 187 30.60 -33.35 14.48
C LEU C 187 29.26 -33.48 15.18
N GLN C 188 28.74 -32.36 15.67
CA GLN C 188 27.46 -32.36 16.37
C GLN C 188 26.30 -32.47 15.39
N GLU C 189 25.12 -32.70 15.93
CA GLU C 189 23.91 -32.88 15.12
C GLU C 189 22.71 -32.42 15.94
N GLY C 190 21.72 -31.81 15.29
CA GLY C 190 20.56 -31.36 16.05
C GLY C 190 19.50 -30.55 15.32
N THR C 191 18.54 -30.05 16.08
CA THR C 191 17.44 -29.25 15.54
C THR C 191 17.73 -27.75 15.60
N TYR C 192 17.60 -27.09 14.45
CA TYR C 192 17.82 -25.67 14.37
C TYR C 192 16.47 -24.96 14.50
N VAL C 193 16.38 -23.95 15.37
CA VAL C 193 15.11 -23.25 15.48
C VAL C 193 15.27 -21.82 14.97
N MET C 194 14.33 -21.36 14.16
CA MET C 194 14.41 -20.01 13.64
C MET C 194 13.42 -19.06 14.30
N LEU C 195 13.94 -17.93 14.75
CA LEU C 195 13.15 -16.87 15.39
C LEU C 195 13.36 -15.62 14.53
N GLY C 196 12.46 -14.65 14.67
CA GLY C 196 12.55 -13.44 13.87
C GLY C 196 13.78 -12.56 14.06
N GLY C 197 14.09 -12.21 15.30
CA GLY C 197 15.23 -11.34 15.56
C GLY C 197 14.75 -9.91 15.45
N PRO C 198 15.64 -8.90 15.46
CA PRO C 198 17.10 -8.97 15.58
C PRO C 198 17.70 -9.04 16.99
N ASN C 199 16.87 -8.86 18.02
CA ASN C 199 17.41 -8.90 19.37
C ASN C 199 17.70 -10.34 19.76
N PHE C 200 18.62 -10.53 20.72
CA PHE C 200 18.92 -11.86 21.18
C PHE C 200 17.92 -12.24 22.27
N GLU C 201 17.85 -13.52 22.58
CA GLU C 201 16.89 -14.04 23.55
C GLU C 201 17.07 -13.75 25.03
N THR C 202 15.96 -13.72 25.75
CA THR C 202 15.97 -13.51 27.19
C THR C 202 16.21 -14.92 27.71
N VAL C 203 16.47 -15.04 29.01
CA VAL C 203 16.68 -16.35 29.62
C VAL C 203 15.40 -17.18 29.50
N ALA C 204 14.26 -16.57 29.80
CA ALA C 204 12.99 -17.28 29.72
C ALA C 204 12.81 -17.88 28.32
N GLU C 205 13.10 -17.07 27.29
CA GLU C 205 12.95 -17.52 25.92
C GLU C 205 13.94 -18.64 25.59
N CYS C 206 15.18 -18.52 26.07
CA CYS C 206 16.17 -19.55 25.83
C CYS C 206 15.74 -20.88 26.44
N ARG C 207 15.24 -20.83 27.67
CA ARG C 207 14.80 -22.04 28.36
C ARG C 207 13.61 -22.64 27.63
N LEU C 208 12.72 -21.78 27.16
CA LEU C 208 11.52 -22.16 26.43
C LEU C 208 11.89 -22.90 25.15
N LEU C 209 12.84 -22.33 24.40
CA LEU C 209 13.28 -22.91 23.15
C LEU C 209 13.93 -24.29 23.33
N ARG C 210 14.69 -24.45 24.40
CA ARG C 210 15.33 -25.73 24.65
C ARG C 210 14.24 -26.77 24.91
N ASN C 211 13.26 -26.38 25.71
CA ASN C 211 12.14 -27.28 26.02
C ASN C 211 11.32 -27.64 24.79
N LEU C 212 11.41 -26.82 23.75
CA LEU C 212 10.68 -27.09 22.50
C LEU C 212 11.42 -28.16 21.70
N GLY C 213 12.63 -28.50 22.14
CA GLY C 213 13.42 -29.51 21.46
C GLY C 213 14.49 -28.95 20.53
N ALA C 214 14.77 -27.66 20.63
CA ALA C 214 15.77 -27.03 19.77
C ALA C 214 17.18 -27.18 20.32
N ASP C 215 18.15 -27.38 19.43
CA ASP C 215 19.55 -27.54 19.83
C ASP C 215 20.36 -26.27 19.54
N ALA C 216 19.93 -25.51 18.53
CA ALA C 216 20.59 -24.27 18.13
C ALA C 216 19.54 -23.25 17.68
N VAL C 217 19.81 -21.97 17.87
CA VAL C 217 18.87 -20.92 17.49
C VAL C 217 19.48 -19.88 16.56
N GLY C 218 18.70 -19.47 15.56
CA GLY C 218 19.15 -18.49 14.59
C GLY C 218 17.99 -17.71 14.00
N MET C 219 18.31 -16.81 13.06
CA MET C 219 17.29 -15.97 12.42
C MET C 219 17.27 -16.13 10.91
N SER C 220 17.60 -17.31 10.40
CA SER C 220 17.62 -17.51 8.95
C SER C 220 17.46 -18.97 8.56
N THR C 221 17.89 -19.25 7.33
CA THR C 221 17.92 -20.59 6.76
C THR C 221 16.62 -21.37 6.55
N VAL C 222 15.79 -21.48 7.58
CA VAL C 222 14.54 -22.21 7.46
C VAL C 222 13.72 -21.85 6.22
N PRO C 223 13.54 -20.55 5.94
CA PRO C 223 12.76 -20.16 4.76
C PRO C 223 13.35 -20.76 3.48
N GLU C 224 14.67 -20.66 3.33
CA GLU C 224 15.35 -21.17 2.17
C GLU C 224 15.18 -22.68 2.03
N VAL C 225 15.20 -23.39 3.15
CA VAL C 225 15.03 -24.84 3.14
C VAL C 225 13.62 -25.21 2.66
N ILE C 226 12.62 -24.47 3.16
CA ILE C 226 11.23 -24.73 2.79
C ILE C 226 11.00 -24.55 1.29
N VAL C 227 11.54 -23.48 0.73
CA VAL C 227 11.40 -23.22 -0.70
C VAL C 227 12.20 -24.24 -1.51
N ALA C 228 13.37 -24.62 -1.00
CA ALA C 228 14.22 -25.60 -1.68
C ALA C 228 13.48 -26.93 -1.80
N ARG C 229 12.94 -27.42 -0.69
CA ARG C 229 12.22 -28.69 -0.70
C ARG C 229 10.96 -28.62 -1.56
N HIS C 230 10.32 -27.45 -1.58
CA HIS C 230 9.12 -27.28 -2.39
C HIS C 230 9.42 -27.52 -3.88
N CYS C 231 10.54 -26.99 -4.36
CA CYS C 231 10.89 -27.19 -5.76
C CYS C 231 11.79 -28.39 -6.02
N GLY C 232 11.79 -29.34 -5.08
CA GLY C 232 12.56 -30.57 -5.23
C GLY C 232 14.06 -30.61 -5.07
N LEU C 233 14.65 -29.59 -4.44
CA LEU C 233 16.09 -29.58 -4.24
C LEU C 233 16.52 -30.47 -3.08
N ARG C 234 17.67 -31.12 -3.25
CA ARG C 234 18.22 -31.95 -2.18
C ARG C 234 18.86 -30.93 -1.25
N VAL C 235 18.67 -31.10 0.06
CA VAL C 235 19.20 -30.13 1.01
C VAL C 235 20.01 -30.69 2.19
N PHE C 236 21.07 -29.98 2.55
CA PHE C 236 21.87 -30.33 3.72
C PHE C 236 22.59 -29.07 4.18
N GLY C 237 22.85 -28.96 5.47
CA GLY C 237 23.49 -27.76 5.96
C GLY C 237 24.06 -27.84 7.36
N PHE C 238 24.68 -26.75 7.80
CA PHE C 238 25.29 -26.71 9.12
C PHE C 238 25.15 -25.38 9.82
N SER C 239 25.23 -25.44 11.15
CA SER C 239 25.20 -24.26 11.99
C SER C 239 26.56 -24.24 12.67
N LEU C 240 27.21 -23.08 12.68
CA LEU C 240 28.49 -22.93 13.35
C LEU C 240 28.09 -22.33 14.69
N ILE C 241 28.35 -23.05 15.77
CA ILE C 241 28.01 -22.56 17.09
C ILE C 241 29.01 -21.48 17.49
N THR C 242 28.60 -20.22 17.36
CA THR C 242 29.46 -19.08 17.68
C THR C 242 29.33 -18.61 19.12
N ASN C 243 28.27 -19.04 19.79
CA ASN C 243 28.03 -18.63 21.16
C ASN C 243 27.16 -19.62 21.90
N LYS C 244 27.36 -19.69 23.22
CA LYS C 244 26.58 -20.58 24.08
C LYS C 244 25.51 -19.74 24.77
N VAL C 245 24.25 -20.12 24.57
CA VAL C 245 23.13 -19.44 25.16
C VAL C 245 23.07 -19.64 26.69
N ILE C 246 22.79 -18.56 27.42
CA ILE C 246 22.69 -18.63 28.88
C ILE C 246 21.28 -19.04 29.31
N MET C 247 21.19 -20.11 30.10
CA MET C 247 19.92 -20.66 30.59
C MET C 247 19.73 -20.43 32.09
N ASP C 248 20.78 -20.01 32.77
CA ASP C 248 20.75 -19.80 34.21
C ASP C 248 20.61 -18.33 34.61
N TYR C 249 19.61 -18.02 35.43
CA TYR C 249 19.39 -16.65 35.87
C TYR C 249 20.50 -16.09 36.75
N GLU C 250 21.27 -16.96 37.38
CA GLU C 250 22.36 -16.52 38.24
C GLU C 250 23.67 -16.32 37.51
N SER C 251 23.78 -16.91 36.32
CA SER C 251 25.01 -16.79 35.54
C SER C 251 25.29 -15.35 35.12
N GLN C 252 26.53 -14.91 35.35
CA GLN C 252 26.93 -13.55 35.00
C GLN C 252 27.75 -13.54 33.71
N GLY C 264 34.10 -19.06 16.17
CA GLY C 264 34.40 -17.93 15.32
C GLY C 264 35.85 -17.92 14.87
N LYS C 265 36.06 -17.75 13.57
CA LYS C 265 37.39 -17.72 12.98
C LYS C 265 37.98 -19.13 12.95
N GLN C 266 37.69 -20.56 13.05
CA GLN C 266 38.80 -20.63 13.93
C GLN C 266 38.05 -21.83 13.35
N ALA C 267 36.70 -21.97 13.76
CA ALA C 267 35.82 -23.04 13.34
C ALA C 267 35.34 -22.66 11.94
N ALA C 268 35.31 -21.36 11.65
CA ALA C 268 34.87 -20.88 10.35
C ALA C 268 35.64 -21.56 9.22
N GLN C 269 36.96 -21.39 9.22
CA GLN C 269 37.81 -21.99 8.20
C GLN C 269 37.63 -23.50 8.19
N LYS C 270 37.42 -24.07 9.37
CA LYS C 270 37.22 -25.50 9.53
C LYS C 270 35.97 -25.92 8.74
N LEU C 271 34.88 -25.20 8.96
CA LEU C 271 33.62 -25.49 8.28
C LEU C 271 33.78 -25.31 6.77
N GLU C 272 34.61 -24.33 6.38
CA GLU C 272 34.83 -24.06 4.97
C GLU C 272 35.54 -25.21 4.26
N GLN C 273 36.56 -25.79 4.89
CA GLN C 273 37.25 -26.90 4.25
C GLN C 273 36.38 -28.16 4.30
N PHE C 274 35.52 -28.25 5.31
CA PHE C 274 34.63 -29.39 5.45
C PHE C 274 33.65 -29.38 4.28
N VAL C 275 33.04 -28.22 4.04
CA VAL C 275 32.08 -28.08 2.95
C VAL C 275 32.73 -28.39 1.62
N SER C 276 33.97 -27.95 1.44
CA SER C 276 34.69 -28.21 0.19
C SER C 276 34.85 -29.71 0.01
N LEU C 277 35.15 -30.40 1.11
CA LEU C 277 35.31 -31.85 1.09
C LEU C 277 34.02 -32.56 0.68
N LEU C 278 32.89 -32.11 1.22
CA LEU C 278 31.60 -32.72 0.92
C LEU C 278 31.17 -32.63 -0.53
N MET C 279 31.76 -31.72 -1.29
CA MET C 279 31.39 -31.58 -2.70
C MET C 279 31.52 -32.92 -3.42
N ALA C 280 32.59 -33.64 -3.10
CA ALA C 280 32.85 -34.94 -3.72
C ALA C 280 31.81 -35.99 -3.34
N SER C 281 31.10 -35.75 -2.25
CA SER C 281 30.08 -36.70 -1.80
C SER C 281 28.68 -36.42 -2.34
N ILE C 282 28.48 -35.25 -2.94
CA ILE C 282 27.17 -34.91 -3.49
C ILE C 282 26.93 -35.74 -4.74
N PRO C 283 25.84 -36.53 -4.76
CA PRO C 283 25.43 -37.40 -5.86
C PRO C 283 25.27 -36.81 -7.26
N VAL C 284 25.13 -37.71 -8.23
CA VAL C 284 24.95 -37.36 -9.64
C VAL C 284 26.13 -36.57 -10.21
N GLN D 2 -9.57 6.70 -5.32
CA GLN D 2 -10.88 6.32 -4.71
C GLN D 2 -10.94 6.66 -3.23
N ASN D 3 -11.99 7.38 -2.85
CA ASN D 3 -12.21 7.82 -1.46
C ASN D 3 -11.99 6.72 -0.41
N GLY D 4 -11.18 7.03 0.60
CA GLY D 4 -10.89 6.08 1.66
C GLY D 4 -11.83 6.15 2.86
N TYR D 5 -12.67 7.18 2.93
CA TYR D 5 -13.61 7.31 4.04
C TYR D 5 -14.92 6.60 3.72
N THR D 6 -15.53 5.99 4.74
CA THR D 6 -16.81 5.32 4.54
C THR D 6 -17.87 6.31 5.05
N TYR D 7 -19.14 6.09 4.72
CA TYR D 7 -20.19 7.00 5.14
C TYR D 7 -20.22 7.21 6.65
N GLU D 8 -20.05 6.12 7.40
CA GLU D 8 -20.09 6.21 8.84
C GLU D 8 -18.91 6.97 9.47
N ASP D 9 -17.83 7.15 8.71
CA ASP D 9 -16.69 7.91 9.23
C ASP D 9 -17.16 9.36 9.34
N TYR D 10 -17.81 9.84 8.29
CA TYR D 10 -18.33 11.21 8.29
C TYR D 10 -19.31 11.37 9.45
N GLN D 11 -20.18 10.38 9.64
CA GLN D 11 -21.17 10.43 10.71
C GLN D 11 -20.52 10.45 12.09
N ASP D 12 -19.46 9.66 12.28
CA ASP D 12 -18.79 9.61 13.57
C ASP D 12 -18.21 10.97 13.93
N THR D 13 -17.61 11.63 12.94
CA THR D 13 -17.02 12.94 13.17
C THR D 13 -18.09 13.98 13.45
N ALA D 14 -19.17 13.95 12.68
CA ALA D 14 -20.27 14.90 12.88
C ALA D 14 -20.85 14.71 14.28
N LYS D 15 -21.05 13.46 14.68
CA LYS D 15 -21.60 13.15 16.00
C LYS D 15 -20.68 13.65 17.11
N TRP D 16 -19.38 13.49 16.91
CA TRP D 16 -18.40 13.92 17.89
C TRP D 16 -18.51 15.44 18.07
N LEU D 17 -18.55 16.16 16.95
CA LEU D 17 -18.65 17.61 16.97
C LEU D 17 -19.96 18.08 17.61
N LEU D 18 -21.07 17.47 17.21
CA LEU D 18 -22.38 17.82 17.74
C LEU D 18 -22.49 17.55 19.24
N SER D 19 -21.67 16.64 19.75
CA SER D 19 -21.68 16.30 21.17
C SER D 19 -20.70 17.16 21.95
N HIS D 20 -19.78 17.81 21.25
CA HIS D 20 -18.78 18.65 21.91
C HIS D 20 -19.09 20.14 21.87
N THR D 21 -20.14 20.50 21.13
CA THR D 21 -20.57 21.89 21.08
C THR D 21 -22.07 21.92 20.91
N GLU D 22 -22.71 22.92 21.50
CA GLU D 22 -24.15 23.07 21.39
C GLU D 22 -24.50 23.95 20.19
N GLN D 23 -23.51 24.60 19.59
CA GLN D 23 -23.78 25.46 18.45
C GLN D 23 -24.26 24.63 17.25
N ARG D 24 -25.16 25.22 16.46
CA ARG D 24 -25.72 24.55 15.30
C ARG D 24 -25.66 25.47 14.09
N PRO D 25 -24.46 25.61 13.50
CA PRO D 25 -24.25 26.47 12.32
C PRO D 25 -25.01 26.04 11.07
N GLN D 26 -25.45 27.04 10.30
CA GLN D 26 -26.18 26.78 9.06
C GLN D 26 -25.26 27.16 7.91
N VAL D 27 -24.14 27.78 8.24
CA VAL D 27 -23.17 28.22 7.24
C VAL D 27 -21.75 27.83 7.61
N ALA D 28 -20.98 27.42 6.62
CA ALA D 28 -19.59 27.08 6.85
C ALA D 28 -18.76 28.01 5.99
N VAL D 29 -17.58 28.36 6.48
CA VAL D 29 -16.69 29.25 5.74
C VAL D 29 -15.29 28.68 5.75
N ILE D 30 -14.69 28.54 4.56
CA ILE D 30 -13.33 28.06 4.46
C ILE D 30 -12.48 29.29 4.17
N CYS D 31 -11.67 29.69 5.13
CA CYS D 31 -10.83 30.88 4.96
C CYS D 31 -9.55 30.57 4.19
N GLY D 32 -9.26 31.38 3.17
CA GLY D 32 -8.07 31.18 2.40
C GLY D 32 -6.84 31.69 3.14
N SER D 33 -5.70 31.72 2.47
CA SER D 33 -4.49 32.19 3.11
C SER D 33 -4.59 33.70 3.31
N GLY D 34 -4.19 34.17 4.49
CA GLY D 34 -4.25 35.59 4.78
C GLY D 34 -5.63 36.04 5.22
N LEU D 35 -6.62 35.17 5.09
CA LEU D 35 -7.97 35.54 5.50
C LEU D 35 -8.28 34.90 6.85
N GLY D 36 -7.23 34.40 7.49
CA GLY D 36 -7.38 33.76 8.79
C GLY D 36 -7.90 34.69 9.87
N GLY D 37 -7.86 35.99 9.61
CA GLY D 37 -8.34 36.96 10.58
C GLY D 37 -9.85 36.95 10.74
N LEU D 38 -10.52 36.25 9.84
CA LEU D 38 -11.98 36.19 9.90
C LEU D 38 -12.44 35.54 11.21
N VAL D 39 -11.65 34.59 11.74
CA VAL D 39 -12.01 33.94 13.00
C VAL D 39 -12.17 34.98 14.10
N ASN D 40 -11.38 36.04 14.04
CA ASN D 40 -11.53 37.12 15.01
C ASN D 40 -12.82 37.73 14.47
N LYS D 41 -13.50 38.58 15.22
CA LYS D 41 -14.76 39.16 14.72
C LYS D 41 -15.90 38.17 14.98
N LEU D 42 -15.53 36.98 15.46
CA LEU D 42 -16.49 35.88 15.57
C LEU D 42 -16.78 36.03 17.07
N THR D 43 -18.03 35.88 17.49
CA THR D 43 -18.35 35.97 18.91
C THR D 43 -18.77 34.60 19.44
N GLN D 44 -18.63 34.39 20.75
CA GLN D 44 -18.99 33.12 21.37
C GLN D 44 -18.27 31.97 20.66
N ALA D 45 -17.00 32.19 20.33
CA ALA D 45 -16.23 31.19 19.61
C ALA D 45 -15.76 30.01 20.44
N GLN D 46 -15.87 28.82 19.87
CA GLN D 46 -15.41 27.59 20.49
C GLN D 46 -14.53 26.96 19.43
N THR D 47 -13.27 26.71 19.79
CA THR D 47 -12.30 26.15 18.85
C THR D 47 -11.92 24.70 19.07
N PHE D 48 -11.72 23.99 17.97
CA PHE D 48 -11.29 22.59 17.99
C PHE D 48 -10.10 22.50 17.03
N ASP D 49 -8.96 22.03 17.51
CA ASP D 49 -7.81 21.88 16.62
C ASP D 49 -8.10 20.71 15.69
N TYR D 50 -7.76 20.84 14.42
CA TYR D 50 -8.01 19.76 13.46
C TYR D 50 -7.47 18.44 13.99
N SER D 51 -6.31 18.49 14.62
CA SER D 51 -5.66 17.29 15.15
C SER D 51 -6.49 16.49 16.15
N GLU D 52 -7.38 17.15 16.88
CA GLU D 52 -8.18 16.44 17.87
C GLU D 52 -9.51 15.92 17.35
N ILE D 53 -9.92 16.36 16.17
CA ILE D 53 -11.18 15.91 15.60
C ILE D 53 -10.99 14.55 14.92
N PRO D 54 -11.76 13.54 15.34
CA PRO D 54 -11.65 12.20 14.74
C PRO D 54 -11.78 12.22 13.21
N ASN D 55 -10.89 11.48 12.54
CA ASN D 55 -10.88 11.37 11.08
C ASN D 55 -10.45 12.61 10.31
N PHE D 56 -10.12 13.68 11.03
CA PHE D 56 -9.95 14.99 10.35
C PHE D 56 -8.51 14.97 9.90
N PRO D 57 -8.23 15.46 8.68
CA PRO D 57 -6.84 15.47 8.23
C PRO D 57 -6.13 16.48 9.13
N GLU D 58 -4.81 16.40 9.21
CA GLU D 58 -4.07 17.34 10.05
C GLU D 58 -3.16 18.19 9.19
N SER D 59 -3.00 19.44 9.60
CA SER D 59 -2.17 20.42 8.90
C SER D 59 -0.76 19.91 8.61
N THR D 60 -0.14 20.50 7.59
CA THR D 60 1.20 20.11 7.18
C THR D 60 2.26 21.13 7.59
N VAL D 61 2.00 22.41 7.32
CA VAL D 61 2.94 23.47 7.66
C VAL D 61 3.23 23.49 9.15
N PRO D 62 4.49 23.18 9.54
CA PRO D 62 4.90 23.17 10.94
C PRO D 62 4.58 24.49 11.65
N GLY D 63 4.13 24.38 12.90
CA GLY D 63 3.81 25.57 13.66
C GLY D 63 2.50 26.26 13.29
N HIS D 64 1.77 25.67 12.34
CA HIS D 64 0.50 26.26 11.93
C HIS D 64 -0.66 25.28 11.90
N ALA D 65 -0.84 24.53 12.98
CA ALA D 65 -1.92 23.57 13.08
C ALA D 65 -3.26 24.28 12.91
N GLY D 66 -4.06 23.83 11.95
CA GLY D 66 -5.36 24.43 11.70
C GLY D 66 -6.36 24.21 12.80
N ARG D 67 -7.46 24.97 12.75
CA ARG D 67 -8.52 24.87 13.75
C ARG D 67 -9.88 25.05 13.12
N LEU D 68 -10.88 24.35 13.66
CA LEU D 68 -12.26 24.46 13.20
C LEU D 68 -12.89 25.31 14.29
N VAL D 69 -13.46 26.46 13.92
CA VAL D 69 -14.06 27.35 14.91
C VAL D 69 -15.56 27.59 14.72
N PHE D 70 -16.32 27.33 15.78
CA PHE D 70 -17.76 27.57 15.75
C PHE D 70 -18.01 28.91 16.44
N GLY D 71 -18.80 29.77 15.80
CA GLY D 71 -19.07 31.07 16.40
C GLY D 71 -20.13 31.85 15.65
N ILE D 72 -20.43 33.04 16.15
CA ILE D 72 -21.44 33.89 15.53
C ILE D 72 -20.70 34.98 14.78
N LEU D 73 -21.01 35.15 13.50
CA LEU D 73 -20.30 36.16 12.71
C LEU D 73 -21.02 37.52 12.68
N ASN D 74 -22.15 37.56 11.99
CA ASN D 74 -22.91 38.82 11.89
C ASN D 74 -24.31 38.42 12.33
N GLY D 75 -24.38 37.85 13.54
CA GLY D 75 -25.64 37.40 14.10
C GLY D 75 -26.00 36.00 13.62
N ARG D 76 -25.20 35.49 12.68
CA ARG D 76 -25.42 34.17 12.09
C ARG D 76 -24.42 33.12 12.60
N ALA D 77 -24.93 31.99 13.05
CA ALA D 77 -24.08 30.92 13.56
C ALA D 77 -23.34 30.23 12.42
N CYS D 78 -22.04 30.06 12.58
CA CYS D 78 -21.29 29.39 11.53
C CYS D 78 -20.13 28.58 12.08
N VAL D 79 -19.47 27.84 11.20
CA VAL D 79 -18.32 27.04 11.55
C VAL D 79 -17.29 27.43 10.51
N MET D 80 -16.09 27.77 10.95
CA MET D 80 -15.04 28.20 10.03
C MET D 80 -13.80 27.34 10.07
N MET D 81 -13.20 27.18 8.90
CA MET D 81 -11.95 26.46 8.80
C MET D 81 -10.85 27.51 8.78
N GLN D 82 -9.99 27.48 9.79
CA GLN D 82 -8.86 28.40 9.85
C GLN D 82 -7.68 27.54 9.43
N GLY D 83 -7.27 27.70 8.19
CA GLY D 83 -6.19 26.90 7.64
C GLY D 83 -6.89 25.81 6.84
N ARG D 84 -6.36 25.47 5.66
CA ARG D 84 -7.00 24.43 4.88
C ARG D 84 -6.01 23.39 4.37
N PHE D 85 -6.50 22.47 3.55
CA PHE D 85 -5.65 21.41 3.02
C PHE D 85 -5.50 21.58 1.51
N HIS D 86 -4.32 21.27 0.99
CA HIS D 86 -4.05 21.41 -0.44
C HIS D 86 -3.47 20.13 -1.02
N MET D 87 -3.80 19.87 -2.28
CA MET D 87 -3.28 18.71 -2.98
C MET D 87 -1.75 18.73 -3.00
N TYR D 88 -1.16 19.91 -3.19
CA TYR D 88 0.29 20.01 -3.24
C TYR D 88 1.01 19.62 -1.94
N GLU D 89 0.25 19.50 -0.85
CA GLU D 89 0.82 19.11 0.43
C GLU D 89 0.88 17.60 0.54
N GLY D 90 0.18 16.91 -0.37
CA GLY D 90 0.18 15.46 -0.36
C GLY D 90 -1.17 14.81 -0.06
N TYR D 91 -2.17 15.63 0.22
CA TYR D 91 -3.51 15.11 0.53
C TYR D 91 -4.29 14.74 -0.71
N PRO D 92 -4.91 13.56 -0.73
CA PRO D 92 -5.68 13.28 -1.94
C PRO D 92 -6.94 14.14 -1.76
N PHE D 93 -7.71 14.36 -2.81
CA PHE D 93 -8.89 15.20 -2.67
C PHE D 93 -9.94 14.67 -1.69
N TRP D 94 -10.04 13.35 -1.51
CA TRP D 94 -11.04 12.83 -0.58
C TRP D 94 -10.72 13.22 0.86
N LYS D 95 -9.47 13.63 1.12
CA LYS D 95 -9.11 14.08 2.47
C LYS D 95 -9.24 15.60 2.54
N VAL D 96 -8.83 16.27 1.46
CA VAL D 96 -8.95 17.74 1.40
C VAL D 96 -10.39 18.17 1.64
N THR D 97 -11.33 17.47 1.01
CA THR D 97 -12.75 17.80 1.10
C THR D 97 -13.53 17.11 2.21
N PHE D 98 -12.86 16.31 3.04
CA PHE D 98 -13.54 15.61 4.12
C PHE D 98 -14.47 16.52 4.95
N PRO D 99 -13.96 17.69 5.39
CA PRO D 99 -14.76 18.62 6.19
C PRO D 99 -16.09 19.07 5.58
N VAL D 100 -16.13 19.21 4.25
CA VAL D 100 -17.36 19.66 3.60
C VAL D 100 -18.53 18.72 3.82
N ARG D 101 -18.29 17.42 3.76
CA ARG D 101 -19.36 16.45 3.98
C ARG D 101 -19.75 16.43 5.45
N VAL D 102 -18.77 16.62 6.33
CA VAL D 102 -19.06 16.67 7.76
C VAL D 102 -19.99 17.86 8.02
N PHE D 103 -19.71 19.00 7.41
CA PHE D 103 -20.53 20.19 7.62
C PHE D 103 -21.98 19.92 7.22
N ARG D 104 -22.17 19.23 6.10
CA ARG D 104 -23.49 18.89 5.63
C ARG D 104 -24.20 18.08 6.72
N LEU D 105 -23.50 17.12 7.30
CA LEU D 105 -24.06 16.28 8.35
C LEU D 105 -24.33 17.04 9.63
N LEU D 106 -23.66 18.17 9.81
CA LEU D 106 -23.87 18.99 11.00
C LEU D 106 -25.14 19.82 10.84
N GLY D 107 -25.61 19.93 9.61
CA GLY D 107 -26.80 20.72 9.34
C GLY D 107 -26.51 21.98 8.53
N VAL D 108 -25.26 22.17 8.12
CA VAL D 108 -24.90 23.34 7.33
C VAL D 108 -25.58 23.24 5.96
N GLU D 109 -26.05 24.37 5.44
CA GLU D 109 -26.73 24.37 4.15
C GLU D 109 -26.03 25.25 3.12
N THR D 110 -25.11 26.09 3.58
CA THR D 110 -24.37 26.98 2.68
C THR D 110 -22.89 26.96 2.99
N LEU D 111 -22.08 26.88 1.94
CA LEU D 111 -20.63 26.90 2.09
C LEU D 111 -20.09 28.16 1.42
N VAL D 112 -19.27 28.91 2.14
CA VAL D 112 -18.65 30.11 1.61
C VAL D 112 -17.17 29.77 1.49
N VAL D 113 -16.64 29.91 0.28
CA VAL D 113 -15.25 29.60 0.03
C VAL D 113 -14.44 30.84 -0.33
N THR D 114 -13.27 31.00 0.27
CA THR D 114 -12.42 32.15 -0.04
C THR D 114 -11.00 31.64 -0.26
N ASN D 115 -10.22 32.40 -1.01
CA ASN D 115 -8.84 32.03 -1.29
C ASN D 115 -8.08 33.25 -1.83
N ALA D 116 -6.76 33.12 -1.91
CA ALA D 116 -5.90 34.17 -2.46
C ALA D 116 -5.57 33.60 -3.83
N ALA D 117 -5.56 34.46 -4.85
CA ALA D 117 -5.26 33.98 -6.19
C ALA D 117 -4.44 34.96 -7.03
N GLY D 118 -3.83 34.43 -8.09
CA GLY D 118 -3.05 35.25 -8.98
C GLY D 118 -3.99 35.76 -10.05
N GLY D 119 -3.84 37.03 -10.42
CA GLY D 119 -4.72 37.61 -11.42
C GLY D 119 -4.27 37.34 -12.85
N LEU D 120 -5.22 36.88 -13.66
CA LEU D 120 -4.98 36.57 -15.06
C LEU D 120 -5.67 37.62 -15.94
N ASN D 121 -6.84 38.06 -15.49
CA ASN D 121 -7.62 39.06 -16.21
C ASN D 121 -6.83 40.38 -16.19
N PRO D 122 -6.78 41.09 -17.32
CA PRO D 122 -6.05 42.37 -17.40
C PRO D 122 -6.62 43.52 -16.59
N ASN D 123 -7.92 43.48 -16.32
CA ASN D 123 -8.56 44.53 -15.54
C ASN D 123 -8.26 44.39 -14.04
N PHE D 124 -7.81 43.22 -13.63
CA PHE D 124 -7.51 42.94 -12.22
C PHE D 124 -6.25 43.62 -11.69
N GLU D 125 -6.31 44.05 -10.44
CA GLU D 125 -5.18 44.68 -9.77
C GLU D 125 -5.00 44.03 -8.41
N VAL D 126 -3.81 44.11 -7.86
CA VAL D 126 -3.55 43.56 -6.55
C VAL D 126 -4.50 44.25 -5.59
N GLY D 127 -5.26 43.47 -4.82
CA GLY D 127 -6.20 44.06 -3.87
C GLY D 127 -7.63 43.92 -4.34
N ASP D 128 -7.82 43.51 -5.59
CA ASP D 128 -9.17 43.32 -6.12
C ASP D 128 -9.80 42.10 -5.45
N ILE D 129 -11.12 42.09 -5.38
CA ILE D 129 -11.85 40.96 -4.84
C ILE D 129 -12.69 40.44 -6.00
N MET D 130 -12.50 39.16 -6.35
CA MET D 130 -13.24 38.59 -7.45
C MET D 130 -14.29 37.57 -7.02
N LEU D 131 -15.55 37.89 -7.29
CA LEU D 131 -16.64 36.97 -6.98
C LEU D 131 -16.40 35.79 -7.93
N ILE D 132 -16.41 34.58 -7.41
CA ILE D 132 -16.21 33.42 -8.27
C ILE D 132 -17.53 33.10 -8.96
N ARG D 133 -17.54 33.27 -10.28
CA ARG D 133 -18.75 33.01 -11.06
C ARG D 133 -18.73 31.61 -11.66
N ASP D 134 -17.54 31.05 -11.82
CA ASP D 134 -17.40 29.73 -12.40
C ASP D 134 -15.98 29.23 -12.13
N HIS D 135 -15.68 27.99 -12.53
CA HIS D 135 -14.34 27.46 -12.33
C HIS D 135 -13.92 26.47 -13.40
N ILE D 136 -12.62 26.22 -13.48
CA ILE D 136 -12.06 25.26 -14.42
C ILE D 136 -11.25 24.30 -13.55
N ASN D 137 -11.65 23.03 -13.54
CA ASN D 137 -10.98 22.02 -12.72
C ASN D 137 -9.97 21.23 -13.55
N LEU D 138 -8.75 21.74 -13.67
CA LEU D 138 -7.74 21.05 -14.45
C LEU D 138 -7.43 19.65 -13.90
N PRO D 139 -7.31 19.50 -12.57
CA PRO D 139 -7.02 18.17 -12.02
C PRO D 139 -8.16 17.20 -12.36
N GLY D 140 -9.39 17.72 -12.37
CA GLY D 140 -10.54 16.89 -12.70
C GLY D 140 -10.44 16.34 -14.13
N PHE D 141 -9.76 17.07 -15.00
CA PHE D 141 -9.62 16.61 -16.38
C PHE D 141 -8.88 15.27 -16.46
N SER D 142 -7.98 15.02 -15.51
CA SER D 142 -7.22 13.76 -15.51
C SER D 142 -7.72 12.71 -14.53
N GLY D 143 -8.86 12.95 -13.88
CA GLY D 143 -9.39 11.96 -12.95
C GLY D 143 -9.20 12.25 -11.47
N GLN D 144 -8.32 13.20 -11.13
CA GLN D 144 -8.10 13.57 -9.74
C GLN D 144 -9.36 14.33 -9.34
N ASN D 145 -10.24 13.62 -8.63
CA ASN D 145 -11.54 14.17 -8.25
C ASN D 145 -11.99 13.61 -6.90
N PRO D 146 -12.47 14.47 -5.98
CA PRO D 146 -12.92 14.00 -4.67
C PRO D 146 -14.10 13.03 -4.73
N LEU D 147 -14.80 13.00 -5.87
CA LEU D 147 -15.95 12.11 -6.03
C LEU D 147 -15.58 10.76 -6.65
N ARG D 148 -14.32 10.58 -7.02
CA ARG D 148 -13.90 9.32 -7.63
C ARG D 148 -14.13 8.12 -6.71
N GLY D 149 -14.66 7.05 -7.29
CA GLY D 149 -14.95 5.84 -6.53
C GLY D 149 -16.44 5.59 -6.57
N PRO D 150 -16.95 4.54 -5.90
CA PRO D 150 -18.39 4.28 -5.93
C PRO D 150 -19.12 5.47 -5.31
N ASN D 151 -20.29 5.81 -5.87
CA ASN D 151 -21.06 6.95 -5.38
C ASN D 151 -21.85 6.63 -4.12
N GLU D 152 -21.81 7.56 -3.15
CA GLU D 152 -22.57 7.40 -1.92
C GLU D 152 -23.86 8.20 -2.09
N GLU D 153 -24.94 7.50 -2.42
CA GLU D 153 -26.24 8.11 -2.65
C GLU D 153 -26.80 8.90 -1.46
N ARG D 154 -26.34 8.61 -0.24
CA ARG D 154 -26.82 9.36 0.91
C ARG D 154 -26.26 10.79 0.91
N PHE D 155 -25.32 11.04 0.01
CA PHE D 155 -24.75 12.38 -0.12
C PHE D 155 -25.34 13.02 -1.37
N GLY D 156 -25.20 12.35 -2.52
CA GLY D 156 -25.72 12.89 -3.76
C GLY D 156 -25.73 11.91 -4.92
N VAL D 157 -26.02 12.41 -6.12
CA VAL D 157 -26.10 11.61 -7.33
C VAL D 157 -24.75 11.21 -7.94
N ARG D 158 -24.79 10.24 -8.83
CA ARG D 158 -23.57 9.76 -9.47
C ARG D 158 -22.89 10.81 -10.35
N PHE D 159 -23.69 11.54 -11.13
CA PHE D 159 -23.16 12.56 -12.04
C PHE D 159 -23.70 13.95 -11.71
N PRO D 160 -23.23 14.58 -10.64
CA PRO D 160 -23.71 15.92 -10.27
C PRO D 160 -23.36 17.00 -11.29
N ALA D 161 -24.32 17.86 -11.60
CA ALA D 161 -24.11 18.95 -12.53
C ALA D 161 -23.29 20.03 -11.82
N MET D 162 -22.46 20.75 -12.58
CA MET D 162 -21.62 21.79 -12.01
C MET D 162 -21.82 23.15 -12.73
N SER D 163 -22.72 23.19 -13.71
CA SER D 163 -22.97 24.42 -14.45
C SER D 163 -23.57 25.56 -13.61
N ASP D 164 -24.24 25.21 -12.52
CA ASP D 164 -24.85 26.19 -11.63
C ASP D 164 -24.25 26.09 -10.24
N ALA D 165 -22.97 25.73 -10.18
CA ALA D 165 -22.29 25.55 -8.89
C ALA D 165 -22.24 26.78 -8.00
N TYR D 166 -21.99 27.95 -8.58
CA TYR D 166 -21.93 29.18 -7.80
C TYR D 166 -23.29 29.89 -7.78
N ASP D 167 -23.96 29.79 -6.64
CA ASP D 167 -25.30 30.35 -6.47
C ASP D 167 -25.57 31.68 -7.15
N ARG D 168 -26.58 31.68 -8.03
CA ARG D 168 -26.97 32.88 -8.77
C ARG D 168 -27.55 33.96 -7.84
N ASP D 169 -28.38 33.55 -6.88
CA ASP D 169 -28.96 34.53 -5.97
C ASP D 169 -27.91 35.20 -5.10
N MET D 170 -26.94 34.43 -4.61
CA MET D 170 -25.89 35.02 -3.79
C MET D 170 -25.02 35.94 -4.63
N ARG D 171 -24.91 35.66 -5.93
CA ARG D 171 -24.12 36.50 -6.82
C ARG D 171 -24.74 37.90 -6.87
N GLN D 172 -26.05 37.96 -7.01
CA GLN D 172 -26.76 39.24 -7.05
C GLN D 172 -26.64 39.99 -5.72
N LYS D 173 -26.70 39.25 -4.62
CA LYS D 173 -26.60 39.86 -3.30
C LYS D 173 -25.19 40.35 -3.00
N ALA D 174 -24.19 39.65 -3.54
CA ALA D 174 -22.80 40.05 -3.34
C ALA D 174 -22.58 41.39 -4.02
N HIS D 175 -23.16 41.56 -5.21
CA HIS D 175 -23.01 42.81 -5.94
C HIS D 175 -23.70 43.97 -5.26
N SER D 176 -24.91 43.74 -4.73
CA SER D 176 -25.64 44.81 -4.06
C SER D 176 -24.95 45.16 -2.75
N THR D 177 -24.46 44.16 -2.04
CA THR D 177 -23.78 44.40 -0.77
C THR D 177 -22.48 45.18 -1.00
N TRP D 178 -21.77 44.83 -2.05
CA TRP D 178 -20.52 45.52 -2.36
C TRP D 178 -20.77 47.01 -2.56
N LYS D 179 -21.88 47.33 -3.22
CA LYS D 179 -22.23 48.72 -3.45
C LYS D 179 -22.56 49.41 -2.13
N GLN D 180 -23.26 48.71 -1.25
CA GLN D 180 -23.60 49.27 0.04
C GLN D 180 -22.34 49.54 0.87
N MET D 181 -21.28 48.77 0.59
CA MET D 181 -20.03 48.95 1.28
C MET D 181 -19.31 50.20 0.77
N GLY D 182 -19.58 50.53 -0.50
CA GLY D 182 -18.95 51.70 -1.10
C GLY D 182 -17.43 51.62 -1.09
N GLU D 183 -16.86 50.86 -2.01
CA GLU D 183 -15.41 50.71 -2.10
C GLU D 183 -14.87 51.45 -3.34
N GLN D 184 -13.60 51.83 -3.29
CA GLN D 184 -12.98 52.54 -4.41
C GLN D 184 -12.96 51.68 -5.66
N ARG D 185 -12.74 50.38 -5.46
CA ARG D 185 -12.69 49.44 -6.57
C ARG D 185 -14.00 48.67 -6.70
N GLU D 186 -14.36 48.35 -7.94
CA GLU D 186 -15.59 47.61 -8.21
C GLU D 186 -15.38 46.13 -7.90
N LEU D 187 -16.49 45.41 -7.68
CA LEU D 187 -16.43 43.99 -7.38
C LEU D 187 -16.15 43.25 -8.68
N GLN D 188 -14.98 42.64 -8.79
CA GLN D 188 -14.64 41.88 -10.00
C GLN D 188 -15.41 40.57 -9.98
N GLU D 189 -15.46 39.91 -11.12
CA GLU D 189 -16.19 38.66 -11.24
C GLU D 189 -15.50 37.80 -12.28
N GLY D 190 -15.42 36.48 -12.07
CA GLY D 190 -14.76 35.67 -13.07
C GLY D 190 -14.55 34.20 -12.80
N THR D 191 -13.80 33.58 -13.70
CA THR D 191 -13.53 32.16 -13.62
C THR D 191 -12.22 31.86 -12.90
N TYR D 192 -12.32 31.00 -11.89
CA TYR D 192 -11.17 30.59 -11.11
C TYR D 192 -10.67 29.28 -11.68
N VAL D 193 -9.37 29.17 -11.92
CA VAL D 193 -8.83 27.92 -12.43
C VAL D 193 -7.89 27.32 -11.38
N MET D 194 -8.06 26.03 -11.11
CA MET D 194 -7.20 25.39 -10.14
C MET D 194 -6.22 24.42 -10.78
N LEU D 195 -4.98 24.46 -10.31
CA LEU D 195 -3.95 23.54 -10.75
C LEU D 195 -3.25 23.06 -9.48
N GLY D 196 -2.50 21.97 -9.60
CA GLY D 196 -1.85 21.36 -8.45
C GLY D 196 -0.85 22.15 -7.60
N GLY D 197 0.09 22.83 -8.25
CA GLY D 197 1.10 23.54 -7.50
C GLY D 197 2.15 22.52 -7.09
N PRO D 198 3.08 22.86 -6.17
CA PRO D 198 3.22 24.13 -5.47
C PRO D 198 4.01 25.25 -6.16
N ASN D 199 4.72 24.93 -7.24
CA ASN D 199 5.49 25.96 -7.95
C ASN D 199 4.53 26.91 -8.64
N PHE D 200 4.93 28.17 -8.81
CA PHE D 200 4.09 29.11 -9.52
C PHE D 200 4.32 28.92 -11.02
N GLU D 201 3.42 29.45 -11.84
CA GLU D 201 3.45 29.28 -13.29
C GLU D 201 4.55 29.96 -14.13
N THR D 202 4.87 29.35 -15.26
CA THR D 202 5.84 29.93 -16.19
C THR D 202 4.99 30.90 -17.01
N VAL D 203 5.64 31.77 -17.78
CA VAL D 203 4.91 32.72 -18.60
C VAL D 203 4.03 32.01 -19.63
N ALA D 204 4.55 30.94 -20.22
CA ALA D 204 3.79 30.18 -21.21
C ALA D 204 2.53 29.60 -20.58
N GLU D 205 2.65 29.08 -19.36
CA GLU D 205 1.48 28.50 -18.68
C GLU D 205 0.47 29.59 -18.37
N CYS D 206 0.96 30.77 -18.00
CA CYS D 206 0.09 31.88 -17.70
C CYS D 206 -0.72 32.32 -18.90
N ARG D 207 -0.08 32.39 -20.07
CA ARG D 207 -0.76 32.81 -21.30
C ARG D 207 -1.78 31.75 -21.69
N LEU D 208 -1.41 30.49 -21.50
CA LEU D 208 -2.25 29.36 -21.80
C LEU D 208 -3.52 29.39 -20.93
N LEU D 209 -3.33 29.54 -19.62
CA LEU D 209 -4.47 29.59 -18.69
C LEU D 209 -5.45 30.71 -19.05
N ARG D 210 -4.91 31.87 -19.39
CA ARG D 210 -5.74 33.00 -19.75
C ARG D 210 -6.55 32.66 -21.00
N ASN D 211 -5.90 31.98 -21.96
CA ASN D 211 -6.59 31.61 -23.18
C ASN D 211 -7.69 30.58 -22.92
N LEU D 212 -7.55 29.83 -21.83
CA LEU D 212 -8.54 28.85 -21.44
C LEU D 212 -9.78 29.56 -20.91
N GLY D 213 -9.65 30.86 -20.67
CA GLY D 213 -10.77 31.63 -20.17
C GLY D 213 -10.71 31.86 -18.67
N ALA D 214 -9.56 31.61 -18.06
CA ALA D 214 -9.39 31.79 -16.62
C ALA D 214 -9.11 33.25 -16.28
N ASP D 215 -9.67 33.70 -15.16
CA ASP D 215 -9.46 35.07 -14.70
C ASP D 215 -8.54 35.11 -13.50
N ALA D 216 -8.56 34.05 -12.71
CA ALA D 216 -7.73 33.94 -11.50
C ALA D 216 -7.21 32.52 -11.37
N VAL D 217 -5.99 32.36 -10.85
CA VAL D 217 -5.42 31.03 -10.69
C VAL D 217 -5.02 30.72 -9.26
N GLY D 218 -5.30 29.49 -8.82
CA GLY D 218 -4.96 29.09 -7.47
C GLY D 218 -4.75 27.59 -7.38
N MET D 219 -4.57 27.09 -6.16
CA MET D 219 -4.34 25.66 -5.97
C MET D 219 -5.29 25.04 -4.94
N SER D 220 -6.52 25.53 -4.88
CA SER D 220 -7.48 25.00 -3.92
C SER D 220 -8.90 25.29 -4.36
N THR D 221 -9.82 25.26 -3.40
CA THR D 221 -11.22 25.60 -3.59
C THR D 221 -12.14 24.74 -4.47
N VAL D 222 -11.73 24.49 -5.70
CA VAL D 222 -12.52 23.69 -6.63
C VAL D 222 -12.99 22.35 -6.04
N PRO D 223 -12.07 21.57 -5.46
CA PRO D 223 -12.46 20.27 -4.87
C PRO D 223 -13.61 20.43 -3.88
N GLU D 224 -13.46 21.39 -2.96
CA GLU D 224 -14.48 21.66 -1.95
C GLU D 224 -15.83 22.00 -2.57
N VAL D 225 -15.81 22.82 -3.61
CA VAL D 225 -17.03 23.23 -4.29
C VAL D 225 -17.73 22.02 -4.91
N ILE D 226 -16.96 21.15 -5.55
CA ILE D 226 -17.53 19.96 -6.19
C ILE D 226 -18.25 19.09 -5.15
N VAL D 227 -17.57 18.85 -4.03
CA VAL D 227 -18.15 18.05 -2.97
C VAL D 227 -19.36 18.74 -2.36
N ALA D 228 -19.27 20.06 -2.19
CA ALA D 228 -20.38 20.82 -1.64
C ALA D 228 -21.63 20.65 -2.49
N ARG D 229 -21.48 20.87 -3.79
CA ARG D 229 -22.59 20.75 -4.71
C ARG D 229 -23.13 19.33 -4.76
N HIS D 230 -22.25 18.35 -4.72
CA HIS D 230 -22.68 16.96 -4.76
C HIS D 230 -23.61 16.67 -3.57
N CYS D 231 -23.28 17.18 -2.39
CA CYS D 231 -24.14 16.91 -1.23
C CYS D 231 -25.24 17.93 -0.98
N GLY D 232 -25.51 18.79 -1.96
CA GLY D 232 -26.59 19.75 -1.82
C GLY D 232 -26.37 21.10 -1.19
N LEU D 233 -25.12 21.46 -0.92
CA LEU D 233 -24.84 22.76 -0.31
C LEU D 233 -24.88 23.90 -1.31
N ARG D 234 -25.43 25.02 -0.86
CA ARG D 234 -25.47 26.23 -1.66
C ARG D 234 -24.04 26.72 -1.53
N VAL D 235 -23.47 27.23 -2.63
CA VAL D 235 -22.08 27.70 -2.63
C VAL D 235 -21.85 29.05 -3.29
N PHE D 236 -20.96 29.83 -2.71
CA PHE D 236 -20.56 31.10 -3.28
C PHE D 236 -19.21 31.41 -2.66
N GLY D 237 -18.38 32.17 -3.37
CA GLY D 237 -17.07 32.46 -2.84
C GLY D 237 -16.33 33.57 -3.56
N PHE D 238 -15.14 33.87 -3.05
CA PHE D 238 -14.33 34.95 -3.59
C PHE D 238 -12.84 34.64 -3.63
N SER D 239 -12.15 35.28 -4.56
CA SER D 239 -10.72 35.17 -4.68
C SER D 239 -10.17 36.55 -4.35
N LEU D 240 -9.14 36.58 -3.52
CA LEU D 240 -8.49 37.83 -3.16
C LEU D 240 -7.26 37.87 -4.09
N ILE D 241 -7.19 38.88 -4.95
CA ILE D 241 -6.06 38.95 -5.88
C ILE D 241 -4.87 39.57 -5.17
N THR D 242 -3.94 38.70 -4.76
CA THR D 242 -2.75 39.11 -4.04
C THR D 242 -1.57 39.40 -4.96
N ASN D 243 -1.66 38.98 -6.21
CA ASN D 243 -0.58 39.21 -7.17
C ASN D 243 -1.06 39.14 -8.61
N LYS D 244 -0.49 39.98 -9.46
CA LYS D 244 -0.83 40.01 -10.87
C LYS D 244 0.18 39.13 -11.60
N VAL D 245 -0.33 38.22 -12.41
CA VAL D 245 0.52 37.32 -13.18
C VAL D 245 1.06 38.05 -14.42
N ILE D 246 2.33 37.82 -14.73
CA ILE D 246 2.96 38.44 -15.90
C ILE D 246 2.74 37.60 -17.15
N MET D 247 2.16 38.22 -18.18
CA MET D 247 1.86 37.52 -19.43
C MET D 247 2.90 37.53 -20.55
N ASP D 248 4.01 38.24 -20.37
CA ASP D 248 5.02 38.26 -21.43
C ASP D 248 6.44 38.23 -20.89
N TYR D 249 7.41 38.10 -21.79
CA TYR D 249 8.81 38.03 -21.38
C TYR D 249 9.52 39.37 -21.24
N GLU D 250 9.01 40.41 -21.90
CA GLU D 250 9.66 41.72 -21.82
C GLU D 250 9.53 42.38 -20.46
N SER D 251 8.35 42.34 -19.87
CA SER D 251 8.14 42.97 -18.56
C SER D 251 9.18 42.49 -17.54
N GLN D 252 9.86 43.45 -16.93
CA GLN D 252 10.88 43.16 -15.94
C GLN D 252 10.25 42.69 -14.62
N HIS D 257 7.27 45.34 -3.70
CA HIS D 257 6.73 44.10 -3.14
C HIS D 257 6.08 44.36 -1.80
N GLU D 258 6.68 45.24 -0.99
CA GLU D 258 6.14 45.58 0.32
C GLU D 258 4.79 46.25 0.14
N GLU D 259 4.67 47.02 -0.94
CA GLU D 259 3.43 47.71 -1.26
C GLU D 259 2.41 46.71 -1.77
N VAL D 260 2.90 45.62 -2.36
CA VAL D 260 2.03 44.57 -2.87
C VAL D 260 1.42 43.83 -1.68
N LEU D 261 2.26 43.53 -0.69
CA LEU D 261 1.80 42.85 0.51
C LEU D 261 0.83 43.74 1.26
N GLU D 262 1.13 45.04 1.29
CA GLU D 262 0.28 46.00 1.98
C GLU D 262 -1.09 46.05 1.34
N ALA D 263 -1.13 46.09 0.01
CA ALA D 263 -2.40 46.13 -0.72
C ALA D 263 -3.18 44.85 -0.45
N GLY D 264 -2.45 43.76 -0.19
CA GLY D 264 -3.11 42.50 0.08
C GLY D 264 -3.76 42.47 1.44
N LYS D 265 -3.05 42.97 2.45
CA LYS D 265 -3.59 43.00 3.82
C LYS D 265 -4.81 43.89 3.94
N GLN D 266 -4.79 45.03 3.27
CA GLN D 266 -5.92 45.94 3.33
C GLN D 266 -7.12 45.31 2.63
N ALA D 267 -6.85 44.63 1.51
CA ALA D 267 -7.92 43.99 0.76
C ALA D 267 -8.51 42.88 1.60
N ALA D 268 -7.66 42.18 2.35
CA ALA D 268 -8.10 41.09 3.20
C ALA D 268 -9.10 41.58 4.24
N GLN D 269 -8.87 42.74 4.82
CA GLN D 269 -9.81 43.27 5.82
C GLN D 269 -11.13 43.59 5.15
N LYS D 270 -11.05 44.03 3.90
CA LYS D 270 -12.24 44.35 3.14
C LYS D 270 -13.06 43.08 2.87
N LEU D 271 -12.38 41.99 2.55
CA LEU D 271 -13.08 40.72 2.27
C LEU D 271 -13.76 40.23 3.55
N GLU D 272 -13.10 40.39 4.68
CA GLU D 272 -13.66 39.97 5.96
C GLU D 272 -14.98 40.68 6.26
N GLN D 273 -15.01 41.99 6.03
CA GLN D 273 -16.23 42.77 6.26
C GLN D 273 -17.31 42.34 5.26
N PHE D 274 -16.89 42.12 4.02
CA PHE D 274 -17.80 41.71 2.95
C PHE D 274 -18.48 40.39 3.34
N VAL D 275 -17.67 39.38 3.69
CA VAL D 275 -18.19 38.09 4.09
C VAL D 275 -19.13 38.21 5.31
N SER D 276 -18.75 39.06 6.27
CA SER D 276 -19.56 39.28 7.47
C SER D 276 -20.92 39.83 7.10
N LEU D 277 -20.94 40.85 6.25
CA LEU D 277 -22.18 41.47 5.82
C LEU D 277 -23.07 40.48 5.04
N LEU D 278 -22.44 39.66 4.21
CA LEU D 278 -23.18 38.69 3.40
C LEU D 278 -23.93 37.65 4.23
N MET D 279 -23.52 37.47 5.49
CA MET D 279 -24.19 36.50 6.36
C MET D 279 -25.68 36.80 6.42
N ALA D 280 -26.03 38.08 6.46
CA ALA D 280 -27.42 38.50 6.53
C ALA D 280 -28.19 38.22 5.24
N SER D 281 -27.47 37.98 4.15
CA SER D 281 -28.10 37.71 2.87
C SER D 281 -28.31 36.23 2.54
N ILE D 282 -27.68 35.34 3.31
CA ILE D 282 -27.82 33.91 3.06
C ILE D 282 -29.23 33.49 3.50
N PRO D 283 -29.99 32.86 2.59
CA PRO D 283 -31.35 32.44 2.92
C PRO D 283 -31.50 31.45 4.08
N VAL D 284 -32.72 31.38 4.60
CA VAL D 284 -33.05 30.50 5.72
C VAL D 284 -32.29 30.89 6.97
N GLN E 2 3.93 12.39 -3.60
CA GLN E 2 4.11 13.04 -2.26
C GLN E 2 5.57 12.97 -1.80
N ASN E 3 6.38 12.22 -2.56
CA ASN E 3 7.81 12.04 -2.29
C ASN E 3 8.11 11.09 -1.14
N GLY E 4 8.34 9.83 -1.47
CA GLY E 4 8.97 8.92 -0.47
C GLY E 4 10.40 8.92 0.06
N TYR E 5 11.21 9.87 -0.37
CA TYR E 5 12.59 9.97 0.10
C TYR E 5 12.65 10.98 1.25
N THR E 6 13.52 10.74 2.22
CA THR E 6 13.68 11.68 3.31
C THR E 6 14.96 12.44 3.00
N TYR E 7 15.17 13.57 3.66
CA TYR E 7 16.38 14.35 3.39
C TYR E 7 17.65 13.52 3.53
N GLU E 8 17.75 12.75 4.61
CA GLU E 8 18.92 11.93 4.84
C GLU E 8 19.20 10.88 3.78
N ASP E 9 18.18 10.48 3.01
CA ASP E 9 18.39 9.52 1.93
C ASP E 9 19.25 10.18 0.84
N TYR E 10 18.94 11.43 0.52
CA TYR E 10 19.71 12.17 -0.48
C TYR E 10 21.15 12.30 -0.01
N GLN E 11 21.32 12.60 1.28
CA GLN E 11 22.65 12.75 1.85
C GLN E 11 23.45 11.45 1.81
N ASP E 12 22.80 10.34 2.14
CA ASP E 12 23.49 9.04 2.13
C ASP E 12 24.01 8.73 0.72
N THR E 13 23.18 9.01 -0.28
CA THR E 13 23.58 8.74 -1.64
C THR E 13 24.74 9.65 -2.05
N ALA E 14 24.65 10.94 -1.71
CA ALA E 14 25.69 11.89 -2.05
C ALA E 14 27.02 11.52 -1.39
N LYS E 15 26.97 11.10 -0.13
CA LYS E 15 28.20 10.72 0.57
C LYS E 15 28.84 9.50 -0.06
N TRP E 16 28.01 8.53 -0.45
CA TRP E 16 28.51 7.31 -1.08
C TRP E 16 29.30 7.67 -2.33
N LEU E 17 28.73 8.55 -3.15
CA LEU E 17 29.38 8.98 -4.38
C LEU E 17 30.66 9.79 -4.07
N LEU E 18 30.58 10.66 -3.07
CA LEU E 18 31.71 11.50 -2.67
C LEU E 18 32.86 10.66 -2.13
N SER E 19 32.55 9.52 -1.54
CA SER E 19 33.57 8.64 -0.98
C SER E 19 34.06 7.63 -2.00
N HIS E 20 33.35 7.52 -3.12
CA HIS E 20 33.74 6.57 -4.17
C HIS E 20 34.43 7.23 -5.35
N THR E 21 34.49 8.55 -5.35
CA THR E 21 35.17 9.30 -6.40
C THR E 21 35.73 10.56 -5.76
N GLU E 22 36.85 11.04 -6.28
CA GLU E 22 37.48 12.24 -5.76
C GLU E 22 37.06 13.45 -6.61
N GLN E 23 36.38 13.18 -7.72
CA GLN E 23 35.92 14.24 -8.59
C GLN E 23 34.79 15.02 -7.93
N ARG E 24 34.79 16.33 -8.13
CA ARG E 24 33.78 17.21 -7.55
C ARG E 24 33.16 18.00 -8.69
N PRO E 25 32.08 17.46 -9.27
CA PRO E 25 31.38 18.12 -10.38
C PRO E 25 30.73 19.45 -10.03
N GLN E 26 30.84 20.38 -10.96
CA GLN E 26 30.27 21.71 -10.80
C GLN E 26 29.04 21.78 -11.71
N VAL E 27 29.01 20.89 -12.70
CA VAL E 27 27.92 20.84 -13.68
C VAL E 27 27.34 19.43 -13.82
N ALA E 28 26.03 19.34 -13.96
CA ALA E 28 25.38 18.04 -14.14
C ALA E 28 24.69 18.06 -15.50
N VAL E 29 24.77 16.95 -16.22
CA VAL E 29 24.15 16.85 -17.53
C VAL E 29 23.30 15.58 -17.64
N ILE E 30 22.04 15.76 -18.02
CA ILE E 30 21.12 14.65 -18.21
C ILE E 30 21.03 14.46 -19.73
N CYS E 31 21.49 13.31 -20.21
CA CYS E 31 21.48 13.03 -21.64
C CYS E 31 20.16 12.47 -22.12
N GLY E 32 19.58 13.12 -23.11
CA GLY E 32 18.31 12.66 -23.65
C GLY E 32 18.47 11.40 -24.46
N SER E 33 17.38 10.98 -25.10
CA SER E 33 17.38 9.78 -25.92
C SER E 33 18.25 9.97 -27.16
N GLY E 34 19.18 9.04 -27.38
CA GLY E 34 20.06 9.12 -28.54
C GLY E 34 21.24 10.06 -28.35
N LEU E 35 21.33 10.66 -27.17
CA LEU E 35 22.43 11.59 -26.88
C LEU E 35 23.42 11.02 -25.88
N GLY E 36 23.33 9.72 -25.62
CA GLY E 36 24.25 9.10 -24.69
C GLY E 36 25.71 9.27 -25.07
N GLY E 37 25.96 9.48 -26.37
CA GLY E 37 27.32 9.65 -26.84
C GLY E 37 28.09 10.81 -26.23
N LEU E 38 27.39 11.71 -25.53
CA LEU E 38 28.05 12.84 -24.89
C LEU E 38 29.04 12.33 -23.85
N VAL E 39 28.72 11.21 -23.22
CA VAL E 39 29.57 10.61 -22.20
C VAL E 39 30.96 10.25 -22.75
N ASN E 40 31.01 9.84 -24.01
CA ASN E 40 32.28 9.45 -24.62
C ASN E 40 33.24 10.64 -24.78
N LYS E 41 32.69 11.85 -24.73
CA LYS E 41 33.50 13.05 -24.85
C LYS E 41 34.21 13.37 -23.53
N LEU E 42 33.75 12.75 -22.46
CA LEU E 42 34.35 12.97 -21.16
C LEU E 42 35.76 12.38 -21.11
N THR E 43 36.62 12.97 -20.30
CA THR E 43 37.97 12.46 -20.11
C THR E 43 38.10 12.25 -18.61
N GLN E 44 39.00 11.36 -18.19
CA GLN E 44 39.19 11.10 -16.78
C GLN E 44 37.85 10.55 -16.24
N ALA E 45 37.13 9.87 -17.11
CA ALA E 45 35.82 9.30 -16.79
C ALA E 45 35.82 8.19 -15.76
N GLN E 46 34.86 8.27 -14.84
CA GLN E 46 34.66 7.28 -13.79
C GLN E 46 33.17 7.00 -13.79
N THR E 47 32.79 5.73 -13.98
CA THR E 47 31.38 5.36 -14.06
C THR E 47 30.84 4.53 -12.91
N PHE E 48 29.53 4.70 -12.67
CA PHE E 48 28.80 3.99 -11.63
C PHE E 48 27.45 3.58 -12.21
N ASP E 49 27.12 2.30 -12.17
CA ASP E 49 25.82 1.86 -12.68
C ASP E 49 24.75 2.38 -11.72
N TYR E 50 23.62 2.82 -12.27
CA TYR E 50 22.54 3.32 -11.41
C TYR E 50 22.19 2.24 -10.37
N SER E 51 22.18 0.99 -10.83
CA SER E 51 21.84 -0.15 -9.98
C SER E 51 22.67 -0.29 -8.72
N GLU E 52 23.95 0.08 -8.76
CA GLU E 52 24.79 -0.07 -7.58
C GLU E 52 24.77 1.12 -6.62
N ILE E 53 24.25 2.26 -7.07
CA ILE E 53 24.19 3.45 -6.23
C ILE E 53 23.00 3.40 -5.28
N PRO E 54 23.26 3.56 -3.98
CA PRO E 54 22.18 3.53 -2.98
C PRO E 54 21.07 4.54 -3.26
N ASN E 55 19.82 4.08 -3.10
CA ASN E 55 18.64 4.92 -3.30
C ASN E 55 18.33 5.26 -4.76
N PHE E 56 19.14 4.78 -5.69
CA PHE E 56 19.03 5.27 -7.07
C PHE E 56 17.97 4.42 -7.76
N PRO E 57 17.09 5.05 -8.54
CA PRO E 57 16.06 4.29 -9.25
C PRO E 57 16.83 3.44 -10.25
N GLU E 58 16.24 2.34 -10.71
CA GLU E 58 16.92 1.50 -11.69
C GLU E 58 16.19 1.46 -13.02
N SER E 59 16.97 1.44 -14.08
CA SER E 59 16.45 1.42 -15.45
C SER E 59 15.41 0.32 -15.64
N THR E 60 14.48 0.55 -16.55
CA THR E 60 13.42 -0.43 -16.81
C THR E 60 13.65 -1.24 -18.08
N VAL E 61 14.12 -0.59 -19.14
CA VAL E 61 14.38 -1.29 -20.40
C VAL E 61 15.54 -2.27 -20.27
N PRO E 62 15.25 -3.58 -20.44
CA PRO E 62 16.28 -4.62 -20.35
C PRO E 62 17.41 -4.36 -21.34
N GLY E 63 18.64 -4.66 -20.93
CA GLY E 63 19.78 -4.46 -21.80
C GLY E 63 20.26 -3.02 -21.89
N HIS E 64 19.60 -2.12 -21.16
CA HIS E 64 19.99 -0.71 -21.18
C HIS E 64 20.10 -0.12 -19.79
N ALA E 65 20.85 -0.79 -18.92
CA ALA E 65 21.03 -0.32 -17.55
C ALA E 65 21.80 1.01 -17.58
N GLY E 66 21.20 2.04 -17.00
CA GLY E 66 21.82 3.36 -16.99
C GLY E 66 23.09 3.48 -16.15
N ARG E 67 23.80 4.59 -16.32
CA ARG E 67 25.04 4.83 -15.59
C ARG E 67 25.24 6.31 -15.29
N LEU E 68 25.93 6.58 -14.18
CA LEU E 68 26.25 7.93 -13.75
C LEU E 68 27.74 8.06 -14.03
N VAL E 69 28.14 9.00 -14.88
CA VAL E 69 29.55 9.16 -15.22
C VAL E 69 30.15 10.51 -14.83
N PHE E 70 31.24 10.46 -14.07
CA PHE E 70 31.93 11.67 -13.63
C PHE E 70 33.14 11.88 -14.55
N GLY E 71 33.40 13.13 -14.93
CA GLY E 71 34.53 13.42 -15.79
C GLY E 71 34.58 14.86 -16.24
N ILE E 72 35.58 15.19 -17.06
CA ILE E 72 35.75 16.53 -17.60
C ILE E 72 35.23 16.56 -19.02
N LEU E 73 34.36 17.51 -19.35
CA LEU E 73 33.84 17.54 -20.71
C LEU E 73 34.76 18.35 -21.61
N ASN E 74 34.71 19.67 -21.42
CA ASN E 74 35.51 20.63 -22.17
C ASN E 74 36.05 21.58 -21.11
N GLY E 75 36.95 21.05 -20.27
CA GLY E 75 37.56 21.83 -19.21
C GLY E 75 36.73 22.01 -17.94
N ARG E 76 35.52 21.45 -17.91
CA ARG E 76 34.67 21.60 -16.74
C ARG E 76 34.34 20.26 -16.09
N ALA E 77 34.41 20.20 -14.76
CA ALA E 77 34.12 18.96 -14.05
C ALA E 77 32.61 18.75 -14.02
N CYS E 78 32.14 17.59 -14.44
CA CYS E 78 30.72 17.36 -14.41
C CYS E 78 30.34 15.92 -14.15
N VAL E 79 29.05 15.73 -13.90
CA VAL E 79 28.50 14.40 -13.66
C VAL E 79 27.40 14.27 -14.71
N MET E 80 27.38 13.14 -15.40
CA MET E 80 26.40 12.92 -16.45
C MET E 80 25.52 11.71 -16.26
N MET E 81 24.26 11.87 -16.63
CA MET E 81 23.32 10.78 -16.57
C MET E 81 23.20 10.23 -17.98
N GLN E 82 23.54 8.95 -18.12
CA GLN E 82 23.43 8.27 -19.41
C GLN E 82 22.29 7.31 -19.18
N GLY E 83 21.11 7.72 -19.65
CA GLY E 83 19.91 6.93 -19.45
C GLY E 83 19.12 7.76 -18.44
N ARG E 84 17.82 7.92 -18.67
CA ARG E 84 17.01 8.71 -17.75
C ARG E 84 15.78 7.93 -17.32
N PHE E 85 15.02 8.50 -16.39
CA PHE E 85 13.81 7.85 -15.88
C PHE E 85 12.61 8.66 -16.36
N HIS E 86 11.53 7.95 -16.69
CA HIS E 86 10.32 8.61 -17.19
C HIS E 86 9.06 8.19 -16.46
N MET E 87 8.14 9.13 -16.34
CA MET E 87 6.86 8.85 -15.70
C MET E 87 6.16 7.69 -16.42
N TYR E 88 6.21 7.68 -17.75
CA TYR E 88 5.54 6.62 -18.51
C TYR E 88 6.04 5.23 -18.17
N GLU E 89 7.23 5.15 -17.59
CA GLU E 89 7.81 3.87 -17.22
C GLU E 89 7.26 3.37 -15.87
N GLY E 90 6.55 4.24 -15.16
CA GLY E 90 6.00 3.83 -13.88
C GLY E 90 6.60 4.53 -12.67
N TYR E 91 7.61 5.37 -12.90
CA TYR E 91 8.25 6.08 -11.80
C TYR E 91 7.47 7.33 -11.41
N PRO E 92 7.26 7.56 -10.11
CA PRO E 92 6.54 8.76 -9.70
C PRO E 92 7.60 9.87 -9.87
N PHE E 93 7.19 11.13 -9.96
CA PHE E 93 8.20 12.17 -10.16
C PHE E 93 9.25 12.28 -9.06
N TRP E 94 8.94 11.90 -7.82
CA TRP E 94 9.96 12.01 -6.78
C TRP E 94 11.11 11.05 -7.02
N LYS E 95 10.90 10.02 -7.84
CA LYS E 95 11.98 9.10 -8.17
C LYS E 95 12.69 9.61 -9.41
N VAL E 96 11.92 10.04 -10.40
CA VAL E 96 12.50 10.57 -11.63
C VAL E 96 13.52 11.69 -11.35
N THR E 97 13.22 12.53 -10.37
CA THR E 97 14.06 13.66 -10.03
C THR E 97 15.03 13.46 -8.87
N PHE E 98 15.06 12.25 -8.31
CA PHE E 98 15.96 11.95 -7.20
C PHE E 98 17.40 12.45 -7.47
N PRO E 99 17.97 12.11 -8.64
CA PRO E 99 19.34 12.50 -9.00
C PRO E 99 19.63 14.01 -8.93
N VAL E 100 18.64 14.83 -9.28
CA VAL E 100 18.85 16.28 -9.27
C VAL E 100 19.21 16.79 -7.88
N ARG E 101 18.51 16.31 -6.86
CA ARG E 101 18.79 16.74 -5.50
C ARG E 101 20.12 16.21 -5.03
N VAL E 102 20.49 15.01 -5.49
CA VAL E 102 21.75 14.42 -5.13
C VAL E 102 22.87 15.28 -5.73
N PHE E 103 22.71 15.70 -6.98
CA PHE E 103 23.73 16.53 -7.63
C PHE E 103 23.94 17.81 -6.81
N ARG E 104 22.84 18.42 -6.37
CA ARG E 104 22.95 19.64 -5.56
C ARG E 104 23.79 19.35 -4.33
N LEU E 105 23.57 18.20 -3.70
CA LEU E 105 24.33 17.84 -2.50
C LEU E 105 25.79 17.50 -2.82
N LEU E 106 26.09 17.20 -4.08
CA LEU E 106 27.46 16.90 -4.49
C LEU E 106 28.22 18.20 -4.69
N GLY E 107 27.47 19.29 -4.86
CA GLY E 107 28.06 20.59 -5.08
C GLY E 107 27.82 21.15 -6.48
N VAL E 108 26.99 20.48 -7.27
CA VAL E 108 26.72 20.98 -8.62
C VAL E 108 25.96 22.30 -8.50
N GLU E 109 26.21 23.23 -9.43
CA GLU E 109 25.52 24.51 -9.40
C GLU E 109 24.74 24.77 -10.69
N THR E 110 24.99 23.95 -11.70
CA THR E 110 24.31 24.12 -12.98
C THR E 110 23.87 22.78 -13.54
N LEU E 111 22.65 22.75 -14.09
CA LEU E 111 22.11 21.53 -14.66
C LEU E 111 21.77 21.75 -16.13
N VAL E 112 22.35 20.91 -16.99
CA VAL E 112 22.08 20.98 -18.41
C VAL E 112 21.14 19.82 -18.74
N VAL E 113 19.96 20.15 -19.27
CA VAL E 113 19.01 19.11 -19.63
C VAL E 113 18.88 19.00 -21.14
N THR E 114 18.92 17.77 -21.66
CA THR E 114 18.76 17.56 -23.08
C THR E 114 17.72 16.47 -23.29
N ASN E 115 17.06 16.50 -24.44
CA ASN E 115 16.07 15.49 -24.76
C ASN E 115 15.80 15.49 -26.25
N ALA E 116 15.10 14.46 -26.69
CA ALA E 116 14.69 14.33 -28.08
C ALA E 116 13.23 14.71 -27.99
N ALA E 117 12.71 15.44 -28.96
CA ALA E 117 11.33 15.87 -28.91
C ALA E 117 10.66 15.94 -30.28
N GLY E 118 9.33 15.93 -30.25
CA GLY E 118 8.57 16.03 -31.48
C GLY E 118 8.39 17.50 -31.77
N GLY E 119 8.51 17.88 -33.04
CA GLY E 119 8.34 19.28 -33.40
C GLY E 119 6.90 19.71 -33.58
N LEU E 120 6.50 20.73 -32.84
CA LEU E 120 5.15 21.29 -32.92
C LEU E 120 5.17 22.56 -33.78
N ASN E 121 6.23 23.34 -33.62
CA ASN E 121 6.40 24.58 -34.38
C ASN E 121 6.72 24.13 -35.81
N PRO E 122 5.85 24.44 -36.77
CA PRO E 122 6.14 24.02 -38.15
C PRO E 122 7.41 24.58 -38.78
N ASN E 123 8.09 25.49 -38.08
CA ASN E 123 9.33 26.06 -38.61
C ASN E 123 10.48 25.08 -38.39
N PHE E 124 10.32 24.19 -37.42
CA PHE E 124 11.36 23.22 -37.09
C PHE E 124 11.46 22.08 -38.09
N GLU E 125 12.69 21.70 -38.40
CA GLU E 125 12.95 20.60 -39.32
C GLU E 125 13.61 19.48 -38.53
N VAL E 126 13.56 18.26 -39.06
CA VAL E 126 14.18 17.14 -38.39
C VAL E 126 15.67 17.43 -38.31
N GLY E 127 16.23 17.27 -37.12
CA GLY E 127 17.63 17.54 -36.92
C GLY E 127 17.88 18.86 -36.21
N ASP E 128 16.88 19.74 -36.23
CA ASP E 128 17.04 21.04 -35.57
C ASP E 128 17.29 20.91 -34.07
N ILE E 129 17.96 21.90 -33.53
CA ILE E 129 18.24 21.96 -32.10
C ILE E 129 17.42 23.13 -31.58
N MET E 130 16.65 22.90 -30.52
CA MET E 130 15.84 23.97 -29.98
C MET E 130 16.28 24.30 -28.57
N LEU E 131 16.73 25.53 -28.38
CA LEU E 131 17.13 25.99 -27.07
C LEU E 131 15.81 26.10 -26.33
N ILE E 132 15.73 25.52 -25.13
CA ILE E 132 14.48 25.58 -24.36
C ILE E 132 14.38 26.94 -23.68
N ARG E 133 13.39 27.71 -24.08
CA ARG E 133 13.20 29.04 -23.52
C ARG E 133 12.19 29.05 -22.37
N ASP E 134 11.26 28.10 -22.40
CA ASP E 134 10.21 28.03 -21.39
C ASP E 134 9.56 26.64 -21.51
N HIS E 135 8.65 26.32 -20.60
CA HIS E 135 7.98 25.02 -20.68
C HIS E 135 6.55 25.08 -20.19
N ILE E 136 5.80 24.04 -20.48
CA ILE E 136 4.42 23.92 -20.04
C ILE E 136 4.35 22.54 -19.39
N ASN E 137 4.06 22.51 -18.09
CA ASN E 137 3.99 21.27 -17.34
C ASN E 137 2.55 20.76 -17.24
N LEU E 138 2.11 20.00 -18.24
CA LEU E 138 0.74 19.48 -18.21
C LEU E 138 0.49 18.57 -17.00
N PRO E 139 1.42 17.65 -16.69
CA PRO E 139 1.16 16.79 -15.53
C PRO E 139 1.00 17.65 -14.27
N GLY E 140 1.74 18.75 -14.20
CA GLY E 140 1.66 19.64 -13.06
C GLY E 140 0.28 20.24 -12.83
N PHE E 141 -0.48 20.42 -13.92
CA PHE E 141 -1.80 20.99 -13.76
C PHE E 141 -2.70 20.11 -12.89
N SER E 142 -2.47 18.80 -12.93
CA SER E 142 -3.29 17.87 -12.15
C SER E 142 -2.65 17.48 -10.83
N GLY E 143 -1.55 18.12 -10.47
CA GLY E 143 -0.91 17.81 -9.21
C GLY E 143 0.24 16.82 -9.24
N GLN E 144 0.49 16.19 -10.38
CA GLN E 144 1.62 15.26 -10.50
C GLN E 144 2.86 16.15 -10.51
N ASN E 145 3.47 16.33 -9.35
CA ASN E 145 4.61 17.23 -9.23
C ASN E 145 5.68 16.65 -8.28
N PRO E 146 6.96 16.69 -8.68
CA PRO E 146 8.02 16.15 -7.82
C PRO E 146 8.12 16.90 -6.48
N LEU E 147 7.50 18.08 -6.39
CA LEU E 147 7.54 18.85 -5.17
C LEU E 147 6.32 18.61 -4.28
N ARG E 148 5.39 17.76 -4.73
CA ARG E 148 4.20 17.47 -3.96
C ARG E 148 4.57 16.83 -2.63
N GLY E 149 3.95 17.29 -1.55
CA GLY E 149 4.24 16.76 -0.22
C GLY E 149 4.76 17.88 0.65
N PRO E 150 5.13 17.60 1.91
CA PRO E 150 5.63 18.71 2.73
C PRO E 150 6.95 19.24 2.18
N ASN E 151 7.14 20.55 2.25
CA ASN E 151 8.37 21.14 1.73
C ASN E 151 9.59 20.93 2.60
N GLU E 152 10.71 20.61 1.95
CA GLU E 152 11.96 20.44 2.66
C GLU E 152 12.72 21.75 2.46
N GLU E 153 12.71 22.59 3.50
CA GLU E 153 13.34 23.91 3.45
C GLU E 153 14.84 23.85 3.18
N ARG E 154 15.47 22.74 3.54
CA ARG E 154 16.90 22.60 3.31
C ARG E 154 17.21 22.55 1.81
N PHE E 155 16.18 22.37 0.99
CA PHE E 155 16.37 22.36 -0.45
C PHE E 155 15.86 23.69 -1.04
N GLY E 156 14.61 24.03 -0.74
CA GLY E 156 14.05 25.26 -1.27
C GLY E 156 12.78 25.73 -0.60
N VAL E 157 12.15 26.75 -1.19
CA VAL E 157 10.94 27.32 -0.64
C VAL E 157 9.69 26.54 -1.03
N ARG E 158 8.62 26.76 -0.28
CA ARG E 158 7.36 26.07 -0.52
C ARG E 158 6.78 26.35 -1.91
N PHE E 159 6.79 27.61 -2.34
CA PHE E 159 6.22 27.99 -3.63
C PHE E 159 7.27 28.58 -4.58
N PRO E 160 8.17 27.73 -5.12
CA PRO E 160 9.19 28.26 -6.04
C PRO E 160 8.63 28.87 -7.32
N ALA E 161 9.24 29.96 -7.77
CA ALA E 161 8.81 30.60 -9.00
C ALA E 161 9.43 29.77 -10.14
N MET E 162 8.75 29.70 -11.27
CA MET E 162 9.25 28.93 -12.40
C MET E 162 9.34 29.77 -13.67
N SER E 163 8.91 31.03 -13.60
CA SER E 163 8.93 31.92 -14.76
C SER E 163 10.35 32.23 -15.27
N ASP E 164 11.34 32.14 -14.40
CA ASP E 164 12.72 32.41 -14.80
C ASP E 164 13.56 31.14 -14.80
N ALA E 165 12.91 29.99 -15.01
CA ALA E 165 13.56 28.68 -14.99
C ALA E 165 14.79 28.50 -15.90
N TYR E 166 14.68 28.87 -17.17
CA TYR E 166 15.77 28.71 -18.11
C TYR E 166 16.64 29.97 -18.17
N ASP E 167 17.78 29.89 -17.50
CA ASP E 167 18.74 30.98 -17.40
C ASP E 167 18.88 31.84 -18.64
N ARG E 168 18.53 33.12 -18.48
CA ARG E 168 18.59 34.09 -19.57
C ARG E 168 20.02 34.28 -20.06
N ASP E 169 20.98 34.29 -19.15
CA ASP E 169 22.37 34.47 -19.53
C ASP E 169 22.85 33.34 -20.44
N MET E 170 22.61 32.09 -20.06
CA MET E 170 23.02 30.95 -20.87
C MET E 170 22.33 30.95 -22.23
N ARG E 171 21.10 31.46 -22.27
CA ARG E 171 20.38 31.51 -23.54
C ARG E 171 21.06 32.47 -24.50
N GLN E 172 21.61 33.56 -23.98
CA GLN E 172 22.28 34.53 -24.83
C GLN E 172 23.61 33.96 -25.32
N LYS E 173 24.35 33.31 -24.41
CA LYS E 173 25.63 32.72 -24.77
C LYS E 173 25.42 31.57 -25.75
N ALA E 174 24.30 30.86 -25.61
CA ALA E 174 24.01 29.75 -26.51
C ALA E 174 23.89 30.28 -27.94
N HIS E 175 23.21 31.41 -28.09
CA HIS E 175 23.03 32.05 -29.39
C HIS E 175 24.34 32.58 -29.97
N SER E 176 25.17 33.16 -29.10
CA SER E 176 26.45 33.70 -29.54
C SER E 176 27.39 32.58 -29.95
N THR E 177 27.39 31.50 -29.17
CA THR E 177 28.23 30.36 -29.45
C THR E 177 27.86 29.67 -30.75
N TRP E 178 26.57 29.60 -31.03
CA TRP E 178 26.07 28.96 -32.24
C TRP E 178 26.55 29.70 -33.49
N LYS E 179 26.52 31.02 -33.44
CA LYS E 179 26.96 31.84 -34.56
C LYS E 179 28.46 31.71 -34.75
N GLN E 180 29.19 31.71 -33.63
CA GLN E 180 30.64 31.58 -33.68
C GLN E 180 31.02 30.28 -34.37
N MET E 181 30.20 29.25 -34.18
CA MET E 181 30.43 27.96 -34.81
C MET E 181 30.19 28.09 -36.30
N GLY E 182 29.43 29.12 -36.68
CA GLY E 182 29.13 29.35 -38.08
C GLY E 182 28.26 28.27 -38.71
N GLU E 183 27.36 27.69 -37.91
CA GLU E 183 26.47 26.65 -38.40
C GLU E 183 25.57 27.17 -39.52
N GLN E 184 25.23 26.29 -40.46
CA GLN E 184 24.37 26.67 -41.57
C GLN E 184 22.93 26.85 -41.09
N ARG E 185 22.41 25.86 -40.39
CA ARG E 185 21.06 25.92 -39.85
C ARG E 185 21.04 26.82 -38.61
N GLU E 186 19.95 27.55 -38.42
CA GLU E 186 19.84 28.43 -37.26
C GLU E 186 19.48 27.67 -35.99
N LEU E 187 19.81 28.27 -34.85
CA LEU E 187 19.51 27.69 -33.55
C LEU E 187 18.07 28.04 -33.19
N GLN E 188 17.20 27.04 -33.17
CA GLN E 188 15.80 27.28 -32.85
C GLN E 188 15.65 27.55 -31.35
N GLU E 189 14.51 28.10 -30.96
CA GLU E 189 14.24 28.41 -29.56
C GLU E 189 12.74 28.35 -29.35
N GLY E 190 12.31 27.82 -28.21
CA GLY E 190 10.88 27.74 -27.98
C GLY E 190 10.45 27.11 -26.68
N THR E 191 9.14 26.90 -26.57
CA THR E 191 8.53 26.31 -25.40
C THR E 191 8.39 24.80 -25.54
N TYR E 192 8.80 24.09 -24.49
CA TYR E 192 8.72 22.64 -24.44
C TYR E 192 7.52 22.24 -23.58
N VAL E 193 6.64 21.41 -24.12
CA VAL E 193 5.50 20.95 -23.35
C VAL E 193 5.68 19.47 -23.00
N MET E 194 5.45 19.12 -21.75
CA MET E 194 5.59 17.74 -21.36
C MET E 194 4.24 17.10 -21.08
N LEU E 195 4.06 15.89 -21.59
CA LEU E 195 2.85 15.13 -21.33
C LEU E 195 3.36 13.75 -20.89
N GLY E 196 2.48 12.93 -20.35
CA GLY E 196 2.89 11.64 -19.84
C GLY E 196 3.41 10.58 -20.79
N GLY E 197 2.72 10.35 -21.90
CA GLY E 197 3.16 9.31 -22.82
C GLY E 197 2.66 8.00 -22.23
N PRO E 198 3.13 6.84 -22.72
CA PRO E 198 4.12 6.63 -23.78
C PRO E 198 3.63 6.70 -25.22
N ASN E 199 2.33 6.78 -25.45
CA ASN E 199 1.85 6.85 -26.82
C ASN E 199 2.13 8.22 -27.42
N PHE E 200 2.24 8.28 -28.73
CA PHE E 200 2.47 9.56 -29.40
C PHE E 200 1.13 10.23 -29.62
N GLU E 201 1.15 11.52 -29.91
CA GLU E 201 -0.06 12.31 -30.07
C GLU E 201 -0.96 12.05 -31.28
N THR E 202 -2.24 12.33 -31.11
CA THR E 202 -3.21 12.22 -32.18
C THR E 202 -3.09 13.58 -32.88
N VAL E 203 -3.72 13.73 -34.03
CA VAL E 203 -3.68 14.98 -34.76
C VAL E 203 -4.36 16.09 -33.97
N ALA E 204 -5.48 15.75 -33.31
CA ALA E 204 -6.23 16.70 -32.52
C ALA E 204 -5.42 17.21 -31.34
N GLU E 205 -4.68 16.30 -30.70
CA GLU E 205 -3.85 16.67 -29.56
C GLU E 205 -2.71 17.58 -30.03
N CYS E 206 -2.12 17.24 -31.18
CA CYS E 206 -1.04 18.04 -31.75
C CYS E 206 -1.49 19.47 -32.03
N ARG E 207 -2.63 19.61 -32.70
CA ARG E 207 -3.16 20.94 -33.03
C ARG E 207 -3.44 21.70 -31.76
N LEU E 208 -3.95 21.00 -30.75
CA LEU E 208 -4.27 21.58 -29.45
C LEU E 208 -3.00 22.09 -28.77
N LEU E 209 -2.00 21.22 -28.68
CA LEU E 209 -0.74 21.58 -28.04
C LEU E 209 -0.10 22.79 -28.72
N ARG E 210 -0.17 22.82 -30.05
CA ARG E 210 0.40 23.93 -30.79
C ARG E 210 -0.33 25.22 -30.43
N ASN E 211 -1.66 25.15 -30.32
CA ASN E 211 -2.42 26.36 -29.97
C ASN E 211 -2.18 26.80 -28.54
N LEU E 212 -1.66 25.91 -27.72
CA LEU E 212 -1.37 26.21 -26.32
C LEU E 212 -0.07 27.04 -26.26
N GLY E 213 0.61 27.11 -27.40
CA GLY E 213 1.85 27.86 -27.48
C GLY E 213 3.11 27.01 -27.40
N ALA E 214 2.97 25.70 -27.55
CA ALA E 214 4.11 24.80 -27.47
C ALA E 214 4.81 24.64 -28.81
N ASP E 215 6.14 24.53 -28.76
CA ASP E 215 6.96 24.37 -29.96
C ASP E 215 7.52 22.97 -30.11
N ALA E 216 7.72 22.29 -28.98
CA ALA E 216 8.25 20.93 -28.97
C ALA E 216 7.54 20.14 -27.86
N VAL E 217 7.32 18.85 -28.12
CA VAL E 217 6.65 17.99 -27.15
C VAL E 217 7.46 16.75 -26.79
N GLY E 218 7.48 16.42 -25.50
CA GLY E 218 8.21 15.26 -25.03
C GLY E 218 7.58 14.71 -23.77
N MET E 219 8.23 13.72 -23.16
CA MET E 219 7.71 13.08 -21.95
C MET E 219 8.71 13.12 -20.79
N SER E 220 9.59 14.11 -20.76
CA SER E 220 10.58 14.20 -19.69
C SER E 220 10.96 15.64 -19.41
N THR E 221 12.15 15.80 -18.82
CA THR E 221 12.76 17.09 -18.55
C THR E 221 12.12 18.09 -17.57
N VAL E 222 10.86 18.42 -17.79
CA VAL E 222 10.16 19.37 -16.92
C VAL E 222 10.27 19.05 -15.43
N PRO E 223 10.13 17.77 -15.04
CA PRO E 223 10.22 17.43 -13.61
C PRO E 223 11.59 17.77 -13.03
N GLU E 224 12.64 17.40 -13.77
CA GLU E 224 14.00 17.69 -13.33
C GLU E 224 14.24 19.19 -13.23
N VAL E 225 13.75 19.96 -14.19
CA VAL E 225 13.94 21.41 -14.18
C VAL E 225 13.28 22.03 -12.94
N ILE E 226 12.05 21.59 -12.64
CA ILE E 226 11.31 22.10 -11.49
C ILE E 226 12.09 21.86 -10.20
N VAL E 227 12.62 20.66 -10.06
CA VAL E 227 13.40 20.30 -8.86
C VAL E 227 14.73 21.05 -8.84
N ALA E 228 15.32 21.24 -10.01
CA ALA E 228 16.59 21.97 -10.10
C ALA E 228 16.43 23.39 -9.62
N ARG E 229 15.38 24.06 -10.10
CA ARG E 229 15.13 25.44 -9.70
C ARG E 229 14.75 25.55 -8.23
N HIS E 230 13.98 24.59 -7.73
CA HIS E 230 13.59 24.60 -6.33
C HIS E 230 14.84 24.60 -5.44
N CYS E 231 15.84 23.76 -5.77
CA CYS E 231 17.05 23.73 -4.96
C CYS E 231 18.17 24.68 -5.38
N GLY E 232 17.83 25.70 -6.18
CA GLY E 232 18.80 26.70 -6.58
C GLY E 232 19.80 26.50 -7.72
N LEU E 233 19.61 25.47 -8.54
CA LEU E 233 20.52 25.23 -9.66
C LEU E 233 20.21 26.10 -10.86
N ARG E 234 21.25 26.56 -11.56
CA ARG E 234 21.07 27.34 -12.77
C ARG E 234 20.67 26.30 -13.81
N VAL E 235 19.78 26.64 -14.73
CA VAL E 235 19.33 25.67 -15.71
C VAL E 235 19.29 26.14 -17.16
N PHE E 236 19.68 25.26 -18.07
CA PHE E 236 19.58 25.54 -19.50
C PHE E 236 19.53 24.20 -20.21
N GLY E 237 18.88 24.16 -21.36
CA GLY E 237 18.79 22.89 -22.06
C GLY E 237 18.34 22.97 -23.49
N PHE E 238 18.28 21.82 -24.14
CA PHE E 238 17.88 21.75 -25.54
C PHE E 238 17.07 20.51 -25.87
N SER E 239 16.25 20.64 -26.92
CA SER E 239 15.47 19.53 -27.42
C SER E 239 16.06 19.26 -28.80
N LEU E 240 16.29 18.00 -29.12
CA LEU E 240 16.78 17.64 -30.45
C LEU E 240 15.47 17.26 -31.15
N ILE E 241 15.10 17.99 -32.20
CA ILE E 241 13.86 17.68 -32.90
C ILE E 241 14.09 16.48 -33.82
N THR E 242 13.70 15.31 -33.34
CA THR E 242 13.89 14.08 -34.11
C THR E 242 12.72 13.74 -35.03
N ASN E 243 11.63 14.46 -34.91
CA ASN E 243 10.47 14.19 -35.74
C ASN E 243 9.47 15.33 -35.70
N LYS E 244 8.80 15.55 -36.83
CA LYS E 244 7.78 16.58 -36.92
C LYS E 244 6.45 15.87 -36.68
N VAL E 245 5.75 16.26 -35.62
CA VAL E 245 4.47 15.64 -35.30
C VAL E 245 3.44 15.78 -36.43
N ILE E 246 2.62 14.74 -36.60
CA ILE E 246 1.60 14.71 -37.64
C ILE E 246 0.47 15.69 -37.32
N MET E 247 0.32 16.72 -38.14
CA MET E 247 -0.69 17.76 -37.96
C MET E 247 -1.94 17.66 -38.82
N ASP E 248 -2.00 16.66 -39.70
CA ASP E 248 -3.17 16.50 -40.56
C ASP E 248 -3.56 15.05 -40.77
N TYR E 249 -4.79 14.84 -41.21
CA TYR E 249 -5.29 13.49 -41.46
C TYR E 249 -4.97 13.06 -42.88
N LYS E 265 23.71 9.39 -35.73
CA LYS E 265 23.12 10.53 -36.43
C LYS E 265 24.01 11.77 -36.26
N GLN E 266 24.21 12.50 -37.34
CA GLN E 266 25.05 13.69 -37.29
C GLN E 266 24.37 14.85 -36.56
N ALA E 267 23.04 14.85 -36.52
CA ALA E 267 22.31 15.89 -35.83
C ALA E 267 22.55 15.75 -34.33
N ALA E 268 22.51 14.52 -33.83
CA ALA E 268 22.73 14.26 -32.42
C ALA E 268 24.17 14.61 -32.04
N GLN E 269 25.11 14.24 -32.90
CA GLN E 269 26.52 14.55 -32.65
C GLN E 269 26.76 16.06 -32.64
N LYS E 270 25.97 16.80 -33.41
CA LYS E 270 26.12 18.25 -33.45
C LYS E 270 25.68 18.84 -32.11
N LEU E 271 24.62 18.27 -31.53
CA LEU E 271 24.12 18.77 -30.24
C LEU E 271 25.17 18.47 -29.18
N GLU E 272 25.75 17.28 -29.25
CA GLU E 272 26.77 16.87 -28.29
C GLU E 272 27.98 17.80 -28.37
N GLN E 273 28.32 18.24 -29.57
CA GLN E 273 29.45 19.14 -29.76
C GLN E 273 29.09 20.51 -29.19
N PHE E 274 27.88 20.97 -29.50
CA PHE E 274 27.40 22.26 -29.03
C PHE E 274 27.37 22.32 -27.50
N VAL E 275 26.81 21.29 -26.87
CA VAL E 275 26.75 21.25 -25.41
C VAL E 275 28.15 21.28 -24.81
N SER E 276 29.08 20.56 -25.43
CA SER E 276 30.45 20.54 -24.94
C SER E 276 31.03 21.95 -24.99
N LEU E 277 30.79 22.64 -26.10
CA LEU E 277 31.28 24.00 -26.28
C LEU E 277 30.76 24.98 -25.22
N LEU E 278 29.48 24.84 -24.86
CA LEU E 278 28.82 25.72 -23.92
C LEU E 278 29.39 25.55 -22.51
N MET E 279 30.05 24.44 -22.22
CA MET E 279 30.63 24.22 -20.89
C MET E 279 31.52 25.42 -20.53
N ALA E 280 32.18 25.97 -21.54
CA ALA E 280 33.08 27.10 -21.35
C ALA E 280 32.34 28.40 -21.01
N SER E 281 31.05 28.47 -21.35
CA SER E 281 30.25 29.66 -21.08
C SER E 281 29.53 29.61 -19.72
N ILE E 282 29.65 28.49 -19.01
CA ILE E 282 28.99 28.37 -17.71
C ILE E 282 29.80 29.15 -16.66
N PRO E 283 29.14 30.06 -15.92
CA PRO E 283 29.81 30.86 -14.90
C PRO E 283 30.41 30.09 -13.72
N VAL E 284 31.29 30.77 -12.99
CA VAL E 284 31.96 30.20 -11.82
C VAL E 284 32.82 28.99 -12.20
N MET F 1 0.74 5.04 -12.82
CA MET F 1 0.17 3.70 -12.53
C MET F 1 1.18 2.60 -12.77
N GLN F 2 1.00 1.50 -12.05
CA GLN F 2 1.85 0.34 -12.19
C GLN F 2 0.90 -0.77 -12.58
N ASN F 3 0.74 -0.96 -13.89
CA ASN F 3 -0.16 -2.01 -14.38
C ASN F 3 0.05 -3.21 -13.49
N GLY F 4 -0.99 -3.58 -12.75
CA GLY F 4 -0.91 -4.71 -11.85
C GLY F 4 -0.98 -6.08 -12.50
N TYR F 5 -1.37 -6.14 -13.77
CA TYR F 5 -1.47 -7.42 -14.46
C TYR F 5 -0.15 -7.83 -15.13
N THR F 6 0.18 -9.12 -14.99
CA THR F 6 1.38 -9.66 -15.63
C THR F 6 0.89 -10.28 -16.93
N TYR F 7 1.81 -10.54 -17.85
CA TYR F 7 1.42 -11.14 -19.12
C TYR F 7 0.61 -12.42 -18.96
N GLU F 8 1.03 -13.28 -18.03
CA GLU F 8 0.33 -14.54 -17.81
C GLU F 8 -1.10 -14.36 -17.30
N ASP F 9 -1.40 -13.23 -16.65
CA ASP F 9 -2.77 -12.99 -16.19
C ASP F 9 -3.68 -12.94 -17.40
N TYR F 10 -3.28 -12.16 -18.41
CA TYR F 10 -4.07 -12.04 -19.63
C TYR F 10 -4.25 -13.41 -20.28
N GLN F 11 -3.16 -14.18 -20.32
CA GLN F 11 -3.20 -15.51 -20.92
C GLN F 11 -4.13 -16.46 -20.17
N ASP F 12 -4.11 -16.39 -18.84
CA ASP F 12 -4.96 -17.24 -18.03
C ASP F 12 -6.43 -16.95 -18.31
N THR F 13 -6.77 -15.67 -18.40
CA THR F 13 -8.15 -15.29 -18.67
C THR F 13 -8.56 -15.75 -20.06
N ALA F 14 -7.70 -15.50 -21.05
CA ALA F 14 -8.00 -15.91 -22.41
C ALA F 14 -8.15 -17.42 -22.50
N LYS F 15 -7.27 -18.15 -21.83
CA LYS F 15 -7.32 -19.61 -21.83
C LYS F 15 -8.63 -20.12 -21.20
N TRP F 16 -9.05 -19.47 -20.11
CA TRP F 16 -10.28 -19.85 -19.44
C TRP F 16 -11.45 -19.65 -20.40
N LEU F 17 -11.48 -18.50 -21.08
CA LEU F 17 -12.56 -18.22 -22.01
C LEU F 17 -12.56 -19.17 -23.20
N LEU F 18 -11.38 -19.43 -23.75
CA LEU F 18 -11.26 -20.33 -24.90
C LEU F 18 -11.76 -21.74 -24.60
N SER F 19 -11.66 -22.14 -23.34
CA SER F 19 -12.08 -23.48 -22.95
C SER F 19 -13.54 -23.55 -22.46
N HIS F 20 -14.16 -22.39 -22.26
CA HIS F 20 -15.54 -22.36 -21.80
C HIS F 20 -16.53 -22.06 -22.91
N THR F 21 -16.01 -21.68 -24.07
CA THR F 21 -16.84 -21.42 -25.22
C THR F 21 -16.06 -21.86 -26.43
N GLU F 22 -16.78 -22.36 -27.43
CA GLU F 22 -16.17 -22.81 -28.66
C GLU F 22 -16.15 -21.71 -29.71
N GLN F 23 -16.80 -20.59 -29.42
CA GLN F 23 -16.86 -19.49 -30.36
C GLN F 23 -15.53 -18.75 -30.47
N ARG F 24 -15.19 -18.32 -31.69
CA ARG F 24 -13.95 -17.61 -31.93
C ARG F 24 -14.21 -16.31 -32.69
N PRO F 25 -14.58 -15.25 -31.95
CA PRO F 25 -14.87 -13.95 -32.57
C PRO F 25 -13.67 -13.19 -33.13
N GLN F 26 -13.91 -12.50 -34.24
CA GLN F 26 -12.87 -11.69 -34.89
C GLN F 26 -13.14 -10.23 -34.56
N VAL F 27 -14.28 -9.96 -33.93
CA VAL F 27 -14.65 -8.60 -33.57
C VAL F 27 -15.19 -8.47 -32.14
N ALA F 28 -14.73 -7.44 -31.44
CA ALA F 28 -15.18 -7.19 -30.08
C ALA F 28 -15.92 -5.86 -30.09
N VAL F 29 -16.96 -5.76 -29.29
CA VAL F 29 -17.75 -4.53 -29.21
C VAL F 29 -17.94 -4.14 -27.74
N ILE F 30 -17.68 -2.88 -27.42
CA ILE F 30 -17.88 -2.39 -26.06
C ILE F 30 -19.12 -1.48 -26.10
N CYS F 31 -20.18 -1.91 -25.44
CA CYS F 31 -21.43 -1.16 -25.40
C CYS F 31 -21.42 -0.03 -24.37
N GLY F 32 -21.65 1.19 -24.84
CA GLY F 32 -21.68 2.32 -23.94
C GLY F 32 -22.94 2.33 -23.08
N SER F 33 -23.10 3.37 -22.28
CA SER F 33 -24.25 3.51 -21.40
C SER F 33 -25.57 3.55 -22.17
N GLY F 34 -26.54 2.76 -21.72
CA GLY F 34 -27.83 2.72 -22.38
C GLY F 34 -27.82 2.05 -23.75
N LEU F 35 -26.66 1.51 -24.13
CA LEU F 35 -26.53 0.85 -25.43
C LEU F 35 -26.31 -0.65 -25.24
N GLY F 36 -26.57 -1.13 -24.04
CA GLY F 36 -26.40 -2.54 -23.74
C GLY F 36 -27.37 -3.43 -24.50
N GLY F 37 -28.49 -2.84 -24.93
CA GLY F 37 -29.49 -3.60 -25.65
C GLY F 37 -28.94 -4.29 -26.90
N LEU F 38 -27.74 -3.90 -27.32
CA LEU F 38 -27.12 -4.49 -28.50
C LEU F 38 -26.94 -6.01 -28.31
N VAL F 39 -26.69 -6.43 -27.08
CA VAL F 39 -26.51 -7.85 -26.77
C VAL F 39 -27.75 -8.67 -27.16
N ASN F 40 -28.92 -8.05 -27.13
CA ASN F 40 -30.17 -8.73 -27.47
C ASN F 40 -30.32 -8.99 -28.97
N LYS F 41 -29.43 -8.40 -29.76
CA LYS F 41 -29.47 -8.60 -31.21
C LYS F 41 -28.60 -9.79 -31.63
N LEU F 42 -27.88 -10.35 -30.68
CA LEU F 42 -27.02 -11.50 -30.95
C LEU F 42 -27.82 -12.80 -31.01
N THR F 43 -27.35 -13.74 -31.83
CA THR F 43 -27.99 -15.04 -31.92
C THR F 43 -26.96 -16.06 -31.43
N GLN F 44 -27.44 -17.21 -30.94
CA GLN F 44 -26.55 -18.25 -30.44
C GLN F 44 -25.58 -17.67 -29.41
N ALA F 45 -26.12 -16.88 -28.51
CA ALA F 45 -25.31 -16.22 -27.49
C ALA F 45 -24.95 -17.10 -26.28
N GLN F 46 -23.77 -16.86 -25.74
CA GLN F 46 -23.29 -17.56 -24.56
C GLN F 46 -22.76 -16.42 -23.67
N THR F 47 -23.27 -16.32 -22.45
CA THR F 47 -22.87 -15.25 -21.55
C THR F 47 -22.03 -15.69 -20.35
N PHE F 48 -21.14 -14.80 -19.94
CA PHE F 48 -20.28 -15.02 -18.79
C PHE F 48 -20.33 -13.76 -17.93
N ASP F 49 -20.66 -13.90 -16.66
CA ASP F 49 -20.69 -12.74 -15.77
C ASP F 49 -19.23 -12.33 -15.57
N TYR F 50 -18.96 -11.03 -15.59
CA TYR F 50 -17.60 -10.54 -15.40
C TYR F 50 -17.02 -11.15 -14.12
N SER F 51 -17.85 -11.16 -13.08
CA SER F 51 -17.47 -11.67 -11.76
C SER F 51 -16.91 -13.09 -11.74
N GLU F 52 -17.31 -13.93 -12.70
CA GLU F 52 -16.84 -15.31 -12.72
C GLU F 52 -15.59 -15.50 -13.56
N ILE F 53 -15.32 -14.56 -14.45
CA ILE F 53 -14.15 -14.66 -15.31
C ILE F 53 -12.89 -14.31 -14.51
N PRO F 54 -11.89 -15.20 -14.52
CA PRO F 54 -10.65 -14.96 -13.77
C PRO F 54 -9.98 -13.64 -14.16
N ASN F 55 -9.51 -12.90 -13.15
CA ASN F 55 -8.81 -11.62 -13.33
C ASN F 55 -9.67 -10.47 -13.83
N PHE F 56 -10.98 -10.68 -13.97
CA PHE F 56 -11.79 -9.68 -14.68
C PHE F 56 -12.24 -8.68 -13.63
N PRO F 57 -12.16 -7.38 -13.95
CA PRO F 57 -12.61 -6.40 -12.96
C PRO F 57 -14.12 -6.67 -12.77
N GLU F 58 -14.68 -6.28 -11.64
CA GLU F 58 -16.11 -6.50 -11.43
C GLU F 58 -16.85 -5.17 -11.42
N SER F 59 -18.06 -5.18 -11.95
CA SER F 59 -18.89 -3.98 -12.03
C SER F 59 -19.03 -3.30 -10.68
N THR F 60 -19.23 -1.99 -10.71
CA THR F 60 -19.37 -1.20 -9.49
C THR F 60 -20.83 -0.98 -9.09
N VAL F 61 -21.58 -0.32 -9.96
CA VAL F 61 -22.99 -0.02 -9.71
C VAL F 61 -23.79 -1.26 -9.30
N PRO F 62 -24.42 -1.21 -8.12
CA PRO F 62 -25.21 -2.33 -7.60
C PRO F 62 -26.39 -2.68 -8.50
N GLY F 63 -26.68 -3.98 -8.60
CA GLY F 63 -27.78 -4.43 -9.43
C GLY F 63 -27.49 -4.40 -10.92
N HIS F 64 -26.25 -4.12 -11.29
CA HIS F 64 -25.88 -4.07 -12.70
C HIS F 64 -24.58 -4.78 -13.02
N ALA F 65 -24.41 -5.97 -12.47
CA ALA F 65 -23.20 -6.76 -12.71
C ALA F 65 -23.07 -7.01 -14.23
N GLY F 66 -21.94 -6.59 -14.79
CA GLY F 66 -21.71 -6.76 -16.22
C GLY F 66 -21.58 -8.20 -16.71
N ARG F 67 -21.62 -8.34 -18.04
CA ARG F 67 -21.53 -9.64 -18.68
C ARG F 67 -20.72 -9.56 -19.97
N LEU F 68 -20.03 -10.65 -20.28
CA LEU F 68 -19.26 -10.75 -21.51
C LEU F 68 -20.08 -11.73 -22.33
N VAL F 69 -20.53 -11.32 -23.50
CA VAL F 69 -21.37 -12.19 -24.31
C VAL F 69 -20.78 -12.50 -25.68
N PHE F 70 -20.68 -13.80 -25.98
CA PHE F 70 -20.18 -14.23 -27.29
C PHE F 70 -21.40 -14.55 -28.13
N GLY F 71 -21.41 -14.10 -29.37
CA GLY F 71 -22.56 -14.37 -30.22
C GLY F 71 -22.38 -13.90 -31.66
N ILE F 72 -23.43 -14.07 -32.45
CA ILE F 72 -23.42 -13.67 -33.85
C ILE F 72 -24.27 -12.41 -33.97
N LEU F 73 -23.74 -11.38 -34.62
CA LEU F 73 -24.50 -10.14 -34.76
C LEU F 73 -25.19 -10.08 -36.11
N ASN F 74 -24.43 -9.79 -37.16
CA ASN F 74 -25.00 -9.73 -38.50
C ASN F 74 -24.15 -10.64 -39.35
N GLY F 75 -24.20 -11.93 -39.02
CA GLY F 75 -23.42 -12.94 -39.73
C GLY F 75 -21.98 -12.96 -39.25
N ARG F 76 -21.68 -12.15 -38.23
CA ARG F 76 -20.32 -12.09 -37.71
C ARG F 76 -20.20 -12.47 -36.25
N ALA F 77 -19.25 -13.36 -35.95
CA ALA F 77 -19.00 -13.80 -34.59
C ALA F 77 -18.41 -12.63 -33.81
N CYS F 78 -19.06 -12.29 -32.70
CA CYS F 78 -18.62 -11.18 -31.86
C CYS F 78 -18.51 -11.57 -30.40
N VAL F 79 -17.82 -10.73 -29.64
CA VAL F 79 -17.71 -10.88 -28.21
C VAL F 79 -18.02 -9.46 -27.76
N MET F 80 -19.03 -9.32 -26.92
CA MET F 80 -19.46 -7.99 -26.47
C MET F 80 -19.42 -7.76 -24.97
N MET F 81 -19.18 -6.51 -24.61
CA MET F 81 -19.14 -6.10 -23.22
C MET F 81 -20.44 -5.38 -22.89
N GLN F 82 -21.22 -5.97 -22.00
CA GLN F 82 -22.46 -5.34 -21.56
C GLN F 82 -22.11 -4.79 -20.20
N GLY F 83 -21.79 -3.51 -20.18
CA GLY F 83 -21.39 -2.86 -18.95
C GLY F 83 -19.90 -2.60 -19.10
N ARG F 84 -19.44 -1.45 -18.62
CA ARG F 84 -18.02 -1.16 -18.73
C ARG F 84 -17.46 -0.59 -17.43
N PHE F 85 -16.17 -0.29 -17.43
CA PHE F 85 -15.51 0.24 -16.25
C PHE F 85 -15.04 1.65 -16.56
N HIS F 86 -15.11 2.53 -15.57
CA HIS F 86 -14.70 3.92 -15.76
C HIS F 86 -13.71 4.33 -14.70
N MET F 87 -12.84 5.27 -15.07
CA MET F 87 -11.85 5.80 -14.15
C MET F 87 -12.54 6.45 -12.94
N TYR F 88 -13.66 7.11 -13.17
CA TYR F 88 -14.38 7.78 -12.08
C TYR F 88 -14.99 6.82 -11.05
N GLU F 89 -15.05 5.53 -11.37
CA GLU F 89 -15.60 4.56 -10.44
C GLU F 89 -14.48 4.11 -9.50
N GLY F 90 -13.24 4.50 -9.83
CA GLY F 90 -12.11 4.12 -8.99
C GLY F 90 -11.17 3.12 -9.64
N TYR F 91 -11.47 2.73 -10.89
CA TYR F 91 -10.64 1.77 -11.60
C TYR F 91 -9.45 2.44 -12.29
N PRO F 92 -8.23 1.95 -12.04
CA PRO F 92 -7.10 2.56 -12.72
C PRO F 92 -7.25 2.12 -14.19
N PHE F 93 -6.57 2.79 -15.12
CA PHE F 93 -6.73 2.40 -16.51
C PHE F 93 -6.27 0.98 -16.87
N TRP F 94 -5.28 0.43 -16.16
CA TRP F 94 -4.85 -0.93 -16.50
C TRP F 94 -5.96 -1.94 -16.21
N LYS F 95 -6.94 -1.57 -15.39
CA LYS F 95 -8.05 -2.46 -15.11
C LYS F 95 -9.16 -2.20 -16.11
N VAL F 96 -9.47 -0.92 -16.34
CA VAL F 96 -10.51 -0.55 -17.29
C VAL F 96 -10.26 -1.23 -18.63
N THR F 97 -9.00 -1.24 -19.05
CA THR F 97 -8.64 -1.79 -20.35
C THR F 97 -8.25 -3.27 -20.40
N PHE F 98 -8.25 -3.94 -19.25
CA PHE F 98 -7.89 -5.36 -19.20
C PHE F 98 -8.55 -6.20 -20.30
N PRO F 99 -9.88 -6.06 -20.48
CA PRO F 99 -10.60 -6.83 -21.50
C PRO F 99 -10.07 -6.68 -22.93
N VAL F 100 -9.58 -5.49 -23.28
CA VAL F 100 -9.08 -5.28 -24.63
C VAL F 100 -7.92 -6.20 -24.97
N ARG F 101 -6.97 -6.35 -24.05
CA ARG F 101 -5.83 -7.22 -24.28
C ARG F 101 -6.28 -8.68 -24.29
N VAL F 102 -7.29 -9.01 -23.48
CA VAL F 102 -7.78 -10.38 -23.46
C VAL F 102 -8.37 -10.67 -24.85
N PHE F 103 -9.17 -9.74 -25.37
CA PHE F 103 -9.77 -9.91 -26.69
C PHE F 103 -8.71 -10.20 -27.75
N ARG F 104 -7.61 -9.46 -27.71
CA ARG F 104 -6.53 -9.64 -28.66
C ARG F 104 -6.02 -11.08 -28.59
N LEU F 105 -5.89 -11.59 -27.37
CA LEU F 105 -5.42 -12.97 -27.16
C LEU F 105 -6.44 -14.03 -27.57
N LEU F 106 -7.70 -13.64 -27.69
CA LEU F 106 -8.75 -14.59 -28.11
C LEU F 106 -8.75 -14.68 -29.62
N GLY F 107 -8.05 -13.76 -30.27
CA GLY F 107 -7.98 -13.74 -31.71
C GLY F 107 -8.81 -12.62 -32.33
N VAL F 108 -9.31 -11.70 -31.51
CA VAL F 108 -10.09 -10.59 -32.04
C VAL F 108 -9.20 -9.68 -32.87
N GLU F 109 -9.70 -9.18 -33.99
CA GLU F 109 -8.92 -8.31 -34.88
C GLU F 109 -9.46 -6.89 -34.95
N THR F 110 -10.74 -6.71 -34.64
CA THR F 110 -11.33 -5.38 -34.70
C THR F 110 -12.11 -5.06 -33.43
N LEU F 111 -11.98 -3.82 -32.97
CA LEU F 111 -12.70 -3.37 -31.78
C LEU F 111 -13.64 -2.23 -32.14
N VAL F 112 -14.91 -2.40 -31.79
CA VAL F 112 -15.89 -1.37 -32.04
C VAL F 112 -16.22 -0.81 -30.66
N VAL F 113 -16.06 0.51 -30.51
CA VAL F 113 -16.37 1.14 -29.23
C VAL F 113 -17.51 2.13 -29.42
N THR F 114 -18.42 2.16 -28.45
CA THR F 114 -19.53 3.10 -28.50
C THR F 114 -19.69 3.71 -27.12
N ASN F 115 -20.24 4.91 -27.09
CA ASN F 115 -20.48 5.59 -25.83
C ASN F 115 -21.55 6.65 -25.99
N ALA F 116 -22.06 7.14 -24.86
CA ALA F 116 -23.05 8.20 -24.83
C ALA F 116 -22.16 9.40 -24.50
N ALA F 117 -22.37 10.53 -25.18
CA ALA F 117 -21.53 11.69 -24.92
C ALA F 117 -22.29 13.00 -24.92
N GLY F 118 -21.62 14.04 -24.41
CA GLY F 118 -22.23 15.36 -24.37
C GLY F 118 -21.81 16.10 -25.63
N GLY F 119 -22.76 16.76 -26.29
CA GLY F 119 -22.44 17.48 -27.50
C GLY F 119 -21.81 18.85 -27.25
N LEU F 120 -20.66 19.09 -27.84
CA LEU F 120 -19.96 20.36 -27.70
C LEU F 120 -20.12 21.13 -29.00
N ASN F 121 -20.13 20.40 -30.12
CA ASN F 121 -20.30 20.98 -31.44
C ASN F 121 -21.67 21.64 -31.44
N PRO F 122 -21.74 22.95 -31.74
CA PRO F 122 -23.02 23.66 -31.75
C PRO F 122 -24.06 23.10 -32.71
N ASN F 123 -23.62 22.41 -33.74
CA ASN F 123 -24.54 21.84 -34.73
C ASN F 123 -25.23 20.55 -34.27
N PHE F 124 -24.64 19.88 -33.28
CA PHE F 124 -25.20 18.63 -32.77
C PHE F 124 -26.53 18.79 -32.07
N GLU F 125 -27.39 17.79 -32.22
CA GLU F 125 -28.70 17.77 -31.58
C GLU F 125 -28.80 16.48 -30.77
N VAL F 126 -29.62 16.48 -29.73
CA VAL F 126 -29.81 15.28 -28.92
C VAL F 126 -30.26 14.13 -29.83
N GLY F 127 -29.56 13.01 -29.77
CA GLY F 127 -29.94 11.88 -30.59
C GLY F 127 -29.03 11.66 -31.79
N ASP F 128 -28.19 12.65 -32.09
CA ASP F 128 -27.26 12.51 -33.20
C ASP F 128 -26.29 11.39 -32.91
N ILE F 129 -25.71 10.83 -33.96
CA ILE F 129 -24.70 9.80 -33.80
C ILE F 129 -23.45 10.40 -34.39
N MET F 130 -22.37 10.41 -33.63
CA MET F 130 -21.11 10.96 -34.09
C MET F 130 -20.05 9.90 -34.30
N LEU F 131 -19.59 9.78 -35.53
CA LEU F 131 -18.52 8.85 -35.86
C LEU F 131 -17.29 9.47 -35.22
N ILE F 132 -16.53 8.69 -34.46
CA ILE F 132 -15.33 9.23 -33.83
C ILE F 132 -14.17 9.23 -34.81
N ARG F 133 -13.71 10.41 -35.19
CA ARG F 133 -12.60 10.48 -36.14
C ARG F 133 -11.28 10.67 -35.43
N ASP F 134 -11.34 11.19 -34.21
CA ASP F 134 -10.12 11.43 -33.45
C ASP F 134 -10.48 11.66 -31.99
N HIS F 135 -9.49 11.69 -31.10
CA HIS F 135 -9.79 11.94 -29.70
C HIS F 135 -8.73 12.81 -29.03
N ILE F 136 -9.06 13.30 -27.83
CA ILE F 136 -8.13 14.10 -27.06
C ILE F 136 -8.12 13.41 -25.70
N ASN F 137 -6.96 12.92 -25.30
CA ASN F 137 -6.82 12.22 -24.04
C ASN F 137 -6.31 13.15 -22.94
N LEU F 138 -7.21 13.83 -22.25
CA LEU F 138 -6.79 14.73 -21.19
C LEU F 138 -6.07 14.03 -20.05
N PRO F 139 -6.58 12.87 -19.59
CA PRO F 139 -5.89 12.18 -18.49
C PRO F 139 -4.47 11.80 -18.91
N GLY F 140 -4.32 11.42 -20.18
CA GLY F 140 -3.01 11.03 -20.70
C GLY F 140 -2.00 12.16 -20.61
N PHE F 141 -2.47 13.40 -20.68
CA PHE F 141 -1.57 14.54 -20.59
C PHE F 141 -0.82 14.52 -19.27
N SER F 142 -1.47 14.04 -18.21
CA SER F 142 -0.82 14.01 -16.90
C SER F 142 -0.25 12.66 -16.52
N GLY F 143 -0.21 11.71 -17.46
CA GLY F 143 0.36 10.42 -17.14
C GLY F 143 -0.59 9.30 -16.79
N GLN F 144 -1.88 9.59 -16.65
CA GLN F 144 -2.85 8.54 -16.34
C GLN F 144 -3.01 7.85 -17.69
N ASN F 145 -2.33 6.74 -17.86
CA ASN F 145 -2.35 6.03 -19.14
C ASN F 145 -2.27 4.52 -18.91
N PRO F 146 -3.11 3.73 -19.61
CA PRO F 146 -3.08 2.28 -19.44
C PRO F 146 -1.77 1.63 -19.85
N LEU F 147 -0.94 2.35 -20.59
CA LEU F 147 0.34 1.82 -21.04
C LEU F 147 1.47 2.15 -20.06
N ARG F 148 1.15 2.90 -19.02
CA ARG F 148 2.18 3.26 -18.05
C ARG F 148 2.78 2.02 -17.40
N GLY F 149 4.10 2.02 -17.27
CA GLY F 149 4.82 0.92 -16.69
C GLY F 149 5.74 0.35 -17.75
N PRO F 150 6.53 -0.70 -17.45
CA PRO F 150 7.42 -1.26 -18.48
C PRO F 150 6.57 -1.81 -19.62
N ASN F 151 7.07 -1.66 -20.85
CA ASN F 151 6.32 -2.13 -22.00
C ASN F 151 6.34 -3.64 -22.16
N GLU F 152 5.19 -4.21 -22.54
CA GLU F 152 5.10 -5.65 -22.76
C GLU F 152 5.17 -5.81 -24.27
N GLU F 153 6.37 -6.12 -24.76
CA GLU F 153 6.62 -6.27 -26.19
C GLU F 153 5.73 -7.29 -26.86
N ARG F 154 5.25 -8.28 -26.11
CA ARG F 154 4.39 -9.29 -26.70
C ARG F 154 3.05 -8.72 -27.13
N PHE F 155 2.74 -7.50 -26.70
CA PHE F 155 1.49 -6.84 -27.07
C PHE F 155 1.74 -5.77 -28.12
N GLY F 156 2.74 -4.93 -27.88
CA GLY F 156 3.03 -3.86 -28.81
C GLY F 156 4.33 -3.14 -28.50
N VAL F 157 4.58 -2.05 -29.22
CA VAL F 157 5.81 -1.27 -29.06
C VAL F 157 5.75 -0.31 -27.90
N ARG F 158 6.91 0.19 -27.50
CA ARG F 158 6.98 1.11 -26.38
C ARG F 158 6.25 2.43 -26.62
N PHE F 159 6.42 3.01 -27.80
CA PHE F 159 5.80 4.29 -28.14
C PHE F 159 4.82 4.15 -29.31
N PRO F 160 3.63 3.59 -29.07
CA PRO F 160 2.66 3.43 -30.16
C PRO F 160 2.07 4.74 -30.69
N ALA F 161 1.93 4.83 -32.01
CA ALA F 161 1.36 6.00 -32.65
C ALA F 161 -0.16 5.98 -32.49
N MET F 162 -0.77 7.16 -32.39
CA MET F 162 -2.23 7.28 -32.23
C MET F 162 -2.85 8.16 -33.31
N SER F 163 -2.04 8.71 -34.21
CA SER F 163 -2.57 9.59 -35.26
C SER F 163 -3.52 8.89 -36.24
N ASP F 164 -3.44 7.57 -36.34
CA ASP F 164 -4.30 6.83 -37.25
C ASP F 164 -5.15 5.82 -36.47
N ALA F 165 -5.46 6.15 -35.22
CA ALA F 165 -6.24 5.26 -34.35
C ALA F 165 -7.62 4.85 -34.84
N TYR F 166 -8.37 5.78 -35.42
CA TYR F 166 -9.70 5.46 -35.91
C TYR F 166 -9.63 5.13 -37.40
N ASP F 167 -9.74 3.84 -37.70
CA ASP F 167 -9.65 3.33 -39.06
C ASP F 167 -10.31 4.20 -40.14
N ARG F 168 -9.49 4.67 -41.07
CA ARG F 168 -9.94 5.51 -42.17
C ARG F 168 -10.95 4.83 -43.10
N ASP F 169 -10.76 3.55 -43.38
CA ASP F 169 -11.68 2.84 -44.25
C ASP F 169 -13.05 2.66 -43.62
N MET F 170 -13.09 2.26 -42.36
CA MET F 170 -14.37 2.09 -41.67
C MET F 170 -15.14 3.40 -41.67
N ARG F 171 -14.42 4.52 -41.70
CA ARG F 171 -15.04 5.83 -41.73
C ARG F 171 -15.91 5.97 -42.98
N GLN F 172 -15.34 5.62 -44.12
CA GLN F 172 -16.06 5.71 -45.39
C GLN F 172 -17.27 4.79 -45.39
N LYS F 173 -17.10 3.57 -44.91
CA LYS F 173 -18.19 2.60 -44.85
C LYS F 173 -19.30 3.10 -43.93
N ALA F 174 -18.91 3.71 -42.81
CA ALA F 174 -19.91 4.24 -41.87
C ALA F 174 -20.82 5.25 -42.56
N HIS F 175 -20.22 6.12 -43.36
CA HIS F 175 -21.01 7.12 -44.07
C HIS F 175 -21.91 6.51 -45.13
N SER F 176 -21.40 5.51 -45.84
CA SER F 176 -22.19 4.84 -46.87
C SER F 176 -23.40 4.14 -46.24
N THR F 177 -23.13 3.34 -45.20
CA THR F 177 -24.19 2.61 -44.52
C THR F 177 -25.22 3.56 -43.94
N TRP F 178 -24.77 4.69 -43.41
CA TRP F 178 -25.70 5.66 -42.84
C TRP F 178 -26.71 6.12 -43.88
N LYS F 179 -26.24 6.42 -45.08
CA LYS F 179 -27.13 6.86 -46.13
C LYS F 179 -28.11 5.75 -46.49
N GLN F 180 -27.64 4.50 -46.42
CA GLN F 180 -28.51 3.37 -46.73
C GLN F 180 -29.63 3.26 -45.72
N MET F 181 -29.38 3.74 -44.50
CA MET F 181 -30.39 3.70 -43.45
C MET F 181 -31.46 4.79 -43.66
N GLY F 182 -31.14 5.76 -44.51
CA GLY F 182 -32.07 6.84 -44.78
C GLY F 182 -32.61 7.53 -43.55
N GLU F 183 -31.76 8.28 -42.86
CA GLU F 183 -32.14 9.00 -41.65
C GLU F 183 -32.45 10.47 -41.98
N GLN F 184 -33.23 11.11 -41.13
CA GLN F 184 -33.58 12.52 -41.34
C GLN F 184 -32.38 13.39 -40.98
N ARG F 185 -31.51 12.84 -40.15
CA ARG F 185 -30.33 13.56 -39.70
C ARG F 185 -29.06 12.96 -40.31
N GLU F 186 -28.07 13.81 -40.59
CA GLU F 186 -26.81 13.34 -41.17
C GLU F 186 -25.96 12.62 -40.11
N LEU F 187 -24.99 11.86 -40.58
CA LEU F 187 -24.09 11.15 -39.68
C LEU F 187 -23.06 12.20 -39.24
N GLN F 188 -23.00 12.50 -37.96
CA GLN F 188 -22.04 13.48 -37.49
C GLN F 188 -20.66 12.84 -37.42
N GLU F 189 -19.63 13.68 -37.31
CA GLU F 189 -18.27 13.16 -37.26
C GLU F 189 -17.38 14.14 -36.51
N GLY F 190 -16.42 13.63 -35.74
CA GLY F 190 -15.56 14.53 -35.01
C GLY F 190 -14.65 13.98 -33.93
N THR F 191 -14.12 14.88 -33.12
CA THR F 191 -13.19 14.54 -32.05
C THR F 191 -13.88 14.35 -30.70
N TYR F 192 -13.57 13.23 -30.05
CA TYR F 192 -14.12 12.93 -28.73
C TYR F 192 -13.04 13.24 -27.69
N VAL F 193 -13.41 13.98 -26.65
CA VAL F 193 -12.45 14.29 -25.60
C VAL F 193 -12.86 13.61 -24.30
N MET F 194 -11.91 12.96 -23.66
CA MET F 194 -12.23 12.30 -22.40
C MET F 194 -11.65 13.03 -21.22
N LEU F 195 -12.43 13.08 -20.14
CA LEU F 195 -11.98 13.68 -18.90
C LEU F 195 -12.42 12.71 -17.82
N GLY F 196 -11.87 12.86 -16.63
CA GLY F 196 -12.18 11.94 -15.55
C GLY F 196 -13.61 11.80 -15.06
N GLY F 197 -14.27 12.92 -14.79
CA GLY F 197 -15.64 12.84 -14.28
C GLY F 197 -15.53 12.54 -12.79
N PRO F 198 -16.62 12.15 -12.10
CA PRO F 198 -18.00 11.96 -12.54
C PRO F 198 -18.91 13.18 -12.65
N ASN F 199 -18.49 14.34 -12.17
CA ASN F 199 -19.35 15.52 -12.27
C ASN F 199 -19.38 15.95 -13.73
N PHE F 200 -20.42 16.66 -14.12
CA PHE F 200 -20.51 17.16 -15.49
C PHE F 200 -19.82 18.52 -15.49
N GLU F 201 -19.54 19.03 -16.68
CA GLU F 201 -18.81 20.29 -16.86
C GLU F 201 -19.49 21.59 -16.50
N THR F 202 -18.66 22.56 -16.08
CA THR F 202 -19.13 23.90 -15.77
C THR F 202 -19.18 24.56 -17.16
N VAL F 203 -19.78 25.74 -17.25
CA VAL F 203 -19.86 26.45 -18.52
C VAL F 203 -18.47 26.82 -19.04
N ALA F 204 -17.58 27.27 -18.15
CA ALA F 204 -16.22 27.63 -18.57
C ALA F 204 -15.46 26.42 -19.10
N GLU F 205 -15.70 25.25 -18.51
CA GLU F 205 -15.02 24.04 -18.98
C GLU F 205 -15.53 23.63 -20.36
N CYS F 206 -16.82 23.75 -20.58
CA CYS F 206 -17.39 23.38 -21.88
C CYS F 206 -16.83 24.28 -22.99
N ARG F 207 -16.78 25.58 -22.73
CA ARG F 207 -16.26 26.53 -23.71
C ARG F 207 -14.81 26.19 -24.00
N LEU F 208 -14.06 25.90 -22.94
CA LEU F 208 -12.65 25.55 -23.05
C LEU F 208 -12.45 24.30 -23.91
N LEU F 209 -13.24 23.26 -23.65
CA LEU F 209 -13.13 22.01 -24.41
C LEU F 209 -13.47 22.22 -25.88
N ARG F 210 -14.49 23.02 -26.15
CA ARG F 210 -14.88 23.30 -27.51
C ARG F 210 -13.76 24.01 -28.26
N ASN F 211 -13.11 24.97 -27.61
CA ASN F 211 -12.00 25.68 -28.24
C ASN F 211 -10.78 24.79 -28.39
N LEU F 212 -10.78 23.66 -27.72
CA LEU F 212 -9.69 22.70 -27.80
C LEU F 212 -9.86 21.93 -29.11
N GLY F 213 -11.04 22.10 -29.71
CA GLY F 213 -11.37 21.44 -30.95
C GLY F 213 -12.21 20.19 -30.74
N ALA F 214 -12.70 19.99 -29.52
CA ALA F 214 -13.52 18.83 -29.21
C ALA F 214 -14.96 18.99 -29.68
N ASP F 215 -15.55 17.88 -30.12
CA ASP F 215 -16.94 17.86 -30.61
C ASP F 215 -17.91 17.20 -29.64
N ALA F 216 -17.40 16.27 -28.85
CA ALA F 216 -18.21 15.54 -27.88
C ALA F 216 -17.34 15.23 -26.66
N VAL F 217 -17.95 15.15 -25.48
CA VAL F 217 -17.21 14.88 -24.27
C VAL F 217 -17.78 13.70 -23.48
N GLY F 218 -16.89 12.89 -22.92
CA GLY F 218 -17.30 11.73 -22.15
C GLY F 218 -16.24 11.35 -21.14
N MET F 219 -16.46 10.24 -20.43
CA MET F 219 -15.51 9.79 -19.40
C MET F 219 -15.00 8.37 -19.66
N SER F 220 -14.92 7.95 -20.92
CA SER F 220 -14.47 6.59 -21.21
C SER F 220 -13.84 6.49 -22.59
N THR F 221 -13.88 5.27 -23.13
CA THR F 221 -13.43 4.96 -24.50
C THR F 221 -11.97 5.17 -24.92
N VAL F 222 -11.43 6.34 -24.62
CA VAL F 222 -10.05 6.65 -25.01
C VAL F 222 -9.01 5.64 -24.51
N PRO F 223 -9.10 5.20 -23.24
CA PRO F 223 -8.14 4.23 -22.72
C PRO F 223 -8.21 2.91 -23.50
N GLU F 224 -9.42 2.47 -23.83
CA GLU F 224 -9.60 1.23 -24.56
C GLU F 224 -9.02 1.32 -25.97
N VAL F 225 -9.17 2.47 -26.61
CA VAL F 225 -8.64 2.66 -27.95
C VAL F 225 -7.12 2.62 -27.96
N ILE F 226 -6.52 3.26 -26.96
CA ILE F 226 -5.07 3.30 -26.84
C ILE F 226 -4.48 1.88 -26.73
N VAL F 227 -5.08 1.07 -25.86
CA VAL F 227 -4.62 -0.30 -25.65
C VAL F 227 -4.87 -1.15 -26.91
N ALA F 228 -6.01 -0.92 -27.55
CA ALA F 228 -6.36 -1.66 -28.77
C ALA F 228 -5.34 -1.42 -29.87
N ARG F 229 -4.99 -0.15 -30.08
CA ARG F 229 -4.03 0.21 -31.11
C ARG F 229 -2.65 -0.33 -30.74
N HIS F 230 -2.30 -0.25 -29.46
CA HIS F 230 -1.01 -0.75 -29.01
C HIS F 230 -0.87 -2.24 -29.31
N CYS F 231 -1.93 -3.02 -29.14
CA CYS F 231 -1.82 -4.46 -29.41
C CYS F 231 -2.24 -4.86 -30.83
N GLY F 232 -2.33 -3.86 -31.71
CA GLY F 232 -2.65 -4.10 -33.11
C GLY F 232 -4.10 -4.28 -33.57
N LEU F 233 -5.06 -3.83 -32.79
CA LEU F 233 -6.44 -3.99 -33.18
C LEU F 233 -6.91 -2.84 -34.06
N ARG F 234 -7.76 -3.14 -35.03
CA ARG F 234 -8.32 -2.09 -35.87
C ARG F 234 -9.41 -1.52 -34.98
N VAL F 235 -9.61 -0.21 -35.04
CA VAL F 235 -10.63 0.44 -34.21
C VAL F 235 -11.53 1.43 -34.96
N PHE F 236 -12.78 1.49 -34.52
CA PHE F 236 -13.75 2.46 -35.04
C PHE F 236 -14.85 2.57 -33.99
N GLY F 237 -15.50 3.73 -33.93
CA GLY F 237 -16.53 3.89 -32.93
C GLY F 237 -17.43 5.08 -33.08
N PHE F 238 -18.43 5.16 -32.22
CA PHE F 238 -19.40 6.24 -32.27
C PHE F 238 -19.81 6.72 -30.89
N SER F 239 -20.23 7.97 -30.84
CA SER F 239 -20.74 8.58 -29.62
C SER F 239 -22.21 8.88 -29.90
N LEU F 240 -23.07 8.56 -28.94
CA LEU F 240 -24.48 8.86 -29.08
C LEU F 240 -24.60 10.16 -28.31
N ILE F 241 -25.02 11.23 -28.97
CA ILE F 241 -25.14 12.51 -28.28
C ILE F 241 -26.45 12.50 -27.51
N THR F 242 -26.37 12.25 -26.20
CA THR F 242 -27.55 12.18 -25.35
C THR F 242 -27.95 13.52 -24.76
N ASN F 243 -27.06 14.50 -24.82
CA ASN F 243 -27.35 15.81 -24.29
C ASN F 243 -26.43 16.86 -24.89
N LYS F 244 -26.92 18.10 -24.95
CA LYS F 244 -26.14 19.21 -25.45
C LYS F 244 -25.59 19.87 -24.20
N VAL F 245 -24.27 19.99 -24.09
CA VAL F 245 -23.67 20.58 -22.90
C VAL F 245 -24.11 22.04 -22.74
N ILE F 246 -24.16 22.51 -21.50
CA ILE F 246 -24.56 23.89 -21.24
C ILE F 246 -23.38 24.82 -21.52
N MET F 247 -23.52 25.61 -22.59
CA MET F 247 -22.49 26.55 -23.03
C MET F 247 -22.68 28.00 -22.57
N ASP F 248 -23.81 28.30 -21.93
CA ASP F 248 -24.09 29.65 -21.47
C ASP F 248 -24.57 29.67 -20.03
N TYR F 249 -24.46 30.82 -19.38
CA TYR F 249 -24.89 30.97 -18.00
C TYR F 249 -26.40 31.18 -17.87
N GLU F 250 -27.12 30.93 -18.97
CA GLU F 250 -28.58 31.06 -18.97
C GLU F 250 -29.18 29.78 -18.39
N GLN F 266 -35.58 4.15 -30.38
CA GLN F 266 -35.22 5.56 -30.40
C GLN F 266 -33.81 5.75 -30.97
N ALA F 267 -33.11 6.75 -30.46
CA ALA F 267 -31.76 7.04 -30.92
C ALA F 267 -30.88 5.83 -30.63
N ALA F 268 -31.02 5.28 -29.44
CA ALA F 268 -30.24 4.11 -29.03
C ALA F 268 -30.48 2.94 -29.99
N GLN F 269 -31.73 2.71 -30.37
CA GLN F 269 -32.04 1.62 -31.28
C GLN F 269 -31.44 1.89 -32.66
N LYS F 270 -31.42 3.16 -33.04
CA LYS F 270 -30.85 3.56 -34.32
C LYS F 270 -29.36 3.18 -34.33
N LEU F 271 -28.67 3.46 -33.23
CA LEU F 271 -27.25 3.15 -33.13
C LEU F 271 -27.05 1.64 -33.18
N GLU F 272 -27.93 0.91 -32.51
CA GLU F 272 -27.86 -0.54 -32.50
C GLU F 272 -27.96 -1.10 -33.91
N GLN F 273 -28.91 -0.57 -34.68
CA GLN F 273 -29.11 -1.00 -36.06
C GLN F 273 -27.86 -0.67 -36.88
N PHE F 274 -27.35 0.54 -36.66
CA PHE F 274 -26.17 1.04 -37.38
C PHE F 274 -24.97 0.13 -37.13
N VAL F 275 -24.69 -0.19 -35.88
CA VAL F 275 -23.56 -1.04 -35.55
C VAL F 275 -23.76 -2.43 -36.16
N SER F 276 -24.98 -2.93 -36.09
CA SER F 276 -25.29 -4.24 -36.64
C SER F 276 -25.01 -4.27 -38.15
N LEU F 277 -25.49 -3.26 -38.86
CA LEU F 277 -25.27 -3.20 -40.30
C LEU F 277 -23.77 -3.12 -40.64
N LEU F 278 -23.01 -2.37 -39.85
CA LEU F 278 -21.58 -2.21 -40.09
C LEU F 278 -20.75 -3.49 -39.90
N MET F 279 -21.33 -4.51 -39.28
CA MET F 279 -20.61 -5.76 -39.10
C MET F 279 -20.19 -6.26 -40.47
N ALA F 280 -21.05 -6.05 -41.46
CA ALA F 280 -20.79 -6.49 -42.82
C ALA F 280 -19.66 -5.70 -43.48
N SER F 281 -19.28 -4.58 -42.90
CA SER F 281 -18.22 -3.77 -43.48
C SER F 281 -16.84 -3.99 -42.86
N ILE F 282 -16.78 -4.75 -41.76
CA ILE F 282 -15.51 -5.02 -41.09
C ILE F 282 -14.71 -6.06 -41.86
N PRO F 283 -13.49 -5.69 -42.29
CA PRO F 283 -12.60 -6.57 -43.04
C PRO F 283 -12.42 -8.01 -42.52
N VAL F 284 -12.17 -8.92 -43.46
CA VAL F 284 -11.97 -10.34 -43.22
C VAL F 284 -13.28 -11.08 -43.00
CA CA G . -1.94 14.06 15.36
CA CA H . 20.01 14.78 10.06
N9 9PP I . -4.72 -8.27 29.96
C8 9PP I . -5.35 -8.26 31.19
N7 9PP I . -5.78 -9.49 31.48
C5 9PP I . -5.42 -10.31 30.42
C6 9PP I . -5.61 -11.74 30.18
N6 9PP I . -6.18 -12.55 30.94
N1 9PP I . -5.06 -12.18 28.94
C2 9PP I . -4.39 -11.33 28.02
N2 9PP I . -3.92 -11.87 26.85
N3 9PP I . -4.22 -10.00 28.25
C4 9PP I . -4.75 -9.56 29.46
C10 9PP I . -4.14 -7.19 29.31
C11 9PP I . -5.04 -5.95 29.20
C12 9PP I . -6.14 -6.21 28.18
O13 9PP I . -4.23 -4.82 28.76
P 9PP I . -2.58 -3.15 29.50
C14 9PP I . -3.73 -4.07 29.89
O2P 9PP I . -2.15 -2.37 30.69
O3P 9PP I . -1.43 -3.95 28.98
O1P 9PP I . -3.04 -2.20 28.44
CA CA J . -16.70 -11.24 -6.86
CA CA K . -6.26 -34.43 24.63
CA CA L . -25.12 2.70 8.99
N9 9PP M . -4.45 -30.82 7.43
C8 9PP M . -4.65 -32.17 7.23
N7 9PP M . -3.58 -32.85 7.64
C5 9PP M . -2.67 -31.92 8.12
C6 9PP M . -1.33 -32.08 8.70
N6 9PP M . -0.70 -33.15 8.88
N1 9PP M . -0.72 -30.85 9.07
C2 9PP M . -1.34 -29.58 8.92
N2 9PP M . -0.64 -28.48 9.32
N3 9PP M . -2.59 -29.44 8.37
C4 9PP M . -3.19 -30.64 8.00
C10 9PP M . -5.34 -29.80 7.13
C11 9PP M . -5.75 -29.74 5.63
C12 9PP M . -4.54 -29.39 4.79
O13 9PP M . -6.78 -28.72 5.46
P 9PP M . -9.14 -28.17 5.93
C14 9PP M . -8.11 -29.26 5.66
O2P 9PP M . -10.47 -28.80 6.10
O3P 9PP M . -8.79 -27.43 7.18
O1P 9PP M . -9.17 -27.21 4.79
CA CA N . 19.05 -4.05 -8.63
N9 9PP O . 22.64 -16.03 15.57
C8 9PP O . 23.88 -16.34 16.11
N7 9PP O . 23.77 -16.47 17.43
C5 9PP O . 22.44 -16.26 17.76
C6 9PP O . 21.72 -16.29 19.05
N6 9PP O . 22.20 -16.52 20.18
N1 9PP O . 20.33 -16.01 18.93
C2 9PP O . 19.68 -15.74 17.70
N2 9PP O . 18.34 -15.48 17.73
N3 9PP O . 20.34 -15.70 16.49
C4 9PP O . 21.70 -15.98 16.60
C10 9PP O . 22.35 -15.82 14.24
C11 9PP O . 23.18 -14.71 13.57
C12 9PP O . 22.72 -13.35 14.09
O13 9PP O . 22.98 -14.76 12.14
P 9PP O . 23.40 -16.04 10.10
C14 9PP O . 23.88 -15.67 11.50
O2P 9PP O . 24.41 -16.94 9.44
O3P 9PP O . 22.09 -16.78 10.18
O1P 9PP O . 23.24 -14.81 9.29
CA CA P . -5.82 13.58 14.69
N9 9PP Q . -2.12 31.43 -5.17
C8 9PP Q . -1.93 32.79 -4.99
N7 9PP Q . -1.31 33.30 -6.04
C5 9PP Q . -1.09 32.27 -6.94
C6 9PP Q . -0.44 32.23 -8.26
N6 9PP Q . 0.06 33.18 -8.89
N1 9PP Q . -0.44 30.93 -8.83
C2 9PP Q . -0.97 29.78 -8.21
N2 9PP Q . -0.90 28.60 -8.87
N3 9PP Q . -1.57 29.81 -6.98
C4 9PP Q . -1.59 31.08 -6.41
C10 9PP Q . -2.74 30.56 -4.31
C11 9PP Q . -2.04 30.42 -2.94
C12 9PP Q . -0.71 29.71 -3.12
O13 9PP Q . -2.90 29.64 -2.05
P 9PP Q . -5.10 29.62 -0.91
C14 9PP Q . -3.91 30.46 -1.41
O2P 9PP Q . -6.10 30.53 -0.25
O3P 9PP Q . -5.75 28.93 -2.07
O1P 9PP Q . -4.66 28.61 0.07
CA CA R . 20.03 -0.72 -6.73
N9 9PP S . 9.71 12.27 -27.85
C8 9PP S . 10.35 12.27 -29.07
N7 9PP S . 9.47 12.50 -30.03
C5 9PP S . 8.23 12.66 -29.43
C6 9PP S . 6.89 12.93 -29.97
N6 9PP S . 6.58 13.09 -31.18
N1 9PP S . 5.89 13.01 -28.97
C2 9PP S . 6.12 12.86 -27.59
N2 9PP S . 5.07 12.96 -26.75
N3 9PP S . 7.37 12.60 -27.08
C4 9PP S . 8.36 12.51 -28.05
C10 9PP S . 10.30 12.08 -26.61
C11 9PP S . 11.06 10.75 -26.46
C12 9PP S . 10.05 9.59 -26.42
O13 9PP S . 11.80 10.77 -25.22
P 9PP S . 13.73 11.77 -24.08
C14 9PP S . 13.13 11.31 -25.41
O2P 9PP S . 15.09 12.36 -24.31
O3P 9PP S . 12.85 12.79 -23.43
O1P 9PP S . 13.87 10.61 -23.16
CA CA T . -14.34 -12.33 -9.83
CA CA U . -15.67 19.36 -35.08
N9 9PP V . -21.42 11.41 -20.75
C8 9PP V . -22.69 11.64 -21.27
N7 9PP V . -22.94 12.94 -21.27
C5 9PP V . -21.83 13.57 -20.73
C6 9PP V . -21.53 14.99 -20.47
N6 9PP V . -22.27 15.97 -20.70
N1 9PP V . -20.25 15.20 -19.90
C2 9PP V . -19.34 14.19 -19.60
N2 9PP V . -18.13 14.53 -19.05
N3 9PP V . -19.60 12.85 -19.83
C4 9PP V . -20.86 12.63 -20.40
C10 9PP V . -20.80 10.18 -20.60
C11 9PP V . -21.61 9.14 -19.81
C12 9PP V . -21.69 9.55 -18.35
O13 9PP V . -20.93 7.85 -19.89
P 9PP V . -20.41 5.99 -21.39
C14 9PP V . -21.39 7.09 -21.03
O2P 9PP V . -20.94 5.24 -22.58
O3P 9PP V . -19.07 6.56 -21.71
O1P 9PP V . -20.27 5.03 -20.25
#